data_1JK2
# 
_entry.id   1JK2 
# 
_audit_conform.dict_name       mmcif_pdbx.dic 
_audit_conform.dict_version    5.389 
_audit_conform.dict_location   http://mmcif.pdb.org/dictionaries/ascii/mmcif_pdbx.dic 
# 
loop_
_database_2.database_id 
_database_2.database_code 
_database_2.pdbx_database_accession 
_database_2.pdbx_DOI 
PDB   1JK2         pdb_00001jk2 10.2210/pdb1jk2/pdb 
NDB   PD0231       ?            ?                   
RCSB  RCSB013865   ?            ?                   
WWPDB D_1000013865 ?            ?                   
# 
loop_
_pdbx_audit_revision_history.ordinal 
_pdbx_audit_revision_history.data_content_type 
_pdbx_audit_revision_history.major_revision 
_pdbx_audit_revision_history.minor_revision 
_pdbx_audit_revision_history.revision_date 
1 'Structure model' 1 0 2001-10-19 
2 'Structure model' 1 1 2008-04-27 
3 'Structure model' 1 2 2011-07-13 
4 'Structure model' 1 3 2021-10-27 
5 'Structure model' 1 4 2024-02-07 
6 'Structure model' 1 5 2024-04-03 
# 
_pdbx_audit_revision_details.ordinal             1 
_pdbx_audit_revision_details.revision_ordinal    1 
_pdbx_audit_revision_details.data_content_type   'Structure model' 
_pdbx_audit_revision_details.provider            repository 
_pdbx_audit_revision_details.type                'Initial release' 
_pdbx_audit_revision_details.description         ? 
_pdbx_audit_revision_details.details             ? 
# 
loop_
_pdbx_audit_revision_group.ordinal 
_pdbx_audit_revision_group.revision_ordinal 
_pdbx_audit_revision_group.data_content_type 
_pdbx_audit_revision_group.group 
1 2 'Structure model' 'Version format compliance' 
2 3 'Structure model' 'Version format compliance' 
3 4 'Structure model' 'Database references'       
4 4 'Structure model' 'Derived calculations'      
5 5 'Structure model' 'Data collection'           
6 6 'Structure model' 'Refinement description'    
# 
loop_
_pdbx_audit_revision_category.ordinal 
_pdbx_audit_revision_category.revision_ordinal 
_pdbx_audit_revision_category.data_content_type 
_pdbx_audit_revision_category.category 
1 4 'Structure model' database_2                    
2 4 'Structure model' struct_conn                   
3 4 'Structure model' struct_ref_seq_dif            
4 4 'Structure model' struct_site                   
5 5 'Structure model' chem_comp_atom                
6 5 'Structure model' chem_comp_bond                
7 6 'Structure model' pdbx_initial_refinement_model 
# 
loop_
_pdbx_audit_revision_item.ordinal 
_pdbx_audit_revision_item.revision_ordinal 
_pdbx_audit_revision_item.data_content_type 
_pdbx_audit_revision_item.item 
1  4 'Structure model' '_database_2.pdbx_DOI'                
2  4 'Structure model' '_database_2.pdbx_database_accession' 
3  4 'Structure model' '_struct_conn.ptnr1_auth_comp_id'     
4  4 'Structure model' '_struct_conn.ptnr1_auth_seq_id'      
5  4 'Structure model' '_struct_conn.ptnr1_label_asym_id'    
6  4 'Structure model' '_struct_conn.ptnr1_label_atom_id'    
7  4 'Structure model' '_struct_conn.ptnr1_label_comp_id'    
8  4 'Structure model' '_struct_conn.ptnr1_label_seq_id'     
9  4 'Structure model' '_struct_conn.ptnr2_auth_comp_id'     
10 4 'Structure model' '_struct_conn.ptnr2_auth_seq_id'      
11 4 'Structure model' '_struct_conn.ptnr2_label_asym_id'    
12 4 'Structure model' '_struct_conn.ptnr2_label_atom_id'    
13 4 'Structure model' '_struct_conn.ptnr2_label_comp_id'    
14 4 'Structure model' '_struct_conn.ptnr2_label_seq_id'     
15 4 'Structure model' '_struct_ref_seq_dif.details'         
16 4 'Structure model' '_struct_site.pdbx_auth_asym_id'      
17 4 'Structure model' '_struct_site.pdbx_auth_comp_id'      
18 4 'Structure model' '_struct_site.pdbx_auth_seq_id'       
# 
_pdbx_database_status.status_code                     REL 
_pdbx_database_status.entry_id                        1JK2 
_pdbx_database_status.recvd_initial_deposition_date   2001-07-11 
_pdbx_database_status.deposit_site                    RCSB 
_pdbx_database_status.process_site                    RCSB 
_pdbx_database_status.SG_entry                        . 
_pdbx_database_status.pdb_format_compatible           Y 
_pdbx_database_status.status_code_mr                  ? 
_pdbx_database_status.status_code_sf                  ? 
_pdbx_database_status.status_code_cs                  ? 
_pdbx_database_status.status_code_nmr_data            ? 
_pdbx_database_status.methods_development_category    ? 
# 
loop_
_pdbx_database_related.db_name 
_pdbx_database_related.db_id 
_pdbx_database_related.details 
_pdbx_database_related.content_type 
PDB 1AAY 'WT ZIF268-DNA COPMLEX'                   unspecified 
PDB 1JK1 'Zif268 D20A Mutant bound to wt DNA site' unspecified 
# 
loop_
_audit_author.name 
_audit_author.pdbx_ordinal 
'Miller, J.C.' 1 
'Pabo, C.O.'   2 
# 
loop_
_citation.id 
_citation.title 
_citation.journal_abbrev 
_citation.journal_volume 
_citation.page_first 
_citation.page_last 
_citation.year 
_citation.journal_id_ASTM 
_citation.country 
_citation.journal_id_ISSN 
_citation.journal_id_CSD 
_citation.book_publisher 
_citation.pdbx_database_id_PubMed 
_citation.pdbx_database_id_DOI 
primary 'Rearrangement of side-chains in a Zif268 mutant highlights the complexities of zinc finger-DNA recognition.' J.Mol.Biol.  
313 309   315   2001 JMOBAK UK 0022-2836 0070 ? 11800559 10.1006/jmbi.2001.4975          
1       'Zif268 Protein-DNA Complex Refined at 1.6 A: A Model System for Understanding Zinc Finger-DNA Interactions' Structure    
4   1171  1180  1996 STRUE6 UK 0969-2126 2005 ? ?        '10.1016/S0969-2126(96)00125-6' 
2       
;Binding Studies with Mutants of Zif268. Contribution of Individual Side Chains to Binding Affinity and Specificity in the Zif268 Zinc Finger-DNA Complex
;
J.Biol.Chem. 274 19281 19285 1999 JBCHA3 US 0021-9258 0071 ? ?        10.1074/jbc.274.27.19281        
# 
loop_
_citation_author.citation_id 
_citation_author.name 
_citation_author.ordinal 
_citation_author.identifier_ORCID 
primary 'Miller, J.C.'       1 ? 
primary 'Pabo, C.O.'         2 ? 
1       'Elrod-Erickson, M.' 3 ? 
1       'Rould, M.A.'        4 ? 
1       'Nekludova, L.'      5 ? 
1       'Pabo, C.O.'         6 ? 
2       'Elrod-Erickson, M.' 7 ? 
2       'Pabo, C.O.'         8 ? 
# 
loop_
_entity.id 
_entity.type 
_entity.src_method 
_entity.pdbx_description 
_entity.formula_weight 
_entity.pdbx_number_of_molecules 
_entity.pdbx_ec 
_entity.pdbx_mutation 
_entity.pdbx_fragment 
_entity.details 
1 polymer     syn "5'-D(*AP*GP*CP*GP*TP*GP*GP*GP*CP*TP*G)-3'" 3430.233  1   ? ?     ?                                 ? 
2 polymer     syn "5'-D(*TP*CP*AP*GP*CP*CP*CP*AP*CP*GP*C)-3'" 3279.151  1   ? ?     ?                                 ? 
3 polymer     man ZIF268                                      10809.488 1   ? D120A 'ZINC FINGERS (Residues 333-421)' ? 
4 non-polymer syn 'ZINC ION'                                  65.409    3   ? ?     ?                                 ? 
5 water       nat water                                       18.015    145 ? ?     ?                                 ? 
# 
_entity_name_com.entity_id   3 
_entity_name_com.name        'EARLY GROWTH RESPONSE PROTEIN 1' 
# 
loop_
_entity_poly.entity_id 
_entity_poly.type 
_entity_poly.nstd_linkage 
_entity_poly.nstd_monomer 
_entity_poly.pdbx_seq_one_letter_code 
_entity_poly.pdbx_seq_one_letter_code_can 
_entity_poly.pdbx_strand_id 
_entity_poly.pdbx_target_identifier 
1 polydeoxyribonucleotide no no '(DA)(DG)(DC)(DG)(DT)(DG)(DG)(DG)(DC)(DT)(DG)'                                                
AGCGTGGGCTG                                                                                   B ? 
2 polydeoxyribonucleotide no no '(DT)(DC)(DA)(DG)(DC)(DC)(DC)(DA)(DC)(DG)(DC)'                                                
TCAGCCCACGC                                                                                   C ? 
3 'polypeptide(L)'        no no 
;MERPYACPVESCDRRFSRSAELTRHIRIHTGQKPFQCRICMRNFSRSDHLTTHIRTHTGEKPFACDICGRKFARSDERKR
HTKIHLRQKD
;
;MERPYACPVESCDRRFSRSAELTRHIRIHTGQKPFQCRICMRNFSRSDHLTTHIRTHTGEKPFACDICGRKFARSDERKR
HTKIHLRQKD
;
A ? 
# 
loop_
_pdbx_entity_nonpoly.entity_id 
_pdbx_entity_nonpoly.name 
_pdbx_entity_nonpoly.comp_id 
4 'ZINC ION' ZN  
5 water      HOH 
# 
loop_
_entity_poly_seq.entity_id 
_entity_poly_seq.num 
_entity_poly_seq.mon_id 
_entity_poly_seq.hetero 
1 1  DA  n 
1 2  DG  n 
1 3  DC  n 
1 4  DG  n 
1 5  DT  n 
1 6  DG  n 
1 7  DG  n 
1 8  DG  n 
1 9  DC  n 
1 10 DT  n 
1 11 DG  n 
2 1  DT  n 
2 2  DC  n 
2 3  DA  n 
2 4  DG  n 
2 5  DC  n 
2 6  DC  n 
2 7  DC  n 
2 8  DA  n 
2 9  DC  n 
2 10 DG  n 
2 11 DC  n 
3 1  MET n 
3 2  GLU n 
3 3  ARG n 
3 4  PRO n 
3 5  TYR n 
3 6  ALA n 
3 7  CYS n 
3 8  PRO n 
3 9  VAL n 
3 10 GLU n 
3 11 SER n 
3 12 CYS n 
3 13 ASP n 
3 14 ARG n 
3 15 ARG n 
3 16 PHE n 
3 17 SER n 
3 18 ARG n 
3 19 SER n 
3 20 ALA n 
3 21 GLU n 
3 22 LEU n 
3 23 THR n 
3 24 ARG n 
3 25 HIS n 
3 26 ILE n 
3 27 ARG n 
3 28 ILE n 
3 29 HIS n 
3 30 THR n 
3 31 GLY n 
3 32 GLN n 
3 33 LYS n 
3 34 PRO n 
3 35 PHE n 
3 36 GLN n 
3 37 CYS n 
3 38 ARG n 
3 39 ILE n 
3 40 CYS n 
3 41 MET n 
3 42 ARG n 
3 43 ASN n 
3 44 PHE n 
3 45 SER n 
3 46 ARG n 
3 47 SER n 
3 48 ASP n 
3 49 HIS n 
3 50 LEU n 
3 51 THR n 
3 52 THR n 
3 53 HIS n 
3 54 ILE n 
3 55 ARG n 
3 56 THR n 
3 57 HIS n 
3 58 THR n 
3 59 GLY n 
3 60 GLU n 
3 61 LYS n 
3 62 PRO n 
3 63 PHE n 
3 64 ALA n 
3 65 CYS n 
3 66 ASP n 
3 67 ILE n 
3 68 CYS n 
3 69 GLY n 
3 70 ARG n 
3 71 LYS n 
3 72 PHE n 
3 73 ALA n 
3 74 ARG n 
3 75 SER n 
3 76 ASP n 
3 77 GLU n 
3 78 ARG n 
3 79 LYS n 
3 80 ARG n 
3 81 HIS n 
3 82 THR n 
3 83 LYS n 
3 84 ILE n 
3 85 HIS n 
3 86 LEU n 
3 87 ARG n 
3 88 GLN n 
3 89 LYS n 
3 90 ASP n 
# 
_entity_src_gen.entity_id                          3 
_entity_src_gen.pdbx_src_id                        1 
_entity_src_gen.pdbx_alt_source_flag               sample 
_entity_src_gen.pdbx_seq_type                      ? 
_entity_src_gen.pdbx_beg_seq_num                   ? 
_entity_src_gen.pdbx_end_seq_num                   ? 
_entity_src_gen.gene_src_common_name               'house mouse' 
_entity_src_gen.gene_src_genus                     Mus 
_entity_src_gen.pdbx_gene_src_gene                 ? 
_entity_src_gen.gene_src_species                   ? 
_entity_src_gen.gene_src_strain                    ? 
_entity_src_gen.gene_src_tissue                    ? 
_entity_src_gen.gene_src_tissue_fraction           ? 
_entity_src_gen.gene_src_details                   ? 
_entity_src_gen.pdbx_gene_src_fragment             ? 
_entity_src_gen.pdbx_gene_src_scientific_name      'Mus musculus' 
_entity_src_gen.pdbx_gene_src_ncbi_taxonomy_id     10090 
_entity_src_gen.pdbx_gene_src_variant              ? 
_entity_src_gen.pdbx_gene_src_cell_line            ? 
_entity_src_gen.pdbx_gene_src_atcc                 ? 
_entity_src_gen.pdbx_gene_src_organ                ? 
_entity_src_gen.pdbx_gene_src_organelle            ? 
_entity_src_gen.pdbx_gene_src_cell                 ? 
_entity_src_gen.pdbx_gene_src_cellular_location    ? 
_entity_src_gen.host_org_common_name               ? 
_entity_src_gen.pdbx_host_org_scientific_name      'Escherichia coli BL21(DE3)' 
_entity_src_gen.pdbx_host_org_ncbi_taxonomy_id     469008 
_entity_src_gen.host_org_genus                     Escherichia 
_entity_src_gen.pdbx_host_org_gene                 ? 
_entity_src_gen.pdbx_host_org_organ                ? 
_entity_src_gen.host_org_species                   'Escherichia coli' 
_entity_src_gen.pdbx_host_org_tissue               ? 
_entity_src_gen.pdbx_host_org_tissue_fraction      ? 
_entity_src_gen.pdbx_host_org_strain               'BL21 (DE3)' 
_entity_src_gen.pdbx_host_org_variant              ? 
_entity_src_gen.pdbx_host_org_cell_line            ? 
_entity_src_gen.pdbx_host_org_atcc                 ? 
_entity_src_gen.pdbx_host_org_culture_collection   ? 
_entity_src_gen.pdbx_host_org_cell                 ? 
_entity_src_gen.pdbx_host_org_organelle            ? 
_entity_src_gen.pdbx_host_org_cellular_location    ? 
_entity_src_gen.pdbx_host_org_vector_type          plasmid 
_entity_src_gen.pdbx_host_org_vector               ? 
_entity_src_gen.host_org_details                   ? 
_entity_src_gen.expression_system_id               ? 
_entity_src_gen.plasmid_name                       pZifD20A 
_entity_src_gen.plasmid_details                    ? 
_entity_src_gen.pdbx_description                   ? 
# 
loop_
_chem_comp.id 
_chem_comp.type 
_chem_comp.mon_nstd_flag 
_chem_comp.name 
_chem_comp.pdbx_synonyms 
_chem_comp.formula 
_chem_comp.formula_weight 
ALA 'L-peptide linking' y ALANINE                              ? 'C3 H7 N O2'      89.093  
ARG 'L-peptide linking' y ARGININE                             ? 'C6 H15 N4 O2 1'  175.209 
ASN 'L-peptide linking' y ASPARAGINE                           ? 'C4 H8 N2 O3'     132.118 
ASP 'L-peptide linking' y 'ASPARTIC ACID'                      ? 'C4 H7 N O4'      133.103 
CYS 'L-peptide linking' y CYSTEINE                             ? 'C3 H7 N O2 S'    121.158 
DA  'DNA linking'       y "2'-DEOXYADENOSINE-5'-MONOPHOSPHATE" ? 'C10 H14 N5 O6 P' 331.222 
DC  'DNA linking'       y "2'-DEOXYCYTIDINE-5'-MONOPHOSPHATE"  ? 'C9 H14 N3 O7 P'  307.197 
DG  'DNA linking'       y "2'-DEOXYGUANOSINE-5'-MONOPHOSPHATE" ? 'C10 H14 N5 O7 P' 347.221 
DT  'DNA linking'       y "THYMIDINE-5'-MONOPHOSPHATE"         ? 'C10 H15 N2 O8 P' 322.208 
GLN 'L-peptide linking' y GLUTAMINE                            ? 'C5 H10 N2 O3'    146.144 
GLU 'L-peptide linking' y 'GLUTAMIC ACID'                      ? 'C5 H9 N O4'      147.129 
GLY 'peptide linking'   y GLYCINE                              ? 'C2 H5 N O2'      75.067  
HIS 'L-peptide linking' y HISTIDINE                            ? 'C6 H10 N3 O2 1'  156.162 
HOH non-polymer         . WATER                                ? 'H2 O'            18.015  
ILE 'L-peptide linking' y ISOLEUCINE                           ? 'C6 H13 N O2'     131.173 
LEU 'L-peptide linking' y LEUCINE                              ? 'C6 H13 N O2'     131.173 
LYS 'L-peptide linking' y LYSINE                               ? 'C6 H15 N2 O2 1'  147.195 
MET 'L-peptide linking' y METHIONINE                           ? 'C5 H11 N O2 S'   149.211 
PHE 'L-peptide linking' y PHENYLALANINE                        ? 'C9 H11 N O2'     165.189 
PRO 'L-peptide linking' y PROLINE                              ? 'C5 H9 N O2'      115.130 
SER 'L-peptide linking' y SERINE                               ? 'C3 H7 N O3'      105.093 
THR 'L-peptide linking' y THREONINE                            ? 'C4 H9 N O3'      119.119 
TYR 'L-peptide linking' y TYROSINE                             ? 'C9 H11 N O3'     181.189 
VAL 'L-peptide linking' y VALINE                               ? 'C5 H11 N O2'     117.146 
ZN  non-polymer         . 'ZINC ION'                           ? 'Zn 2'            65.409  
# 
loop_
_pdbx_poly_seq_scheme.asym_id 
_pdbx_poly_seq_scheme.entity_id 
_pdbx_poly_seq_scheme.seq_id 
_pdbx_poly_seq_scheme.mon_id 
_pdbx_poly_seq_scheme.ndb_seq_num 
_pdbx_poly_seq_scheme.pdb_seq_num 
_pdbx_poly_seq_scheme.auth_seq_num 
_pdbx_poly_seq_scheme.pdb_mon_id 
_pdbx_poly_seq_scheme.auth_mon_id 
_pdbx_poly_seq_scheme.pdb_strand_id 
_pdbx_poly_seq_scheme.pdb_ins_code 
_pdbx_poly_seq_scheme.hetero 
A 1 1  DA  1  1   1   DA  A   B . n 
A 1 2  DG  2  2   2   DG  G   B . n 
A 1 3  DC  3  3   3   DC  C   B . n 
A 1 4  DG  4  4   4   DG  G   B . n 
A 1 5  DT  5  5   5   DT  T   B . n 
A 1 6  DG  6  6   6   DG  G   B . n 
A 1 7  DG  7  7   7   DG  G   B . n 
A 1 8  DG  8  8   8   DG  G   B . n 
A 1 9  DC  9  9   9   DC  C   B . n 
A 1 10 DT  10 10  10  DT  T   B . n 
A 1 11 DG  11 11  11  DG  G   B . n 
B 2 1  DT  1  51  51  DT  T   C . n 
B 2 2  DC  2  52  52  DC  C   C . n 
B 2 3  DA  3  53  53  DA  A   C . n 
B 2 4  DG  4  54  54  DG  G   C . n 
B 2 5  DC  5  55  55  DC  C   C . n 
B 2 6  DC  6  56  56  DC  C   C . n 
B 2 7  DC  7  57  57  DC  C   C . n 
B 2 8  DA  8  58  58  DA  A   C . n 
B 2 9  DC  9  59  59  DC  C   C . n 
B 2 10 DG  10 60  60  DG  G   C . n 
B 2 11 DC  11 61  61  DC  C   C . n 
C 3 1  MET 1  101 ?   ?   ?   A . n 
C 3 2  GLU 2  102 ?   ?   ?   A . n 
C 3 3  ARG 3  103 103 ARG ARG A . n 
C 3 4  PRO 4  104 104 PRO PRO A . n 
C 3 5  TYR 5  105 105 TYR TYR A . n 
C 3 6  ALA 6  106 106 ALA ALA A . n 
C 3 7  CYS 7  107 107 CYS CYS A . n 
C 3 8  PRO 8  108 108 PRO PRO A . n 
C 3 9  VAL 9  109 109 VAL VAL A . n 
C 3 10 GLU 10 110 110 GLU GLU A . n 
C 3 11 SER 11 111 111 SER SER A . n 
C 3 12 CYS 12 112 112 CYS CYS A . n 
C 3 13 ASP 13 113 113 ASP ASP A . n 
C 3 14 ARG 14 114 114 ARG ARG A . n 
C 3 15 ARG 15 115 115 ARG ARG A . n 
C 3 16 PHE 16 116 116 PHE PHE A . n 
C 3 17 SER 17 117 117 SER SER A . n 
C 3 18 ARG 18 118 118 ARG ARG A . n 
C 3 19 SER 19 119 119 SER SER A . n 
C 3 20 ALA 20 120 120 ALA ALA A . n 
C 3 21 GLU 21 121 121 GLU GLU A . n 
C 3 22 LEU 22 122 122 LEU LEU A . n 
C 3 23 THR 23 123 123 THR THR A . n 
C 3 24 ARG 24 124 124 ARG ARG A . n 
C 3 25 HIS 25 125 125 HIS HIS A . n 
C 3 26 ILE 26 126 126 ILE ILE A . n 
C 3 27 ARG 27 127 127 ARG ARG A . n 
C 3 28 ILE 28 128 128 ILE ILE A . n 
C 3 29 HIS 29 129 129 HIS HIS A . n 
C 3 30 THR 30 130 130 THR THR A . n 
C 3 31 GLY 31 131 131 GLY GLY A . n 
C 3 32 GLN 32 132 132 GLN GLN A . n 
C 3 33 LYS 33 133 133 LYS LYS A . n 
C 3 34 PRO 34 134 134 PRO PRO A . n 
C 3 35 PHE 35 135 135 PHE PHE A . n 
C 3 36 GLN 36 136 136 GLN GLN A . n 
C 3 37 CYS 37 137 137 CYS CYS A . n 
C 3 38 ARG 38 138 138 ARG ARG A . n 
C 3 39 ILE 39 139 139 ILE ILE A . n 
C 3 40 CYS 40 140 140 CYS CYS A . n 
C 3 41 MET 41 141 141 MET MET A . n 
C 3 42 ARG 42 142 142 ARG ARG A . n 
C 3 43 ASN 43 143 143 ASN ASN A . n 
C 3 44 PHE 44 144 144 PHE PHE A . n 
C 3 45 SER 45 145 145 SER SER A . n 
C 3 46 ARG 46 146 146 ARG ARG A . n 
C 3 47 SER 47 147 147 SER SER A . n 
C 3 48 ASP 48 148 148 ASP ASP A . n 
C 3 49 HIS 49 149 149 HIS HIS A . n 
C 3 50 LEU 50 150 150 LEU LEU A . n 
C 3 51 THR 51 151 151 THR THR A . n 
C 3 52 THR 52 152 152 THR THR A . n 
C 3 53 HIS 53 153 153 HIS HIS A . n 
C 3 54 ILE 54 154 154 ILE ILE A . n 
C 3 55 ARG 55 155 155 ARG ARG A . n 
C 3 56 THR 56 156 156 THR THR A . n 
C 3 57 HIS 57 157 157 HIS HIS A . n 
C 3 58 THR 58 158 158 THR THR A . n 
C 3 59 GLY 59 159 159 GLY GLY A . n 
C 3 60 GLU 60 160 160 GLU GLU A . n 
C 3 61 LYS 61 161 161 LYS LYS A . n 
C 3 62 PRO 62 162 162 PRO PRO A . n 
C 3 63 PHE 63 163 163 PHE PHE A . n 
C 3 64 ALA 64 164 164 ALA ALA A . n 
C 3 65 CYS 65 165 165 CYS CYS A . n 
C 3 66 ASP 66 166 166 ASP ASP A . n 
C 3 67 ILE 67 167 167 ILE ILE A . n 
C 3 68 CYS 68 168 168 CYS CYS A . n 
C 3 69 GLY 69 169 169 GLY GLY A . n 
C 3 70 ARG 70 170 170 ARG ARG A . n 
C 3 71 LYS 71 171 171 LYS LYS A . n 
C 3 72 PHE 72 172 172 PHE PHE A . n 
C 3 73 ALA 73 173 173 ALA ALA A . n 
C 3 74 ARG 74 174 174 ARG ARG A . n 
C 3 75 SER 75 175 175 SER SER A . n 
C 3 76 ASP 76 176 176 ASP ASP A . n 
C 3 77 GLU 77 177 177 GLU GLU A . n 
C 3 78 ARG 78 178 178 ARG ARG A . n 
C 3 79 LYS 79 179 179 LYS LYS A . n 
C 3 80 ARG 80 180 180 ARG ARG A . n 
C 3 81 HIS 81 181 181 HIS HIS A . n 
C 3 82 THR 82 182 182 THR THR A . n 
C 3 83 LYS 83 183 183 LYS LYS A . n 
C 3 84 ILE 84 184 184 ILE ILE A . n 
C 3 85 HIS 85 185 185 HIS HIS A . n 
C 3 86 LEU 86 186 186 LEU LEU A . n 
C 3 87 ARG 87 187 187 ARG ARG A . n 
C 3 88 GLN 88 188 ?   ?   ?   A . n 
C 3 89 LYS 89 189 ?   ?   ?   A . n 
C 3 90 ASP 90 190 ?   ?   ?   A . n 
# 
loop_
_pdbx_nonpoly_scheme.asym_id 
_pdbx_nonpoly_scheme.entity_id 
_pdbx_nonpoly_scheme.mon_id 
_pdbx_nonpoly_scheme.ndb_seq_num 
_pdbx_nonpoly_scheme.pdb_seq_num 
_pdbx_nonpoly_scheme.auth_seq_num 
_pdbx_nonpoly_scheme.pdb_mon_id 
_pdbx_nonpoly_scheme.auth_mon_id 
_pdbx_nonpoly_scheme.pdb_strand_id 
_pdbx_nonpoly_scheme.pdb_ins_code 
D 4 ZN  1  201 201 ZN  ZN  A . 
E 4 ZN  1  202 202 ZN  ZN  A . 
F 4 ZN  1  203 203 ZN  ZN  A . 
G 5 HOH 1  303 303 HOH HOH B . 
G 5 HOH 2  308 308 HOH HOH B . 
G 5 HOH 3  312 312 HOH HOH B . 
G 5 HOH 4  317 317 HOH HOH B . 
G 5 HOH 5  324 324 HOH HOH B . 
G 5 HOH 6  330 330 HOH HOH B . 
G 5 HOH 7  332 332 HOH HOH B . 
G 5 HOH 8  342 342 HOH HOH B . 
G 5 HOH 9  343 343 HOH HOH B . 
G 5 HOH 10 344 344 HOH HOH B . 
G 5 HOH 11 346 346 HOH HOH B . 
G 5 HOH 12 350 350 HOH HOH B . 
G 5 HOH 13 352 352 HOH HOH B . 
G 5 HOH 14 356 356 HOH HOH B . 
G 5 HOH 15 359 359 HOH HOH B . 
G 5 HOH 16 360 360 HOH HOH B . 
G 5 HOH 17 365 365 HOH HOH B . 
G 5 HOH 18 367 367 HOH HOH B . 
G 5 HOH 19 370 370 HOH HOH B . 
G 5 HOH 20 372 372 HOH HOH B . 
G 5 HOH 21 388 388 HOH HOH B . 
G 5 HOH 22 390 390 HOH HOH B . 
G 5 HOH 23 391 391 HOH HOH B . 
G 5 HOH 24 395 395 HOH HOH B . 
G 5 HOH 25 404 404 HOH HOH B . 
G 5 HOH 26 409 409 HOH HOH B . 
G 5 HOH 27 411 411 HOH HOH B . 
G 5 HOH 28 414 414 HOH HOH B . 
G 5 HOH 29 415 415 HOH HOH B . 
G 5 HOH 30 418 418 HOH HOH B . 
G 5 HOH 31 423 423 HOH HOH B . 
G 5 HOH 32 429 429 HOH HOH B . 
G 5 HOH 33 438 438 HOH HOH B . 
H 5 HOH 1  319 319 HOH HOH C . 
H 5 HOH 2  321 321 HOH HOH C . 
H 5 HOH 3  326 326 HOH HOH C . 
H 5 HOH 4  333 333 HOH HOH C . 
H 5 HOH 5  338 338 HOH HOH C . 
H 5 HOH 6  339 339 HOH HOH C . 
H 5 HOH 7  340 340 HOH HOH C . 
H 5 HOH 8  345 345 HOH HOH C . 
H 5 HOH 9  347 347 HOH HOH C . 
H 5 HOH 10 348 348 HOH HOH C . 
H 5 HOH 11 351 351 HOH HOH C . 
H 5 HOH 12 361 361 HOH HOH C . 
H 5 HOH 13 366 366 HOH HOH C . 
H 5 HOH 14 371 371 HOH HOH C . 
H 5 HOH 15 373 373 HOH HOH C . 
H 5 HOH 16 375 375 HOH HOH C . 
H 5 HOH 17 376 376 HOH HOH C . 
H 5 HOH 18 378 378 HOH HOH C . 
H 5 HOH 19 381 381 HOH HOH C . 
H 5 HOH 20 384 384 HOH HOH C . 
H 5 HOH 21 385 385 HOH HOH C . 
H 5 HOH 22 389 389 HOH HOH C . 
H 5 HOH 23 398 398 HOH HOH C . 
H 5 HOH 24 399 399 HOH HOH C . 
H 5 HOH 25 403 403 HOH HOH C . 
H 5 HOH 26 405 405 HOH HOH C . 
H 5 HOH 27 420 420 HOH HOH C . 
H 5 HOH 28 424 424 HOH HOH C . 
H 5 HOH 29 426 426 HOH HOH C . 
H 5 HOH 30 432 432 HOH HOH C . 
H 5 HOH 31 433 433 HOH HOH C . 
H 5 HOH 32 434 434 HOH HOH C . 
H 5 HOH 33 439 439 HOH HOH C . 
H 5 HOH 34 443 443 HOH HOH C . 
I 5 HOH 1  301 301 HOH HOH A . 
I 5 HOH 2  302 302 HOH HOH A . 
I 5 HOH 3  304 304 HOH HOH A . 
I 5 HOH 4  305 305 HOH HOH A . 
I 5 HOH 5  306 306 HOH HOH A . 
I 5 HOH 6  307 307 HOH HOH A . 
I 5 HOH 7  309 309 HOH HOH A . 
I 5 HOH 8  310 310 HOH HOH A . 
I 5 HOH 9  311 311 HOH HOH A . 
I 5 HOH 10 313 313 HOH HOH A . 
I 5 HOH 11 314 314 HOH HOH A . 
I 5 HOH 12 315 315 HOH HOH A . 
I 5 HOH 13 316 316 HOH HOH A . 
I 5 HOH 14 318 318 HOH HOH A . 
I 5 HOH 15 320 320 HOH HOH A . 
I 5 HOH 16 322 322 HOH HOH A . 
I 5 HOH 17 323 323 HOH HOH A . 
I 5 HOH 18 325 325 HOH HOH A . 
I 5 HOH 19 327 327 HOH HOH A . 
I 5 HOH 20 328 328 HOH HOH A . 
I 5 HOH 21 329 329 HOH HOH A . 
I 5 HOH 22 331 331 HOH HOH A . 
I 5 HOH 23 334 334 HOH HOH A . 
I 5 HOH 24 335 335 HOH HOH A . 
I 5 HOH 25 336 336 HOH HOH A . 
I 5 HOH 26 337 337 HOH HOH A . 
I 5 HOH 27 341 341 HOH HOH A . 
I 5 HOH 28 349 349 HOH HOH A . 
I 5 HOH 29 353 353 HOH HOH A . 
I 5 HOH 30 354 354 HOH HOH A . 
I 5 HOH 31 355 355 HOH HOH A . 
I 5 HOH 32 357 357 HOH HOH A . 
I 5 HOH 33 358 358 HOH HOH A . 
I 5 HOH 34 362 362 HOH HOH A . 
I 5 HOH 35 363 363 HOH HOH A . 
I 5 HOH 36 364 364 HOH HOH A . 
I 5 HOH 37 368 368 HOH HOH A . 
I 5 HOH 38 369 369 HOH HOH A . 
I 5 HOH 39 374 374 HOH HOH A . 
I 5 HOH 40 377 377 HOH HOH A . 
I 5 HOH 41 379 379 HOH HOH A . 
I 5 HOH 42 380 380 HOH HOH A . 
I 5 HOH 43 382 382 HOH HOH A . 
I 5 HOH 44 383 383 HOH HOH A . 
I 5 HOH 45 386 386 HOH HOH A . 
I 5 HOH 46 387 387 HOH HOH A . 
I 5 HOH 47 392 392 HOH HOH A . 
I 5 HOH 48 393 393 HOH HOH A . 
I 5 HOH 49 394 394 HOH HOH A . 
I 5 HOH 50 396 396 HOH HOH A . 
I 5 HOH 51 397 397 HOH HOH A . 
I 5 HOH 52 400 400 HOH HOH A . 
I 5 HOH 53 401 401 HOH HOH A . 
I 5 HOH 54 402 402 HOH HOH A . 
I 5 HOH 55 406 406 HOH HOH A . 
I 5 HOH 56 407 407 HOH HOH A . 
I 5 HOH 57 408 408 HOH HOH A . 
I 5 HOH 58 410 410 HOH HOH A . 
I 5 HOH 59 412 412 HOH HOH A . 
I 5 HOH 60 413 413 HOH HOH A . 
I 5 HOH 61 416 416 HOH HOH A . 
I 5 HOH 62 417 417 HOH HOH A . 
I 5 HOH 63 419 419 HOH HOH A . 
I 5 HOH 64 421 421 HOH HOH A . 
I 5 HOH 65 422 422 HOH HOH A . 
I 5 HOH 66 425 425 HOH HOH A . 
I 5 HOH 67 427 427 HOH HOH A . 
I 5 HOH 68 428 428 HOH HOH A . 
I 5 HOH 69 430 430 HOH HOH A . 
I 5 HOH 70 431 431 HOH HOH A . 
I 5 HOH 71 435 435 HOH HOH A . 
I 5 HOH 72 436 436 HOH HOH A . 
I 5 HOH 73 437 437 HOH HOH A . 
I 5 HOH 74 440 440 HOH HOH A . 
I 5 HOH 75 441 441 HOH HOH A . 
I 5 HOH 76 442 442 HOH HOH A . 
I 5 HOH 77 444 444 HOH HOH A . 
I 5 HOH 78 445 445 HOH HOH A . 
# 
loop_
_software.name 
_software.classification 
_software.version 
_software.citation_id 
_software.pdbx_ordinal 
X-PLOR    'model building' .     ? 1 
X-PLOR    refinement       3.851 ? 2 
DENZO     'data reduction' .     ? 3 
SCALEPACK 'data scaling'   .     ? 4 
X-PLOR    phasing          .     ? 5 
# 
_cell.entry_id           1JK2 
_cell.length_a           43.600 
_cell.length_b           56.050 
_cell.length_c           131.560 
_cell.angle_alpha        90.00 
_cell.angle_beta         90.00 
_cell.angle_gamma        90.00 
_cell.Z_PDB              8 
_cell.pdbx_unique_axis   ? 
# 
_symmetry.entry_id                         1JK2 
_symmetry.space_group_name_H-M             'C 2 2 21' 
_symmetry.pdbx_full_space_group_name_H-M   ? 
_symmetry.cell_setting                     ? 
_symmetry.Int_Tables_number                20 
# 
_exptl.entry_id          1JK2 
_exptl.method            'X-RAY DIFFRACTION' 
_exptl.crystals_number   3 
# 
_exptl_crystal.id                    1 
_exptl_crystal.density_meas          ? 
_exptl_crystal.density_Matthews      2.25 
_exptl_crystal.density_percent_sol   45.44 
_exptl_crystal.description           ? 
# 
_exptl_crystal_grow.crystal_id      1 
_exptl_crystal_grow.method          'VAPOR DIFFUSION, HANGING DROP' 
_exptl_crystal_grow.temp            298 
_exptl_crystal_grow.temp_details    ? 
_exptl_crystal_grow.pH              8.0 
_exptl_crystal_grow.pdbx_details    
'300 mM NaCl, 10% PEG 1450, 25 mM Bis-Tris propane, pH 8.0, VAPOR DIFFUSION, HANGING DROP, temperature 298K' 
_exptl_crystal_grow.pdbx_pH_range   ? 
# 
loop_
_exptl_crystal_grow_comp.crystal_id 
_exptl_crystal_grow_comp.id 
_exptl_crystal_grow_comp.sol_id 
_exptl_crystal_grow_comp.name 
_exptl_crystal_grow_comp.conc 
_exptl_crystal_grow_comp.volume 
_exptl_crystal_grow_comp.details 
1 1 1 PEG1450            ? ? ? 
1 2 1 'Bis-Tris Propane' ? ? ? 
1 3 1 NaCl               ? ? ? 
# 
_diffrn.id                     1 
_diffrn.ambient_temp           125 
_diffrn.ambient_temp_details   ? 
_diffrn.crystal_id             1 
# 
_diffrn_detector.diffrn_id              1 
_diffrn_detector.detector               'IMAGE PLATE' 
_diffrn_detector.type                   'RIGAKU RAXIS IV' 
_diffrn_detector.pdbx_collection_date   1999-05-28 
_diffrn_detector.details                'Yale mirrors' 
# 
_diffrn_radiation.diffrn_id                        1 
_diffrn_radiation.wavelength_id                    1 
_diffrn_radiation.pdbx_monochromatic_or_laue_m_l   M 
_diffrn_radiation.monochromator                    'yale mirrors' 
_diffrn_radiation.pdbx_diffrn_protocol             'SINGLE WAVELENGTH' 
_diffrn_radiation.pdbx_scattering_type             x-ray 
# 
_diffrn_radiation_wavelength.id           1 
_diffrn_radiation_wavelength.wavelength   1.5418 
_diffrn_radiation_wavelength.wt           1.0 
# 
_diffrn_source.diffrn_id                   1 
_diffrn_source.source                      'ROTATING ANODE' 
_diffrn_source.type                        'RIGAKU RU200' 
_diffrn_source.pdbx_synchrotron_site       ? 
_diffrn_source.pdbx_synchrotron_beamline   ? 
_diffrn_source.pdbx_wavelength             ? 
_diffrn_source.pdbx_wavelength_list        1.5418 
# 
_reflns.entry_id                     1JK2 
_reflns.observed_criterion_sigma_I   0.0 
_reflns.observed_criterion_sigma_F   0.0 
_reflns.d_resolution_low             20.00 
_reflns.d_resolution_high            1.65 
_reflns.number_obs                   18149 
_reflns.number_all                   18149 
_reflns.percent_possible_obs         91.3 
_reflns.pdbx_Rmerge_I_obs            0.0520000 
_reflns.pdbx_Rsym_value              ? 
_reflns.pdbx_netI_over_sigmaI        ? 
_reflns.B_iso_Wilson_estimate        24.7 
_reflns.pdbx_redundancy              ? 
_reflns.R_free_details               ? 
_reflns.pdbx_diffrn_id               1 
_reflns.pdbx_ordinal                 1 
# 
_reflns_shell.d_res_high             1.65 
_reflns_shell.d_res_low              1.71 
_reflns_shell.percent_possible_all   75.1 
_reflns_shell.Rmerge_I_obs           ? 
_reflns_shell.pdbx_Rsym_value        ? 
_reflns_shell.meanI_over_sigI_obs    ? 
_reflns_shell.pdbx_redundancy        ? 
_reflns_shell.percent_possible_obs   ? 
_reflns_shell.number_unique_all      1460 
_reflns_shell.pdbx_diffrn_id         ? 
_reflns_shell.pdbx_ordinal           1 
# 
_refine.entry_id                                 1JK2 
_refine.ls_number_reflns_obs                     17401 
_refine.ls_number_reflns_all                     18149 
_refine.pdbx_ls_sigma_I                          ? 
_refine.pdbx_ls_sigma_F                          2.0 
_refine.pdbx_data_cutoff_high_absF               10000000.00 
_refine.pdbx_data_cutoff_low_absF                0.001000 
_refine.ls_d_res_low                             20.00 
_refine.ls_d_res_high                            1.65 
_refine.ls_percent_reflns_obs                    87.7 
_refine.ls_R_factor_obs                          0.2300000 
_refine.ls_R_factor_all                          0.2300000 
_refine.ls_R_factor_R_work                       0.2300000 
_refine.ls_R_factor_R_free                       0.2730000 
_refine.ls_R_factor_R_free_error                 0.007 
_refine.ls_R_factor_R_free_error_details         ? 
_refine.ls_percent_reflns_R_free                 9.9 
_refine.ls_number_reflns_R_free                  1714 
_refine.ls_number_parameters                     ? 
_refine.ls_number_restraints                     ? 
_refine.occupancy_min                            ? 
_refine.occupancy_max                            ? 
_refine.B_iso_mean                               30.1 
_refine.aniso_B[1][1]                            0.00 
_refine.aniso_B[2][2]                            0.00 
_refine.aniso_B[3][3]                            0.00 
_refine.aniso_B[1][2]                            0.00 
_refine.aniso_B[1][3]                            0.00 
_refine.aniso_B[2][3]                            0.00 
_refine.solvent_model_details                    ? 
_refine.solvent_model_param_ksol                 ? 
_refine.solvent_model_param_bsol                 ? 
_refine.pdbx_ls_cross_valid_method               THROUGHOUT 
_refine.details                                  ? 
_refine.pdbx_starting_model                      
;D20A bound to the wt site with the appropriate change to the DNA and 
with waters and side chains of residues 18 and 21 removed
;
_refine.pdbx_method_to_determine_struct          'MOLECULAR REPLACEMENT' 
_refine.pdbx_isotropic_thermal_model             RESTRAINED 
_refine.pdbx_stereochemistry_target_values       'X-PLOR parameters PARHCSDX.PRO and PARNDBX.DNA' 
_refine.pdbx_stereochem_target_val_spec_case     ? 
_refine.pdbx_R_Free_selection_details            RANDOM 
_refine.pdbx_overall_ESU_R_Free                  ? 
_refine.overall_SU_B                             ? 
_refine.ls_redundancy_reflns_obs                 ? 
_refine.correlation_coeff_Fo_to_Fc               ? 
_refine.correlation_coeff_Fo_to_Fc_free          ? 
_refine.overall_SU_R_Cruickshank_DPI             ? 
_refine.overall_SU_R_free                        ? 
_refine.overall_SU_ML                            ? 
_refine.pdbx_overall_ESU_R                       ? 
_refine.pdbx_data_cutoff_high_rms_absF           ? 
_refine.pdbx_refine_id                           'X-RAY DIFFRACTION' 
_refine.pdbx_diffrn_id                           1 
_refine.pdbx_TLS_residual_ADP_flag               ? 
_refine.pdbx_solvent_vdw_probe_radii             ? 
_refine.pdbx_solvent_ion_probe_radii             ? 
_refine.pdbx_solvent_shrinkage_radii             ? 
_refine.pdbx_overall_phase_error                 ? 
_refine.pdbx_overall_SU_R_free_Cruickshank_DPI   ? 
_refine.pdbx_overall_SU_R_Blow_DPI               ? 
_refine.pdbx_overall_SU_R_free_Blow_DPI          ? 
# 
_refine_analyze.entry_id                        1JK2 
_refine_analyze.Luzzati_coordinate_error_obs    0.25 
_refine_analyze.Luzzati_sigma_a_obs             0.24 
_refine_analyze.Luzzati_d_res_low_obs           5.00 
_refine_analyze.Luzzati_coordinate_error_free   0.29 
_refine_analyze.Luzzati_sigma_a_free            0.25 
_refine_analyze.Luzzati_d_res_low_free          ? 
_refine_analyze.number_disordered_residues      ? 
_refine_analyze.occupancy_sum_hydrogen          ? 
_refine_analyze.occupancy_sum_non_hydrogen      ? 
_refine_analyze.pdbx_refine_id                  'X-RAY DIFFRACTION' 
# 
_refine_hist.pdbx_refine_id                   'X-RAY DIFFRACTION' 
_refine_hist.cycle_id                         LAST 
_refine_hist.pdbx_number_atoms_protein        748 
_refine_hist.pdbx_number_atoms_nucleic_acid   481 
_refine_hist.pdbx_number_atoms_ligand         3 
_refine_hist.number_atoms_solvent             145 
_refine_hist.number_atoms_total               1377 
_refine_hist.d_res_high                       1.65 
_refine_hist.d_res_low                        20.00 
# 
loop_
_refine_ls_restr.type 
_refine_ls_restr.dev_ideal 
_refine_ls_restr.dev_ideal_target 
_refine_ls_restr.weight 
_refine_ls_restr.number 
_refine_ls_restr.pdbx_refine_id 
_refine_ls_restr.pdbx_restraint_function 
x_bond_d           0.007 ?    ? ? 'X-RAY DIFFRACTION' ? 
x_angle_deg        1.4   ?    ? ? 'X-RAY DIFFRACTION' ? 
x_dihedral_angle_d 21.7  ?    ? ? 'X-RAY DIFFRACTION' ? 
x_improper_angle_d 1.41  ?    ? ? 'X-RAY DIFFRACTION' ? 
x_mcbond_it        0.97  1.50 ? ? 'X-RAY DIFFRACTION' ? 
x_mcangle_it       1.69  2.00 ? ? 'X-RAY DIFFRACTION' ? 
x_scbond_it        1.13  2.00 ? ? 'X-RAY DIFFRACTION' ? 
x_scangle_it       1.93  2.50 ? ? 'X-RAY DIFFRACTION' ? 
# 
_refine_ls_shell.pdbx_total_number_of_bins_used   6 
_refine_ls_shell.d_res_high                       1.65 
_refine_ls_shell.d_res_low                        1.75 
_refine_ls_shell.number_reflns_R_work             1935 
_refine_ls_shell.R_factor_R_work                  0.3950000 
_refine_ls_shell.percent_reflns_obs               65.9 
_refine_ls_shell.R_factor_R_free                  0.4340000 
_refine_ls_shell.R_factor_R_free_error            0.030 
_refine_ls_shell.percent_reflns_R_free            10.0 
_refine_ls_shell.number_reflns_R_free             215 
_refine_ls_shell.redundancy_reflns_obs            ? 
_refine_ls_shell.pdbx_refine_id                   'X-RAY DIFFRACTION' 
_refine_ls_shell.number_reflns_all                ? 
_refine_ls_shell.R_factor_all                     ? 
# 
loop_
_pdbx_xplor_file.serial_no 
_pdbx_xplor_file.param_file 
_pdbx_xplor_file.topol_file 
_pdbx_xplor_file.pdbx_refine_id 
1 PARHCSDX.PRO TOPHCSDX.PRO 'X-RAY DIFFRACTION' 
2 PARNDBX.DNA  TOPNDBX.DNA  'X-RAY DIFFRACTION' 
3 PARAM11.WAT  TOPH11.WAT   'X-RAY DIFFRACTION' 
# 
_struct.entry_id                  1JK2 
_struct.title                     'Zif268 D20A mutant bound to the GCT DNA site' 
_struct.pdbx_model_details        ? 
_struct.pdbx_CASP_flag            ? 
_struct.pdbx_model_type_details   ? 
# 
_struct_keywords.entry_id        1JK2 
_struct_keywords.pdbx_keywords   TRANSCRIPTION/DNA 
_struct_keywords.text            'zinc-finger, double stranded DNA, protein-DNA complex, TRANSCRIPTION-DNA COMPLEX' 
# 
loop_
_struct_asym.id 
_struct_asym.pdbx_blank_PDB_chainid_flag 
_struct_asym.pdbx_modified 
_struct_asym.entity_id 
_struct_asym.details 
A N N 1 ? 
B N N 2 ? 
C N N 3 ? 
D N N 4 ? 
E N N 4 ? 
F N N 4 ? 
G N N 5 ? 
H N N 5 ? 
I N N 5 ? 
# 
loop_
_struct_ref.id 
_struct_ref.db_name 
_struct_ref.db_code 
_struct_ref.entity_id 
_struct_ref.pdbx_seq_one_letter_code 
_struct_ref.pdbx_align_begin 
_struct_ref.pdbx_db_accession 
_struct_ref.pdbx_db_isoform 
1 UNP EGR1_MOUSE 3 
;ERPYACPVESCDRRFSRSDELTRHIRIHTGQKPFQCRICMRNFSRSDHLTTHIRTHTGEKPFACDICGRKFARSDERKRH
TKIHLRQKD
;
333 P08046 ? 
2 PDB 1JK2       1 ?                                                                                            ?   1JK2   ? 
3 PDB 1JK2       2 ?                                                                                            ?   1JK2   ? 
# 
loop_
_struct_ref_seq.align_id 
_struct_ref_seq.ref_id 
_struct_ref_seq.pdbx_PDB_id_code 
_struct_ref_seq.pdbx_strand_id 
_struct_ref_seq.seq_align_beg 
_struct_ref_seq.pdbx_seq_align_beg_ins_code 
_struct_ref_seq.seq_align_end 
_struct_ref_seq.pdbx_seq_align_end_ins_code 
_struct_ref_seq.pdbx_db_accession 
_struct_ref_seq.db_align_beg 
_struct_ref_seq.pdbx_db_align_beg_ins_code 
_struct_ref_seq.db_align_end 
_struct_ref_seq.pdbx_db_align_end_ins_code 
_struct_ref_seq.pdbx_auth_seq_align_beg 
_struct_ref_seq.pdbx_auth_seq_align_end 
1 1 1JK2 A 1 ? 90 ? P08046 333 ? 421 ? 101 190 
2 2 1JK2 B 1 ? 11 ? 1JK2   1   ? 11  ? 1   11  
3 3 1JK2 C 1 ? 11 ? 1JK2   51  ? 61  ? 51  61  
# 
loop_
_struct_ref_seq_dif.align_id 
_struct_ref_seq_dif.pdbx_pdb_id_code 
_struct_ref_seq_dif.mon_id 
_struct_ref_seq_dif.pdbx_pdb_strand_id 
_struct_ref_seq_dif.seq_num 
_struct_ref_seq_dif.pdbx_pdb_ins_code 
_struct_ref_seq_dif.pdbx_seq_db_name 
_struct_ref_seq_dif.pdbx_seq_db_accession_code 
_struct_ref_seq_dif.db_mon_id 
_struct_ref_seq_dif.pdbx_seq_db_seq_num 
_struct_ref_seq_dif.details 
_struct_ref_seq_dif.pdbx_auth_seq_num 
_struct_ref_seq_dif.pdbx_ordinal 
1 1JK2 MET A 1  ? UNP P08046 ?   ?   'cloning artifact'    101 1 
1 1JK2 ALA A 20 ? UNP P08046 ASP 351 'engineered mutation' 120 2 
# 
_pdbx_struct_assembly.id                   1 
_pdbx_struct_assembly.details              author_defined_assembly 
_pdbx_struct_assembly.method_details       ? 
_pdbx_struct_assembly.oligomeric_details   trimeric 
_pdbx_struct_assembly.oligomeric_count     3 
# 
_pdbx_struct_assembly_gen.assembly_id       1 
_pdbx_struct_assembly_gen.oper_expression   1 
_pdbx_struct_assembly_gen.asym_id_list      A,B,C,D,E,F,G,H,I 
# 
_pdbx_struct_oper_list.id                   1 
_pdbx_struct_oper_list.type                 'identity operation' 
_pdbx_struct_oper_list.name                 1_555 
_pdbx_struct_oper_list.symmetry_operation   x,y,z 
_pdbx_struct_oper_list.matrix[1][1]         1.0000000000 
_pdbx_struct_oper_list.matrix[1][2]         0.0000000000 
_pdbx_struct_oper_list.matrix[1][3]         0.0000000000 
_pdbx_struct_oper_list.vector[1]            0.0000000000 
_pdbx_struct_oper_list.matrix[2][1]         0.0000000000 
_pdbx_struct_oper_list.matrix[2][2]         1.0000000000 
_pdbx_struct_oper_list.matrix[2][3]         0.0000000000 
_pdbx_struct_oper_list.vector[2]            0.0000000000 
_pdbx_struct_oper_list.matrix[3][1]         0.0000000000 
_pdbx_struct_oper_list.matrix[3][2]         0.0000000000 
_pdbx_struct_oper_list.matrix[3][3]         1.0000000000 
_pdbx_struct_oper_list.vector[3]            0.0000000000 
# 
_struct_biol.id                    1 
_struct_biol.pdbx_parent_biol_id   ? 
_struct_biol.details               ? 
# 
loop_
_struct_conf.conf_type_id 
_struct_conf.id 
_struct_conf.pdbx_PDB_helix_id 
_struct_conf.beg_label_comp_id 
_struct_conf.beg_label_asym_id 
_struct_conf.beg_label_seq_id 
_struct_conf.pdbx_beg_PDB_ins_code 
_struct_conf.end_label_comp_id 
_struct_conf.end_label_asym_id 
_struct_conf.end_label_seq_id 
_struct_conf.pdbx_end_PDB_ins_code 
_struct_conf.beg_auth_comp_id 
_struct_conf.beg_auth_asym_id 
_struct_conf.beg_auth_seq_id 
_struct_conf.end_auth_comp_id 
_struct_conf.end_auth_asym_id 
_struct_conf.end_auth_seq_id 
_struct_conf.pdbx_PDB_helix_class 
_struct_conf.details 
_struct_conf.pdbx_PDB_helix_length 
HELX_P HELX_P1 1 SER C 19 ? THR C 30 ? SER A 119 THR A 130 1 ? 12 
HELX_P HELX_P2 2 SER C 47 ? THR C 58 ? SER A 147 THR A 158 1 ? 12 
HELX_P HELX_P3 3 SER C 75 ? HIS C 85 ? SER A 175 HIS A 185 1 ? 11 
# 
_struct_conf_type.id          HELX_P 
_struct_conf_type.criteria    ? 
_struct_conf_type.reference   ? 
# 
loop_
_struct_conn.id 
_struct_conn.conn_type_id 
_struct_conn.pdbx_leaving_atom_flag 
_struct_conn.pdbx_PDB_id 
_struct_conn.ptnr1_label_asym_id 
_struct_conn.ptnr1_label_comp_id 
_struct_conn.ptnr1_label_seq_id 
_struct_conn.ptnr1_label_atom_id 
_struct_conn.pdbx_ptnr1_label_alt_id 
_struct_conn.pdbx_ptnr1_PDB_ins_code 
_struct_conn.pdbx_ptnr1_standard_comp_id 
_struct_conn.ptnr1_symmetry 
_struct_conn.ptnr2_label_asym_id 
_struct_conn.ptnr2_label_comp_id 
_struct_conn.ptnr2_label_seq_id 
_struct_conn.ptnr2_label_atom_id 
_struct_conn.pdbx_ptnr2_label_alt_id 
_struct_conn.pdbx_ptnr2_PDB_ins_code 
_struct_conn.ptnr1_auth_asym_id 
_struct_conn.ptnr1_auth_comp_id 
_struct_conn.ptnr1_auth_seq_id 
_struct_conn.ptnr2_auth_asym_id 
_struct_conn.ptnr2_auth_comp_id 
_struct_conn.ptnr2_auth_seq_id 
_struct_conn.ptnr2_symmetry 
_struct_conn.pdbx_ptnr3_label_atom_id 
_struct_conn.pdbx_ptnr3_label_seq_id 
_struct_conn.pdbx_ptnr3_label_comp_id 
_struct_conn.pdbx_ptnr3_label_asym_id 
_struct_conn.pdbx_ptnr3_label_alt_id 
_struct_conn.pdbx_ptnr3_PDB_ins_code 
_struct_conn.details 
_struct_conn.pdbx_dist_value 
_struct_conn.pdbx_value_order 
_struct_conn.pdbx_role 
metalc1  metalc ? ? C CYS 7  SG  ? ? ? 1_555 D ZN .  ZN ? ? A CYS 107 A ZN 201 1_555 ? ? ? ? ? ? ?            2.258 ? ? 
metalc2  metalc ? ? C CYS 12 SG  ? ? ? 1_555 D ZN .  ZN ? ? A CYS 112 A ZN 201 1_555 ? ? ? ? ? ? ?            2.496 ? ? 
metalc3  metalc ? ? C HIS 25 NE2 ? ? ? 1_555 D ZN .  ZN ? ? A HIS 125 A ZN 201 1_555 ? ? ? ? ? ? ?            2.465 ? ? 
metalc4  metalc ? ? C HIS 29 NE2 ? ? ? 1_555 D ZN .  ZN ? ? A HIS 129 A ZN 201 1_555 ? ? ? ? ? ? ?            1.877 ? ? 
metalc5  metalc ? ? C CYS 37 SG  ? ? ? 1_555 E ZN .  ZN ? ? A CYS 137 A ZN 202 1_555 ? ? ? ? ? ? ?            2.315 ? ? 
metalc6  metalc ? ? C CYS 40 SG  ? ? ? 1_555 E ZN .  ZN ? ? A CYS 140 A ZN 202 1_555 ? ? ? ? ? ? ?            2.222 ? ? 
metalc7  metalc ? ? C HIS 53 NE2 ? ? ? 1_555 E ZN .  ZN ? ? A HIS 153 A ZN 202 1_555 ? ? ? ? ? ? ?            2.087 ? ? 
metalc8  metalc ? ? C HIS 57 NE2 ? ? ? 1_555 E ZN .  ZN ? ? A HIS 157 A ZN 202 1_555 ? ? ? ? ? ? ?            2.103 ? ? 
metalc9  metalc ? ? C CYS 65 SG  ? ? ? 1_555 F ZN .  ZN ? ? A CYS 165 A ZN 203 1_555 ? ? ? ? ? ? ?            2.385 ? ? 
metalc10 metalc ? ? C CYS 68 SG  ? ? ? 1_555 F ZN .  ZN ? ? A CYS 168 A ZN 203 1_555 ? ? ? ? ? ? ?            2.254 ? ? 
metalc11 metalc ? ? C HIS 81 NE2 ? ? ? 1_555 F ZN .  ZN ? ? A HIS 181 A ZN 203 1_555 ? ? ? ? ? ? ?            2.062 ? ? 
metalc12 metalc ? ? C HIS 85 NE2 ? ? ? 1_555 F ZN .  ZN ? ? A HIS 185 A ZN 203 1_555 ? ? ? ? ? ? ?            2.014 ? ? 
hydrog1  hydrog ? ? A DG  2  N1  ? ? ? 1_555 B DC 11 N3 ? ? B DG  2   C DC 61  1_555 ? ? ? ? ? ? WATSON-CRICK ?     ? ? 
hydrog2  hydrog ? ? A DG  2  N2  ? ? ? 1_555 B DC 11 O2 ? ? B DG  2   C DC 61  1_555 ? ? ? ? ? ? WATSON-CRICK ?     ? ? 
hydrog3  hydrog ? ? A DG  2  O6  ? ? ? 1_555 B DC 11 N4 ? ? B DG  2   C DC 61  1_555 ? ? ? ? ? ? WATSON-CRICK ?     ? ? 
hydrog4  hydrog ? ? A DC  3  N3  ? ? ? 1_555 B DG 10 N1 ? ? B DC  3   C DG 60  1_555 ? ? ? ? ? ? WATSON-CRICK ?     ? ? 
hydrog5  hydrog ? ? A DC  3  N4  ? ? ? 1_555 B DG 10 O6 ? ? B DC  3   C DG 60  1_555 ? ? ? ? ? ? WATSON-CRICK ?     ? ? 
hydrog6  hydrog ? ? A DC  3  O2  ? ? ? 1_555 B DG 10 N2 ? ? B DC  3   C DG 60  1_555 ? ? ? ? ? ? WATSON-CRICK ?     ? ? 
hydrog7  hydrog ? ? A DG  4  N1  ? ? ? 1_555 B DC 9  N3 ? ? B DG  4   C DC 59  1_555 ? ? ? ? ? ? WATSON-CRICK ?     ? ? 
hydrog8  hydrog ? ? A DG  4  N2  ? ? ? 1_555 B DC 9  O2 ? ? B DG  4   C DC 59  1_555 ? ? ? ? ? ? WATSON-CRICK ?     ? ? 
hydrog9  hydrog ? ? A DG  4  O6  ? ? ? 1_555 B DC 9  N4 ? ? B DG  4   C DC 59  1_555 ? ? ? ? ? ? WATSON-CRICK ?     ? ? 
hydrog10 hydrog ? ? A DT  5  N3  ? ? ? 1_555 B DA 8  N1 ? ? B DT  5   C DA 58  1_555 ? ? ? ? ? ? WATSON-CRICK ?     ? ? 
hydrog11 hydrog ? ? A DT  5  O4  ? ? ? 1_555 B DA 8  N6 ? ? B DT  5   C DA 58  1_555 ? ? ? ? ? ? WATSON-CRICK ?     ? ? 
hydrog12 hydrog ? ? A DG  6  N1  ? ? ? 1_555 B DC 7  N3 ? ? B DG  6   C DC 57  1_555 ? ? ? ? ? ? WATSON-CRICK ?     ? ? 
hydrog13 hydrog ? ? A DG  6  N2  ? ? ? 1_555 B DC 7  O2 ? ? B DG  6   C DC 57  1_555 ? ? ? ? ? ? WATSON-CRICK ?     ? ? 
hydrog14 hydrog ? ? A DG  6  O6  ? ? ? 1_555 B DC 7  N4 ? ? B DG  6   C DC 57  1_555 ? ? ? ? ? ? WATSON-CRICK ?     ? ? 
hydrog15 hydrog ? ? A DG  7  N1  ? ? ? 1_555 B DC 6  N3 ? ? B DG  7   C DC 56  1_555 ? ? ? ? ? ? WATSON-CRICK ?     ? ? 
hydrog16 hydrog ? ? A DG  7  N2  ? ? ? 1_555 B DC 6  O2 ? ? B DG  7   C DC 56  1_555 ? ? ? ? ? ? WATSON-CRICK ?     ? ? 
hydrog17 hydrog ? ? A DG  7  O6  ? ? ? 1_555 B DC 6  N4 ? ? B DG  7   C DC 56  1_555 ? ? ? ? ? ? WATSON-CRICK ?     ? ? 
hydrog18 hydrog ? ? A DG  8  N1  ? ? ? 1_555 B DC 5  N3 ? ? B DG  8   C DC 55  1_555 ? ? ? ? ? ? WATSON-CRICK ?     ? ? 
hydrog19 hydrog ? ? A DG  8  N2  ? ? ? 1_555 B DC 5  O2 ? ? B DG  8   C DC 55  1_555 ? ? ? ? ? ? WATSON-CRICK ?     ? ? 
hydrog20 hydrog ? ? A DG  8  O6  ? ? ? 1_555 B DC 5  N4 ? ? B DG  8   C DC 55  1_555 ? ? ? ? ? ? WATSON-CRICK ?     ? ? 
hydrog21 hydrog ? ? A DC  9  N3  ? ? ? 1_555 B DG 4  N1 ? ? B DC  9   C DG 54  1_555 ? ? ? ? ? ? WATSON-CRICK ?     ? ? 
hydrog22 hydrog ? ? A DC  9  N4  ? ? ? 1_555 B DG 4  O6 ? ? B DC  9   C DG 54  1_555 ? ? ? ? ? ? WATSON-CRICK ?     ? ? 
hydrog23 hydrog ? ? A DC  9  O2  ? ? ? 1_555 B DG 4  N2 ? ? B DC  9   C DG 54  1_555 ? ? ? ? ? ? WATSON-CRICK ?     ? ? 
hydrog24 hydrog ? ? A DT  10 N3  ? ? ? 1_555 B DA 3  N1 ? ? B DT  10  C DA 53  1_555 ? ? ? ? ? ? WATSON-CRICK ?     ? ? 
hydrog25 hydrog ? ? A DT  10 O4  ? ? ? 1_555 B DA 3  N6 ? ? B DT  10  C DA 53  1_555 ? ? ? ? ? ? WATSON-CRICK ?     ? ? 
hydrog26 hydrog ? ? A DG  11 N1  ? ? ? 1_555 B DC 2  N3 A ? B DG  11  C DC 52  1_555 ? ? ? ? ? ? WATSON-CRICK ?     ? ? 
hydrog27 hydrog ? ? A DG  11 N2  ? ? ? 1_555 B DC 2  O2 A ? B DG  11  C DC 52  1_555 ? ? ? ? ? ? WATSON-CRICK ?     ? ? 
hydrog28 hydrog ? ? A DG  11 O6  ? ? ? 1_555 B DC 2  N4 A ? B DG  11  C DC 52  1_555 ? ? ? ? ? ? WATSON-CRICK ?     ? ? 
# 
loop_
_struct_conn_type.id 
_struct_conn_type.criteria 
_struct_conn_type.reference 
metalc ? ? 
hydrog ? ? 
# 
loop_
_pdbx_struct_conn_angle.id 
_pdbx_struct_conn_angle.ptnr1_label_atom_id 
_pdbx_struct_conn_angle.ptnr1_label_alt_id 
_pdbx_struct_conn_angle.ptnr1_label_asym_id 
_pdbx_struct_conn_angle.ptnr1_label_comp_id 
_pdbx_struct_conn_angle.ptnr1_label_seq_id 
_pdbx_struct_conn_angle.ptnr1_auth_atom_id 
_pdbx_struct_conn_angle.ptnr1_auth_asym_id 
_pdbx_struct_conn_angle.ptnr1_auth_comp_id 
_pdbx_struct_conn_angle.ptnr1_auth_seq_id 
_pdbx_struct_conn_angle.ptnr1_PDB_ins_code 
_pdbx_struct_conn_angle.ptnr1_symmetry 
_pdbx_struct_conn_angle.ptnr2_label_atom_id 
_pdbx_struct_conn_angle.ptnr2_label_alt_id 
_pdbx_struct_conn_angle.ptnr2_label_asym_id 
_pdbx_struct_conn_angle.ptnr2_label_comp_id 
_pdbx_struct_conn_angle.ptnr2_label_seq_id 
_pdbx_struct_conn_angle.ptnr2_auth_atom_id 
_pdbx_struct_conn_angle.ptnr2_auth_asym_id 
_pdbx_struct_conn_angle.ptnr2_auth_comp_id 
_pdbx_struct_conn_angle.ptnr2_auth_seq_id 
_pdbx_struct_conn_angle.ptnr2_PDB_ins_code 
_pdbx_struct_conn_angle.ptnr2_symmetry 
_pdbx_struct_conn_angle.ptnr3_label_atom_id 
_pdbx_struct_conn_angle.ptnr3_label_alt_id 
_pdbx_struct_conn_angle.ptnr3_label_asym_id 
_pdbx_struct_conn_angle.ptnr3_label_comp_id 
_pdbx_struct_conn_angle.ptnr3_label_seq_id 
_pdbx_struct_conn_angle.ptnr3_auth_atom_id 
_pdbx_struct_conn_angle.ptnr3_auth_asym_id 
_pdbx_struct_conn_angle.ptnr3_auth_comp_id 
_pdbx_struct_conn_angle.ptnr3_auth_seq_id 
_pdbx_struct_conn_angle.ptnr3_PDB_ins_code 
_pdbx_struct_conn_angle.ptnr3_symmetry 
_pdbx_struct_conn_angle.value 
_pdbx_struct_conn_angle.value_esd 
1  SG  ? C CYS 7  ? A CYS 107 ? 1_555 ZN ? D ZN . ? A ZN 201 ? 1_555 SG  ? C CYS 12 ? A CYS 112 ? 1_555 111.2 ? 
2  SG  ? C CYS 7  ? A CYS 107 ? 1_555 ZN ? D ZN . ? A ZN 201 ? 1_555 NE2 ? C HIS 25 ? A HIS 125 ? 1_555 96.8  ? 
3  SG  ? C CYS 12 ? A CYS 112 ? 1_555 ZN ? D ZN . ? A ZN 201 ? 1_555 NE2 ? C HIS 25 ? A HIS 125 ? 1_555 97.0  ? 
4  SG  ? C CYS 7  ? A CYS 107 ? 1_555 ZN ? D ZN . ? A ZN 201 ? 1_555 NE2 ? C HIS 29 ? A HIS 129 ? 1_555 121.7 ? 
5  SG  ? C CYS 12 ? A CYS 112 ? 1_555 ZN ? D ZN . ? A ZN 201 ? 1_555 NE2 ? C HIS 29 ? A HIS 129 ? 1_555 114.7 ? 
6  NE2 ? C HIS 25 ? A HIS 125 ? 1_555 ZN ? D ZN . ? A ZN 201 ? 1_555 NE2 ? C HIS 29 ? A HIS 129 ? 1_555 110.9 ? 
7  SG  ? C CYS 37 ? A CYS 137 ? 1_555 ZN ? E ZN . ? A ZN 202 ? 1_555 SG  ? C CYS 40 ? A CYS 140 ? 1_555 115.7 ? 
8  SG  ? C CYS 37 ? A CYS 137 ? 1_555 ZN ? E ZN . ? A ZN 202 ? 1_555 NE2 ? C HIS 53 ? A HIS 153 ? 1_555 108.1 ? 
9  SG  ? C CYS 40 ? A CYS 140 ? 1_555 ZN ? E ZN . ? A ZN 202 ? 1_555 NE2 ? C HIS 53 ? A HIS 153 ? 1_555 106.8 ? 
10 SG  ? C CYS 37 ? A CYS 137 ? 1_555 ZN ? E ZN . ? A ZN 202 ? 1_555 NE2 ? C HIS 57 ? A HIS 157 ? 1_555 105.6 ? 
11 SG  ? C CYS 40 ? A CYS 140 ? 1_555 ZN ? E ZN . ? A ZN 202 ? 1_555 NE2 ? C HIS 57 ? A HIS 157 ? 1_555 117.5 ? 
12 NE2 ? C HIS 53 ? A HIS 153 ? 1_555 ZN ? E ZN . ? A ZN 202 ? 1_555 NE2 ? C HIS 57 ? A HIS 157 ? 1_555 101.9 ? 
13 SG  ? C CYS 65 ? A CYS 165 ? 1_555 ZN ? F ZN . ? A ZN 203 ? 1_555 SG  ? C CYS 68 ? A CYS 168 ? 1_555 117.4 ? 
14 SG  ? C CYS 65 ? A CYS 165 ? 1_555 ZN ? F ZN . ? A ZN 203 ? 1_555 NE2 ? C HIS 81 ? A HIS 181 ? 1_555 104.1 ? 
15 SG  ? C CYS 68 ? A CYS 168 ? 1_555 ZN ? F ZN . ? A ZN 203 ? 1_555 NE2 ? C HIS 81 ? A HIS 181 ? 1_555 107.5 ? 
16 SG  ? C CYS 65 ? A CYS 165 ? 1_555 ZN ? F ZN . ? A ZN 203 ? 1_555 NE2 ? C HIS 85 ? A HIS 185 ? 1_555 103.9 ? 
17 SG  ? C CYS 68 ? A CYS 168 ? 1_555 ZN ? F ZN . ? A ZN 203 ? 1_555 NE2 ? C HIS 85 ? A HIS 185 ? 1_555 118.2 ? 
18 NE2 ? C HIS 81 ? A HIS 181 ? 1_555 ZN ? F ZN . ? A ZN 203 ? 1_555 NE2 ? C HIS 85 ? A HIS 185 ? 1_555 104.1 ? 
# 
loop_
_struct_sheet.id 
_struct_sheet.type 
_struct_sheet.number_strands 
_struct_sheet.details 
A ? 2 ? 
B ? 2 ? 
C ? 2 ? 
# 
loop_
_struct_sheet_order.sheet_id 
_struct_sheet_order.range_id_1 
_struct_sheet_order.range_id_2 
_struct_sheet_order.offset 
_struct_sheet_order.sense 
A 1 2 ? anti-parallel 
B 1 2 ? anti-parallel 
C 1 2 ? anti-parallel 
# 
loop_
_struct_sheet_range.sheet_id 
_struct_sheet_range.id 
_struct_sheet_range.beg_label_comp_id 
_struct_sheet_range.beg_label_asym_id 
_struct_sheet_range.beg_label_seq_id 
_struct_sheet_range.pdbx_beg_PDB_ins_code 
_struct_sheet_range.end_label_comp_id 
_struct_sheet_range.end_label_asym_id 
_struct_sheet_range.end_label_seq_id 
_struct_sheet_range.pdbx_end_PDB_ins_code 
_struct_sheet_range.beg_auth_comp_id 
_struct_sheet_range.beg_auth_asym_id 
_struct_sheet_range.beg_auth_seq_id 
_struct_sheet_range.end_auth_comp_id 
_struct_sheet_range.end_auth_asym_id 
_struct_sheet_range.end_auth_seq_id 
A 1 TYR C 5  ? ALA C 6  ? TYR A 105 ALA A 106 
A 2 ARG C 15 ? PHE C 16 ? ARG A 115 PHE A 116 
B 1 PHE C 35 ? GLN C 36 ? PHE A 135 GLN A 136 
B 2 ASN C 43 ? PHE C 44 ? ASN A 143 PHE A 144 
C 1 PHE C 63 ? ALA C 64 ? PHE A 163 ALA A 164 
C 2 LYS C 71 ? PHE C 72 ? LYS A 171 PHE A 172 
# 
loop_
_pdbx_struct_sheet_hbond.sheet_id 
_pdbx_struct_sheet_hbond.range_id_1 
_pdbx_struct_sheet_hbond.range_id_2 
_pdbx_struct_sheet_hbond.range_1_label_atom_id 
_pdbx_struct_sheet_hbond.range_1_label_comp_id 
_pdbx_struct_sheet_hbond.range_1_label_asym_id 
_pdbx_struct_sheet_hbond.range_1_label_seq_id 
_pdbx_struct_sheet_hbond.range_1_PDB_ins_code 
_pdbx_struct_sheet_hbond.range_1_auth_atom_id 
_pdbx_struct_sheet_hbond.range_1_auth_comp_id 
_pdbx_struct_sheet_hbond.range_1_auth_asym_id 
_pdbx_struct_sheet_hbond.range_1_auth_seq_id 
_pdbx_struct_sheet_hbond.range_2_label_atom_id 
_pdbx_struct_sheet_hbond.range_2_label_comp_id 
_pdbx_struct_sheet_hbond.range_2_label_asym_id 
_pdbx_struct_sheet_hbond.range_2_label_seq_id 
_pdbx_struct_sheet_hbond.range_2_PDB_ins_code 
_pdbx_struct_sheet_hbond.range_2_auth_atom_id 
_pdbx_struct_sheet_hbond.range_2_auth_comp_id 
_pdbx_struct_sheet_hbond.range_2_auth_asym_id 
_pdbx_struct_sheet_hbond.range_2_auth_seq_id 
A 1 2 O TYR C 5  ? O TYR A 105 N PHE C 16 ? N PHE A 116 
B 1 2 O PHE C 35 ? O PHE A 135 N PHE C 44 ? N PHE A 144 
C 1 2 N PHE C 63 ? N PHE A 163 O PHE C 72 ? O PHE A 172 
# 
loop_
_struct_site.id 
_struct_site.pdbx_evidence_code 
_struct_site.pdbx_auth_asym_id 
_struct_site.pdbx_auth_comp_id 
_struct_site.pdbx_auth_seq_id 
_struct_site.pdbx_auth_ins_code 
_struct_site.pdbx_num_residues 
_struct_site.details 
AC1 Software A ZN 201 ? 4 'BINDING SITE FOR RESIDUE ZN A 201' 
AC2 Software A ZN 202 ? 4 'BINDING SITE FOR RESIDUE ZN A 202' 
AC3 Software A ZN 203 ? 4 'BINDING SITE FOR RESIDUE ZN A 203' 
# 
loop_
_struct_site_gen.id 
_struct_site_gen.site_id 
_struct_site_gen.pdbx_num_res 
_struct_site_gen.label_comp_id 
_struct_site_gen.label_asym_id 
_struct_site_gen.label_seq_id 
_struct_site_gen.pdbx_auth_ins_code 
_struct_site_gen.auth_comp_id 
_struct_site_gen.auth_asym_id 
_struct_site_gen.auth_seq_id 
_struct_site_gen.label_atom_id 
_struct_site_gen.label_alt_id 
_struct_site_gen.symmetry 
_struct_site_gen.details 
1  AC1 4 CYS C 7  ? CYS A 107 . ? 1_555 ? 
2  AC1 4 CYS C 12 ? CYS A 112 . ? 1_555 ? 
3  AC1 4 HIS C 25 ? HIS A 125 . ? 1_555 ? 
4  AC1 4 HIS C 29 ? HIS A 129 . ? 1_555 ? 
5  AC2 4 CYS C 37 ? CYS A 137 . ? 1_555 ? 
6  AC2 4 CYS C 40 ? CYS A 140 . ? 1_555 ? 
7  AC2 4 HIS C 53 ? HIS A 153 . ? 1_555 ? 
8  AC2 4 HIS C 57 ? HIS A 157 . ? 1_555 ? 
9  AC3 4 CYS C 65 ? CYS A 165 . ? 1_555 ? 
10 AC3 4 CYS C 68 ? CYS A 168 . ? 1_555 ? 
11 AC3 4 HIS C 81 ? HIS A 181 . ? 1_555 ? 
12 AC3 4 HIS C 85 ? HIS A 185 . ? 1_555 ? 
# 
loop_
_pdbx_validate_rmsd_angle.id 
_pdbx_validate_rmsd_angle.PDB_model_num 
_pdbx_validate_rmsd_angle.auth_atom_id_1 
_pdbx_validate_rmsd_angle.auth_asym_id_1 
_pdbx_validate_rmsd_angle.auth_comp_id_1 
_pdbx_validate_rmsd_angle.auth_seq_id_1 
_pdbx_validate_rmsd_angle.PDB_ins_code_1 
_pdbx_validate_rmsd_angle.label_alt_id_1 
_pdbx_validate_rmsd_angle.auth_atom_id_2 
_pdbx_validate_rmsd_angle.auth_asym_id_2 
_pdbx_validate_rmsd_angle.auth_comp_id_2 
_pdbx_validate_rmsd_angle.auth_seq_id_2 
_pdbx_validate_rmsd_angle.PDB_ins_code_2 
_pdbx_validate_rmsd_angle.label_alt_id_2 
_pdbx_validate_rmsd_angle.auth_atom_id_3 
_pdbx_validate_rmsd_angle.auth_asym_id_3 
_pdbx_validate_rmsd_angle.auth_comp_id_3 
_pdbx_validate_rmsd_angle.auth_seq_id_3 
_pdbx_validate_rmsd_angle.PDB_ins_code_3 
_pdbx_validate_rmsd_angle.label_alt_id_3 
_pdbx_validate_rmsd_angle.angle_value 
_pdbx_validate_rmsd_angle.angle_target_value 
_pdbx_validate_rmsd_angle.angle_deviation 
_pdbx_validate_rmsd_angle.angle_standard_deviation 
_pdbx_validate_rmsd_angle.linker_flag 
1 1 "C3'" B DC 3  ? ? "C2'" B DC 3  ? ? "C1'" B DC 3  ? ? 97.07  102.40 -5.33  0.80 N 
2 1 N1    C DT 51 ? B "C1'" C DT 51 ? B "C2'" C DT 51 ? B 122.75 114.30 8.45   1.40 N 
3 1 "C4'" C DC 52 ? B "C3'" C DC 52 ? B "O3'" C DC 52 ? B 92.70  109.70 -17.00 2.50 N 
4 1 "C3'" C DC 52 ? B "O3'" C DC 52 ? B P     C DA 53 ? ? 109.61 119.70 -10.09 1.20 Y 
# 
_pdbx_validate_torsion.id              1 
_pdbx_validate_torsion.PDB_model_num   1 
_pdbx_validate_torsion.auth_comp_id    ASP 
_pdbx_validate_torsion.auth_asym_id    A 
_pdbx_validate_torsion.auth_seq_id     113 
_pdbx_validate_torsion.PDB_ins_code    ? 
_pdbx_validate_torsion.label_alt_id    ? 
_pdbx_validate_torsion.phi             -111.50 
_pdbx_validate_torsion.psi             53.61 
# 
_pdbx_validate_planes.id              1 
_pdbx_validate_planes.PDB_model_num   1 
_pdbx_validate_planes.auth_comp_id    DC 
_pdbx_validate_planes.auth_asym_id    B 
_pdbx_validate_planes.auth_seq_id     3 
_pdbx_validate_planes.PDB_ins_code    ? 
_pdbx_validate_planes.label_alt_id    ? 
_pdbx_validate_planes.rmsd            0.070 
_pdbx_validate_planes.type            'SIDE CHAIN' 
# 
_pdbx_database_remark.id     650 
_pdbx_database_remark.text   
;HELIX
DETERMINATION METHOD: AUTHOR
;
# 
loop_
_pdbx_unobs_or_zero_occ_residues.id 
_pdbx_unobs_or_zero_occ_residues.PDB_model_num 
_pdbx_unobs_or_zero_occ_residues.polymer_flag 
_pdbx_unobs_or_zero_occ_residues.occupancy_flag 
_pdbx_unobs_or_zero_occ_residues.auth_asym_id 
_pdbx_unobs_or_zero_occ_residues.auth_comp_id 
_pdbx_unobs_or_zero_occ_residues.auth_seq_id 
_pdbx_unobs_or_zero_occ_residues.PDB_ins_code 
_pdbx_unobs_or_zero_occ_residues.label_asym_id 
_pdbx_unobs_or_zero_occ_residues.label_comp_id 
_pdbx_unobs_or_zero_occ_residues.label_seq_id 
1 1 Y 1 A MET 101 ? C MET 1  
2 1 Y 1 A GLU 102 ? C GLU 2  
3 1 Y 1 A GLN 188 ? C GLN 88 
4 1 Y 1 A LYS 189 ? C LYS 89 
5 1 Y 1 A ASP 190 ? C ASP 90 
# 
loop_
_chem_comp_atom.comp_id 
_chem_comp_atom.atom_id 
_chem_comp_atom.type_symbol 
_chem_comp_atom.pdbx_aromatic_flag 
_chem_comp_atom.pdbx_stereo_config 
_chem_comp_atom.pdbx_ordinal 
ALA N      N  N N 1   
ALA CA     C  N S 2   
ALA C      C  N N 3   
ALA O      O  N N 4   
ALA CB     C  N N 5   
ALA OXT    O  N N 6   
ALA H      H  N N 7   
ALA H2     H  N N 8   
ALA HA     H  N N 9   
ALA HB1    H  N N 10  
ALA HB2    H  N N 11  
ALA HB3    H  N N 12  
ALA HXT    H  N N 13  
ARG N      N  N N 14  
ARG CA     C  N S 15  
ARG C      C  N N 16  
ARG O      O  N N 17  
ARG CB     C  N N 18  
ARG CG     C  N N 19  
ARG CD     C  N N 20  
ARG NE     N  N N 21  
ARG CZ     C  N N 22  
ARG NH1    N  N N 23  
ARG NH2    N  N N 24  
ARG OXT    O  N N 25  
ARG H      H  N N 26  
ARG H2     H  N N 27  
ARG HA     H  N N 28  
ARG HB2    H  N N 29  
ARG HB3    H  N N 30  
ARG HG2    H  N N 31  
ARG HG3    H  N N 32  
ARG HD2    H  N N 33  
ARG HD3    H  N N 34  
ARG HE     H  N N 35  
ARG HH11   H  N N 36  
ARG HH12   H  N N 37  
ARG HH21   H  N N 38  
ARG HH22   H  N N 39  
ARG HXT    H  N N 40  
ASN N      N  N N 41  
ASN CA     C  N S 42  
ASN C      C  N N 43  
ASN O      O  N N 44  
ASN CB     C  N N 45  
ASN CG     C  N N 46  
ASN OD1    O  N N 47  
ASN ND2    N  N N 48  
ASN OXT    O  N N 49  
ASN H      H  N N 50  
ASN H2     H  N N 51  
ASN HA     H  N N 52  
ASN HB2    H  N N 53  
ASN HB3    H  N N 54  
ASN HD21   H  N N 55  
ASN HD22   H  N N 56  
ASN HXT    H  N N 57  
ASP N      N  N N 58  
ASP CA     C  N S 59  
ASP C      C  N N 60  
ASP O      O  N N 61  
ASP CB     C  N N 62  
ASP CG     C  N N 63  
ASP OD1    O  N N 64  
ASP OD2    O  N N 65  
ASP OXT    O  N N 66  
ASP H      H  N N 67  
ASP H2     H  N N 68  
ASP HA     H  N N 69  
ASP HB2    H  N N 70  
ASP HB3    H  N N 71  
ASP HD2    H  N N 72  
ASP HXT    H  N N 73  
CYS N      N  N N 74  
CYS CA     C  N R 75  
CYS C      C  N N 76  
CYS O      O  N N 77  
CYS CB     C  N N 78  
CYS SG     S  N N 79  
CYS OXT    O  N N 80  
CYS H      H  N N 81  
CYS H2     H  N N 82  
CYS HA     H  N N 83  
CYS HB2    H  N N 84  
CYS HB3    H  N N 85  
CYS HG     H  N N 86  
CYS HXT    H  N N 87  
DA  OP3    O  N N 88  
DA  P      P  N N 89  
DA  OP1    O  N N 90  
DA  OP2    O  N N 91  
DA  "O5'"  O  N N 92  
DA  "C5'"  C  N N 93  
DA  "C4'"  C  N R 94  
DA  "O4'"  O  N N 95  
DA  "C3'"  C  N S 96  
DA  "O3'"  O  N N 97  
DA  "C2'"  C  N N 98  
DA  "C1'"  C  N R 99  
DA  N9     N  Y N 100 
DA  C8     C  Y N 101 
DA  N7     N  Y N 102 
DA  C5     C  Y N 103 
DA  C6     C  Y N 104 
DA  N6     N  N N 105 
DA  N1     N  Y N 106 
DA  C2     C  Y N 107 
DA  N3     N  Y N 108 
DA  C4     C  Y N 109 
DA  HOP3   H  N N 110 
DA  HOP2   H  N N 111 
DA  "H5'"  H  N N 112 
DA  "H5''" H  N N 113 
DA  "H4'"  H  N N 114 
DA  "H3'"  H  N N 115 
DA  "HO3'" H  N N 116 
DA  "H2'"  H  N N 117 
DA  "H2''" H  N N 118 
DA  "H1'"  H  N N 119 
DA  H8     H  N N 120 
DA  H61    H  N N 121 
DA  H62    H  N N 122 
DA  H2     H  N N 123 
DC  OP3    O  N N 124 
DC  P      P  N N 125 
DC  OP1    O  N N 126 
DC  OP2    O  N N 127 
DC  "O5'"  O  N N 128 
DC  "C5'"  C  N N 129 
DC  "C4'"  C  N R 130 
DC  "O4'"  O  N N 131 
DC  "C3'"  C  N S 132 
DC  "O3'"  O  N N 133 
DC  "C2'"  C  N N 134 
DC  "C1'"  C  N R 135 
DC  N1     N  N N 136 
DC  C2     C  N N 137 
DC  O2     O  N N 138 
DC  N3     N  N N 139 
DC  C4     C  N N 140 
DC  N4     N  N N 141 
DC  C5     C  N N 142 
DC  C6     C  N N 143 
DC  HOP3   H  N N 144 
DC  HOP2   H  N N 145 
DC  "H5'"  H  N N 146 
DC  "H5''" H  N N 147 
DC  "H4'"  H  N N 148 
DC  "H3'"  H  N N 149 
DC  "HO3'" H  N N 150 
DC  "H2'"  H  N N 151 
DC  "H2''" H  N N 152 
DC  "H1'"  H  N N 153 
DC  H41    H  N N 154 
DC  H42    H  N N 155 
DC  H5     H  N N 156 
DC  H6     H  N N 157 
DG  OP3    O  N N 158 
DG  P      P  N N 159 
DG  OP1    O  N N 160 
DG  OP2    O  N N 161 
DG  "O5'"  O  N N 162 
DG  "C5'"  C  N N 163 
DG  "C4'"  C  N R 164 
DG  "O4'"  O  N N 165 
DG  "C3'"  C  N S 166 
DG  "O3'"  O  N N 167 
DG  "C2'"  C  N N 168 
DG  "C1'"  C  N R 169 
DG  N9     N  Y N 170 
DG  C8     C  Y N 171 
DG  N7     N  Y N 172 
DG  C5     C  Y N 173 
DG  C6     C  N N 174 
DG  O6     O  N N 175 
DG  N1     N  N N 176 
DG  C2     C  N N 177 
DG  N2     N  N N 178 
DG  N3     N  N N 179 
DG  C4     C  Y N 180 
DG  HOP3   H  N N 181 
DG  HOP2   H  N N 182 
DG  "H5'"  H  N N 183 
DG  "H5''" H  N N 184 
DG  "H4'"  H  N N 185 
DG  "H3'"  H  N N 186 
DG  "HO3'" H  N N 187 
DG  "H2'"  H  N N 188 
DG  "H2''" H  N N 189 
DG  "H1'"  H  N N 190 
DG  H8     H  N N 191 
DG  H1     H  N N 192 
DG  H21    H  N N 193 
DG  H22    H  N N 194 
DT  OP3    O  N N 195 
DT  P      P  N N 196 
DT  OP1    O  N N 197 
DT  OP2    O  N N 198 
DT  "O5'"  O  N N 199 
DT  "C5'"  C  N N 200 
DT  "C4'"  C  N R 201 
DT  "O4'"  O  N N 202 
DT  "C3'"  C  N S 203 
DT  "O3'"  O  N N 204 
DT  "C2'"  C  N N 205 
DT  "C1'"  C  N R 206 
DT  N1     N  N N 207 
DT  C2     C  N N 208 
DT  O2     O  N N 209 
DT  N3     N  N N 210 
DT  C4     C  N N 211 
DT  O4     O  N N 212 
DT  C5     C  N N 213 
DT  C7     C  N N 214 
DT  C6     C  N N 215 
DT  HOP3   H  N N 216 
DT  HOP2   H  N N 217 
DT  "H5'"  H  N N 218 
DT  "H5''" H  N N 219 
DT  "H4'"  H  N N 220 
DT  "H3'"  H  N N 221 
DT  "HO3'" H  N N 222 
DT  "H2'"  H  N N 223 
DT  "H2''" H  N N 224 
DT  "H1'"  H  N N 225 
DT  H3     H  N N 226 
DT  H71    H  N N 227 
DT  H72    H  N N 228 
DT  H73    H  N N 229 
DT  H6     H  N N 230 
GLN N      N  N N 231 
GLN CA     C  N S 232 
GLN C      C  N N 233 
GLN O      O  N N 234 
GLN CB     C  N N 235 
GLN CG     C  N N 236 
GLN CD     C  N N 237 
GLN OE1    O  N N 238 
GLN NE2    N  N N 239 
GLN OXT    O  N N 240 
GLN H      H  N N 241 
GLN H2     H  N N 242 
GLN HA     H  N N 243 
GLN HB2    H  N N 244 
GLN HB3    H  N N 245 
GLN HG2    H  N N 246 
GLN HG3    H  N N 247 
GLN HE21   H  N N 248 
GLN HE22   H  N N 249 
GLN HXT    H  N N 250 
GLU N      N  N N 251 
GLU CA     C  N S 252 
GLU C      C  N N 253 
GLU O      O  N N 254 
GLU CB     C  N N 255 
GLU CG     C  N N 256 
GLU CD     C  N N 257 
GLU OE1    O  N N 258 
GLU OE2    O  N N 259 
GLU OXT    O  N N 260 
GLU H      H  N N 261 
GLU H2     H  N N 262 
GLU HA     H  N N 263 
GLU HB2    H  N N 264 
GLU HB3    H  N N 265 
GLU HG2    H  N N 266 
GLU HG3    H  N N 267 
GLU HE2    H  N N 268 
GLU HXT    H  N N 269 
GLY N      N  N N 270 
GLY CA     C  N N 271 
GLY C      C  N N 272 
GLY O      O  N N 273 
GLY OXT    O  N N 274 
GLY H      H  N N 275 
GLY H2     H  N N 276 
GLY HA2    H  N N 277 
GLY HA3    H  N N 278 
GLY HXT    H  N N 279 
HIS N      N  N N 280 
HIS CA     C  N S 281 
HIS C      C  N N 282 
HIS O      O  N N 283 
HIS CB     C  N N 284 
HIS CG     C  Y N 285 
HIS ND1    N  Y N 286 
HIS CD2    C  Y N 287 
HIS CE1    C  Y N 288 
HIS NE2    N  Y N 289 
HIS OXT    O  N N 290 
HIS H      H  N N 291 
HIS H2     H  N N 292 
HIS HA     H  N N 293 
HIS HB2    H  N N 294 
HIS HB3    H  N N 295 
HIS HD1    H  N N 296 
HIS HD2    H  N N 297 
HIS HE1    H  N N 298 
HIS HE2    H  N N 299 
HIS HXT    H  N N 300 
HOH O      O  N N 301 
HOH H1     H  N N 302 
HOH H2     H  N N 303 
ILE N      N  N N 304 
ILE CA     C  N S 305 
ILE C      C  N N 306 
ILE O      O  N N 307 
ILE CB     C  N S 308 
ILE CG1    C  N N 309 
ILE CG2    C  N N 310 
ILE CD1    C  N N 311 
ILE OXT    O  N N 312 
ILE H      H  N N 313 
ILE H2     H  N N 314 
ILE HA     H  N N 315 
ILE HB     H  N N 316 
ILE HG12   H  N N 317 
ILE HG13   H  N N 318 
ILE HG21   H  N N 319 
ILE HG22   H  N N 320 
ILE HG23   H  N N 321 
ILE HD11   H  N N 322 
ILE HD12   H  N N 323 
ILE HD13   H  N N 324 
ILE HXT    H  N N 325 
LEU N      N  N N 326 
LEU CA     C  N S 327 
LEU C      C  N N 328 
LEU O      O  N N 329 
LEU CB     C  N N 330 
LEU CG     C  N N 331 
LEU CD1    C  N N 332 
LEU CD2    C  N N 333 
LEU OXT    O  N N 334 
LEU H      H  N N 335 
LEU H2     H  N N 336 
LEU HA     H  N N 337 
LEU HB2    H  N N 338 
LEU HB3    H  N N 339 
LEU HG     H  N N 340 
LEU HD11   H  N N 341 
LEU HD12   H  N N 342 
LEU HD13   H  N N 343 
LEU HD21   H  N N 344 
LEU HD22   H  N N 345 
LEU HD23   H  N N 346 
LEU HXT    H  N N 347 
LYS N      N  N N 348 
LYS CA     C  N S 349 
LYS C      C  N N 350 
LYS O      O  N N 351 
LYS CB     C  N N 352 
LYS CG     C  N N 353 
LYS CD     C  N N 354 
LYS CE     C  N N 355 
LYS NZ     N  N N 356 
LYS OXT    O  N N 357 
LYS H      H  N N 358 
LYS H2     H  N N 359 
LYS HA     H  N N 360 
LYS HB2    H  N N 361 
LYS HB3    H  N N 362 
LYS HG2    H  N N 363 
LYS HG3    H  N N 364 
LYS HD2    H  N N 365 
LYS HD3    H  N N 366 
LYS HE2    H  N N 367 
LYS HE3    H  N N 368 
LYS HZ1    H  N N 369 
LYS HZ2    H  N N 370 
LYS HZ3    H  N N 371 
LYS HXT    H  N N 372 
MET N      N  N N 373 
MET CA     C  N S 374 
MET C      C  N N 375 
MET O      O  N N 376 
MET CB     C  N N 377 
MET CG     C  N N 378 
MET SD     S  N N 379 
MET CE     C  N N 380 
MET OXT    O  N N 381 
MET H      H  N N 382 
MET H2     H  N N 383 
MET HA     H  N N 384 
MET HB2    H  N N 385 
MET HB3    H  N N 386 
MET HG2    H  N N 387 
MET HG3    H  N N 388 
MET HE1    H  N N 389 
MET HE2    H  N N 390 
MET HE3    H  N N 391 
MET HXT    H  N N 392 
PHE N      N  N N 393 
PHE CA     C  N S 394 
PHE C      C  N N 395 
PHE O      O  N N 396 
PHE CB     C  N N 397 
PHE CG     C  Y N 398 
PHE CD1    C  Y N 399 
PHE CD2    C  Y N 400 
PHE CE1    C  Y N 401 
PHE CE2    C  Y N 402 
PHE CZ     C  Y N 403 
PHE OXT    O  N N 404 
PHE H      H  N N 405 
PHE H2     H  N N 406 
PHE HA     H  N N 407 
PHE HB2    H  N N 408 
PHE HB3    H  N N 409 
PHE HD1    H  N N 410 
PHE HD2    H  N N 411 
PHE HE1    H  N N 412 
PHE HE2    H  N N 413 
PHE HZ     H  N N 414 
PHE HXT    H  N N 415 
PRO N      N  N N 416 
PRO CA     C  N S 417 
PRO C      C  N N 418 
PRO O      O  N N 419 
PRO CB     C  N N 420 
PRO CG     C  N N 421 
PRO CD     C  N N 422 
PRO OXT    O  N N 423 
PRO H      H  N N 424 
PRO HA     H  N N 425 
PRO HB2    H  N N 426 
PRO HB3    H  N N 427 
PRO HG2    H  N N 428 
PRO HG3    H  N N 429 
PRO HD2    H  N N 430 
PRO HD3    H  N N 431 
PRO HXT    H  N N 432 
SER N      N  N N 433 
SER CA     C  N S 434 
SER C      C  N N 435 
SER O      O  N N 436 
SER CB     C  N N 437 
SER OG     O  N N 438 
SER OXT    O  N N 439 
SER H      H  N N 440 
SER H2     H  N N 441 
SER HA     H  N N 442 
SER HB2    H  N N 443 
SER HB3    H  N N 444 
SER HG     H  N N 445 
SER HXT    H  N N 446 
THR N      N  N N 447 
THR CA     C  N S 448 
THR C      C  N N 449 
THR O      O  N N 450 
THR CB     C  N R 451 
THR OG1    O  N N 452 
THR CG2    C  N N 453 
THR OXT    O  N N 454 
THR H      H  N N 455 
THR H2     H  N N 456 
THR HA     H  N N 457 
THR HB     H  N N 458 
THR HG1    H  N N 459 
THR HG21   H  N N 460 
THR HG22   H  N N 461 
THR HG23   H  N N 462 
THR HXT    H  N N 463 
TYR N      N  N N 464 
TYR CA     C  N S 465 
TYR C      C  N N 466 
TYR O      O  N N 467 
TYR CB     C  N N 468 
TYR CG     C  Y N 469 
TYR CD1    C  Y N 470 
TYR CD2    C  Y N 471 
TYR CE1    C  Y N 472 
TYR CE2    C  Y N 473 
TYR CZ     C  Y N 474 
TYR OH     O  N N 475 
TYR OXT    O  N N 476 
TYR H      H  N N 477 
TYR H2     H  N N 478 
TYR HA     H  N N 479 
TYR HB2    H  N N 480 
TYR HB3    H  N N 481 
TYR HD1    H  N N 482 
TYR HD2    H  N N 483 
TYR HE1    H  N N 484 
TYR HE2    H  N N 485 
TYR HH     H  N N 486 
TYR HXT    H  N N 487 
VAL N      N  N N 488 
VAL CA     C  N S 489 
VAL C      C  N N 490 
VAL O      O  N N 491 
VAL CB     C  N N 492 
VAL CG1    C  N N 493 
VAL CG2    C  N N 494 
VAL OXT    O  N N 495 
VAL H      H  N N 496 
VAL H2     H  N N 497 
VAL HA     H  N N 498 
VAL HB     H  N N 499 
VAL HG11   H  N N 500 
VAL HG12   H  N N 501 
VAL HG13   H  N N 502 
VAL HG21   H  N N 503 
VAL HG22   H  N N 504 
VAL HG23   H  N N 505 
VAL HXT    H  N N 506 
ZN  ZN     ZN N N 507 
# 
loop_
_chem_comp_bond.comp_id 
_chem_comp_bond.atom_id_1 
_chem_comp_bond.atom_id_2 
_chem_comp_bond.value_order 
_chem_comp_bond.pdbx_aromatic_flag 
_chem_comp_bond.pdbx_stereo_config 
_chem_comp_bond.pdbx_ordinal 
ALA N     CA     sing N N 1   
ALA N     H      sing N N 2   
ALA N     H2     sing N N 3   
ALA CA    C      sing N N 4   
ALA CA    CB     sing N N 5   
ALA CA    HA     sing N N 6   
ALA C     O      doub N N 7   
ALA C     OXT    sing N N 8   
ALA CB    HB1    sing N N 9   
ALA CB    HB2    sing N N 10  
ALA CB    HB3    sing N N 11  
ALA OXT   HXT    sing N N 12  
ARG N     CA     sing N N 13  
ARG N     H      sing N N 14  
ARG N     H2     sing N N 15  
ARG CA    C      sing N N 16  
ARG CA    CB     sing N N 17  
ARG CA    HA     sing N N 18  
ARG C     O      doub N N 19  
ARG C     OXT    sing N N 20  
ARG CB    CG     sing N N 21  
ARG CB    HB2    sing N N 22  
ARG CB    HB3    sing N N 23  
ARG CG    CD     sing N N 24  
ARG CG    HG2    sing N N 25  
ARG CG    HG3    sing N N 26  
ARG CD    NE     sing N N 27  
ARG CD    HD2    sing N N 28  
ARG CD    HD3    sing N N 29  
ARG NE    CZ     sing N N 30  
ARG NE    HE     sing N N 31  
ARG CZ    NH1    sing N N 32  
ARG CZ    NH2    doub N N 33  
ARG NH1   HH11   sing N N 34  
ARG NH1   HH12   sing N N 35  
ARG NH2   HH21   sing N N 36  
ARG NH2   HH22   sing N N 37  
ARG OXT   HXT    sing N N 38  
ASN N     CA     sing N N 39  
ASN N     H      sing N N 40  
ASN N     H2     sing N N 41  
ASN CA    C      sing N N 42  
ASN CA    CB     sing N N 43  
ASN CA    HA     sing N N 44  
ASN C     O      doub N N 45  
ASN C     OXT    sing N N 46  
ASN CB    CG     sing N N 47  
ASN CB    HB2    sing N N 48  
ASN CB    HB3    sing N N 49  
ASN CG    OD1    doub N N 50  
ASN CG    ND2    sing N N 51  
ASN ND2   HD21   sing N N 52  
ASN ND2   HD22   sing N N 53  
ASN OXT   HXT    sing N N 54  
ASP N     CA     sing N N 55  
ASP N     H      sing N N 56  
ASP N     H2     sing N N 57  
ASP CA    C      sing N N 58  
ASP CA    CB     sing N N 59  
ASP CA    HA     sing N N 60  
ASP C     O      doub N N 61  
ASP C     OXT    sing N N 62  
ASP CB    CG     sing N N 63  
ASP CB    HB2    sing N N 64  
ASP CB    HB3    sing N N 65  
ASP CG    OD1    doub N N 66  
ASP CG    OD2    sing N N 67  
ASP OD2   HD2    sing N N 68  
ASP OXT   HXT    sing N N 69  
CYS N     CA     sing N N 70  
CYS N     H      sing N N 71  
CYS N     H2     sing N N 72  
CYS CA    C      sing N N 73  
CYS CA    CB     sing N N 74  
CYS CA    HA     sing N N 75  
CYS C     O      doub N N 76  
CYS C     OXT    sing N N 77  
CYS CB    SG     sing N N 78  
CYS CB    HB2    sing N N 79  
CYS CB    HB3    sing N N 80  
CYS SG    HG     sing N N 81  
CYS OXT   HXT    sing N N 82  
DA  OP3   P      sing N N 83  
DA  OP3   HOP3   sing N N 84  
DA  P     OP1    doub N N 85  
DA  P     OP2    sing N N 86  
DA  P     "O5'"  sing N N 87  
DA  OP2   HOP2   sing N N 88  
DA  "O5'" "C5'"  sing N N 89  
DA  "C5'" "C4'"  sing N N 90  
DA  "C5'" "H5'"  sing N N 91  
DA  "C5'" "H5''" sing N N 92  
DA  "C4'" "O4'"  sing N N 93  
DA  "C4'" "C3'"  sing N N 94  
DA  "C4'" "H4'"  sing N N 95  
DA  "O4'" "C1'"  sing N N 96  
DA  "C3'" "O3'"  sing N N 97  
DA  "C3'" "C2'"  sing N N 98  
DA  "C3'" "H3'"  sing N N 99  
DA  "O3'" "HO3'" sing N N 100 
DA  "C2'" "C1'"  sing N N 101 
DA  "C2'" "H2'"  sing N N 102 
DA  "C2'" "H2''" sing N N 103 
DA  "C1'" N9     sing N N 104 
DA  "C1'" "H1'"  sing N N 105 
DA  N9    C8     sing Y N 106 
DA  N9    C4     sing Y N 107 
DA  C8    N7     doub Y N 108 
DA  C8    H8     sing N N 109 
DA  N7    C5     sing Y N 110 
DA  C5    C6     sing Y N 111 
DA  C5    C4     doub Y N 112 
DA  C6    N6     sing N N 113 
DA  C6    N1     doub Y N 114 
DA  N6    H61    sing N N 115 
DA  N6    H62    sing N N 116 
DA  N1    C2     sing Y N 117 
DA  C2    N3     doub Y N 118 
DA  C2    H2     sing N N 119 
DA  N3    C4     sing Y N 120 
DC  OP3   P      sing N N 121 
DC  OP3   HOP3   sing N N 122 
DC  P     OP1    doub N N 123 
DC  P     OP2    sing N N 124 
DC  P     "O5'"  sing N N 125 
DC  OP2   HOP2   sing N N 126 
DC  "O5'" "C5'"  sing N N 127 
DC  "C5'" "C4'"  sing N N 128 
DC  "C5'" "H5'"  sing N N 129 
DC  "C5'" "H5''" sing N N 130 
DC  "C4'" "O4'"  sing N N 131 
DC  "C4'" "C3'"  sing N N 132 
DC  "C4'" "H4'"  sing N N 133 
DC  "O4'" "C1'"  sing N N 134 
DC  "C3'" "O3'"  sing N N 135 
DC  "C3'" "C2'"  sing N N 136 
DC  "C3'" "H3'"  sing N N 137 
DC  "O3'" "HO3'" sing N N 138 
DC  "C2'" "C1'"  sing N N 139 
DC  "C2'" "H2'"  sing N N 140 
DC  "C2'" "H2''" sing N N 141 
DC  "C1'" N1     sing N N 142 
DC  "C1'" "H1'"  sing N N 143 
DC  N1    C2     sing N N 144 
DC  N1    C6     sing N N 145 
DC  C2    O2     doub N N 146 
DC  C2    N3     sing N N 147 
DC  N3    C4     doub N N 148 
DC  C4    N4     sing N N 149 
DC  C4    C5     sing N N 150 
DC  N4    H41    sing N N 151 
DC  N4    H42    sing N N 152 
DC  C5    C6     doub N N 153 
DC  C5    H5     sing N N 154 
DC  C6    H6     sing N N 155 
DG  OP3   P      sing N N 156 
DG  OP3   HOP3   sing N N 157 
DG  P     OP1    doub N N 158 
DG  P     OP2    sing N N 159 
DG  P     "O5'"  sing N N 160 
DG  OP2   HOP2   sing N N 161 
DG  "O5'" "C5'"  sing N N 162 
DG  "C5'" "C4'"  sing N N 163 
DG  "C5'" "H5'"  sing N N 164 
DG  "C5'" "H5''" sing N N 165 
DG  "C4'" "O4'"  sing N N 166 
DG  "C4'" "C3'"  sing N N 167 
DG  "C4'" "H4'"  sing N N 168 
DG  "O4'" "C1'"  sing N N 169 
DG  "C3'" "O3'"  sing N N 170 
DG  "C3'" "C2'"  sing N N 171 
DG  "C3'" "H3'"  sing N N 172 
DG  "O3'" "HO3'" sing N N 173 
DG  "C2'" "C1'"  sing N N 174 
DG  "C2'" "H2'"  sing N N 175 
DG  "C2'" "H2''" sing N N 176 
DG  "C1'" N9     sing N N 177 
DG  "C1'" "H1'"  sing N N 178 
DG  N9    C8     sing Y N 179 
DG  N9    C4     sing Y N 180 
DG  C8    N7     doub Y N 181 
DG  C8    H8     sing N N 182 
DG  N7    C5     sing Y N 183 
DG  C5    C6     sing N N 184 
DG  C5    C4     doub Y N 185 
DG  C6    O6     doub N N 186 
DG  C6    N1     sing N N 187 
DG  N1    C2     sing N N 188 
DG  N1    H1     sing N N 189 
DG  C2    N2     sing N N 190 
DG  C2    N3     doub N N 191 
DG  N2    H21    sing N N 192 
DG  N2    H22    sing N N 193 
DG  N3    C4     sing N N 194 
DT  OP3   P      sing N N 195 
DT  OP3   HOP3   sing N N 196 
DT  P     OP1    doub N N 197 
DT  P     OP2    sing N N 198 
DT  P     "O5'"  sing N N 199 
DT  OP2   HOP2   sing N N 200 
DT  "O5'" "C5'"  sing N N 201 
DT  "C5'" "C4'"  sing N N 202 
DT  "C5'" "H5'"  sing N N 203 
DT  "C5'" "H5''" sing N N 204 
DT  "C4'" "O4'"  sing N N 205 
DT  "C4'" "C3'"  sing N N 206 
DT  "C4'" "H4'"  sing N N 207 
DT  "O4'" "C1'"  sing N N 208 
DT  "C3'" "O3'"  sing N N 209 
DT  "C3'" "C2'"  sing N N 210 
DT  "C3'" "H3'"  sing N N 211 
DT  "O3'" "HO3'" sing N N 212 
DT  "C2'" "C1'"  sing N N 213 
DT  "C2'" "H2'"  sing N N 214 
DT  "C2'" "H2''" sing N N 215 
DT  "C1'" N1     sing N N 216 
DT  "C1'" "H1'"  sing N N 217 
DT  N1    C2     sing N N 218 
DT  N1    C6     sing N N 219 
DT  C2    O2     doub N N 220 
DT  C2    N3     sing N N 221 
DT  N3    C4     sing N N 222 
DT  N3    H3     sing N N 223 
DT  C4    O4     doub N N 224 
DT  C4    C5     sing N N 225 
DT  C5    C7     sing N N 226 
DT  C5    C6     doub N N 227 
DT  C7    H71    sing N N 228 
DT  C7    H72    sing N N 229 
DT  C7    H73    sing N N 230 
DT  C6    H6     sing N N 231 
GLN N     CA     sing N N 232 
GLN N     H      sing N N 233 
GLN N     H2     sing N N 234 
GLN CA    C      sing N N 235 
GLN CA    CB     sing N N 236 
GLN CA    HA     sing N N 237 
GLN C     O      doub N N 238 
GLN C     OXT    sing N N 239 
GLN CB    CG     sing N N 240 
GLN CB    HB2    sing N N 241 
GLN CB    HB3    sing N N 242 
GLN CG    CD     sing N N 243 
GLN CG    HG2    sing N N 244 
GLN CG    HG3    sing N N 245 
GLN CD    OE1    doub N N 246 
GLN CD    NE2    sing N N 247 
GLN NE2   HE21   sing N N 248 
GLN NE2   HE22   sing N N 249 
GLN OXT   HXT    sing N N 250 
GLU N     CA     sing N N 251 
GLU N     H      sing N N 252 
GLU N     H2     sing N N 253 
GLU CA    C      sing N N 254 
GLU CA    CB     sing N N 255 
GLU CA    HA     sing N N 256 
GLU C     O      doub N N 257 
GLU C     OXT    sing N N 258 
GLU CB    CG     sing N N 259 
GLU CB    HB2    sing N N 260 
GLU CB    HB3    sing N N 261 
GLU CG    CD     sing N N 262 
GLU CG    HG2    sing N N 263 
GLU CG    HG3    sing N N 264 
GLU CD    OE1    doub N N 265 
GLU CD    OE2    sing N N 266 
GLU OE2   HE2    sing N N 267 
GLU OXT   HXT    sing N N 268 
GLY N     CA     sing N N 269 
GLY N     H      sing N N 270 
GLY N     H2     sing N N 271 
GLY CA    C      sing N N 272 
GLY CA    HA2    sing N N 273 
GLY CA    HA3    sing N N 274 
GLY C     O      doub N N 275 
GLY C     OXT    sing N N 276 
GLY OXT   HXT    sing N N 277 
HIS N     CA     sing N N 278 
HIS N     H      sing N N 279 
HIS N     H2     sing N N 280 
HIS CA    C      sing N N 281 
HIS CA    CB     sing N N 282 
HIS CA    HA     sing N N 283 
HIS C     O      doub N N 284 
HIS C     OXT    sing N N 285 
HIS CB    CG     sing N N 286 
HIS CB    HB2    sing N N 287 
HIS CB    HB3    sing N N 288 
HIS CG    ND1    sing Y N 289 
HIS CG    CD2    doub Y N 290 
HIS ND1   CE1    doub Y N 291 
HIS ND1   HD1    sing N N 292 
HIS CD2   NE2    sing Y N 293 
HIS CD2   HD2    sing N N 294 
HIS CE1   NE2    sing Y N 295 
HIS CE1   HE1    sing N N 296 
HIS NE2   HE2    sing N N 297 
HIS OXT   HXT    sing N N 298 
HOH O     H1     sing N N 299 
HOH O     H2     sing N N 300 
ILE N     CA     sing N N 301 
ILE N     H      sing N N 302 
ILE N     H2     sing N N 303 
ILE CA    C      sing N N 304 
ILE CA    CB     sing N N 305 
ILE CA    HA     sing N N 306 
ILE C     O      doub N N 307 
ILE C     OXT    sing N N 308 
ILE CB    CG1    sing N N 309 
ILE CB    CG2    sing N N 310 
ILE CB    HB     sing N N 311 
ILE CG1   CD1    sing N N 312 
ILE CG1   HG12   sing N N 313 
ILE CG1   HG13   sing N N 314 
ILE CG2   HG21   sing N N 315 
ILE CG2   HG22   sing N N 316 
ILE CG2   HG23   sing N N 317 
ILE CD1   HD11   sing N N 318 
ILE CD1   HD12   sing N N 319 
ILE CD1   HD13   sing N N 320 
ILE OXT   HXT    sing N N 321 
LEU N     CA     sing N N 322 
LEU N     H      sing N N 323 
LEU N     H2     sing N N 324 
LEU CA    C      sing N N 325 
LEU CA    CB     sing N N 326 
LEU CA    HA     sing N N 327 
LEU C     O      doub N N 328 
LEU C     OXT    sing N N 329 
LEU CB    CG     sing N N 330 
LEU CB    HB2    sing N N 331 
LEU CB    HB3    sing N N 332 
LEU CG    CD1    sing N N 333 
LEU CG    CD2    sing N N 334 
LEU CG    HG     sing N N 335 
LEU CD1   HD11   sing N N 336 
LEU CD1   HD12   sing N N 337 
LEU CD1   HD13   sing N N 338 
LEU CD2   HD21   sing N N 339 
LEU CD2   HD22   sing N N 340 
LEU CD2   HD23   sing N N 341 
LEU OXT   HXT    sing N N 342 
LYS N     CA     sing N N 343 
LYS N     H      sing N N 344 
LYS N     H2     sing N N 345 
LYS CA    C      sing N N 346 
LYS CA    CB     sing N N 347 
LYS CA    HA     sing N N 348 
LYS C     O      doub N N 349 
LYS C     OXT    sing N N 350 
LYS CB    CG     sing N N 351 
LYS CB    HB2    sing N N 352 
LYS CB    HB3    sing N N 353 
LYS CG    CD     sing N N 354 
LYS CG    HG2    sing N N 355 
LYS CG    HG3    sing N N 356 
LYS CD    CE     sing N N 357 
LYS CD    HD2    sing N N 358 
LYS CD    HD3    sing N N 359 
LYS CE    NZ     sing N N 360 
LYS CE    HE2    sing N N 361 
LYS CE    HE3    sing N N 362 
LYS NZ    HZ1    sing N N 363 
LYS NZ    HZ2    sing N N 364 
LYS NZ    HZ3    sing N N 365 
LYS OXT   HXT    sing N N 366 
MET N     CA     sing N N 367 
MET N     H      sing N N 368 
MET N     H2     sing N N 369 
MET CA    C      sing N N 370 
MET CA    CB     sing N N 371 
MET CA    HA     sing N N 372 
MET C     O      doub N N 373 
MET C     OXT    sing N N 374 
MET CB    CG     sing N N 375 
MET CB    HB2    sing N N 376 
MET CB    HB3    sing N N 377 
MET CG    SD     sing N N 378 
MET CG    HG2    sing N N 379 
MET CG    HG3    sing N N 380 
MET SD    CE     sing N N 381 
MET CE    HE1    sing N N 382 
MET CE    HE2    sing N N 383 
MET CE    HE3    sing N N 384 
MET OXT   HXT    sing N N 385 
PHE N     CA     sing N N 386 
PHE N     H      sing N N 387 
PHE N     H2     sing N N 388 
PHE CA    C      sing N N 389 
PHE CA    CB     sing N N 390 
PHE CA    HA     sing N N 391 
PHE C     O      doub N N 392 
PHE C     OXT    sing N N 393 
PHE CB    CG     sing N N 394 
PHE CB    HB2    sing N N 395 
PHE CB    HB3    sing N N 396 
PHE CG    CD1    doub Y N 397 
PHE CG    CD2    sing Y N 398 
PHE CD1   CE1    sing Y N 399 
PHE CD1   HD1    sing N N 400 
PHE CD2   CE2    doub Y N 401 
PHE CD2   HD2    sing N N 402 
PHE CE1   CZ     doub Y N 403 
PHE CE1   HE1    sing N N 404 
PHE CE2   CZ     sing Y N 405 
PHE CE2   HE2    sing N N 406 
PHE CZ    HZ     sing N N 407 
PHE OXT   HXT    sing N N 408 
PRO N     CA     sing N N 409 
PRO N     CD     sing N N 410 
PRO N     H      sing N N 411 
PRO CA    C      sing N N 412 
PRO CA    CB     sing N N 413 
PRO CA    HA     sing N N 414 
PRO C     O      doub N N 415 
PRO C     OXT    sing N N 416 
PRO CB    CG     sing N N 417 
PRO CB    HB2    sing N N 418 
PRO CB    HB3    sing N N 419 
PRO CG    CD     sing N N 420 
PRO CG    HG2    sing N N 421 
PRO CG    HG3    sing N N 422 
PRO CD    HD2    sing N N 423 
PRO CD    HD3    sing N N 424 
PRO OXT   HXT    sing N N 425 
SER N     CA     sing N N 426 
SER N     H      sing N N 427 
SER N     H2     sing N N 428 
SER CA    C      sing N N 429 
SER CA    CB     sing N N 430 
SER CA    HA     sing N N 431 
SER C     O      doub N N 432 
SER C     OXT    sing N N 433 
SER CB    OG     sing N N 434 
SER CB    HB2    sing N N 435 
SER CB    HB3    sing N N 436 
SER OG    HG     sing N N 437 
SER OXT   HXT    sing N N 438 
THR N     CA     sing N N 439 
THR N     H      sing N N 440 
THR N     H2     sing N N 441 
THR CA    C      sing N N 442 
THR CA    CB     sing N N 443 
THR CA    HA     sing N N 444 
THR C     O      doub N N 445 
THR C     OXT    sing N N 446 
THR CB    OG1    sing N N 447 
THR CB    CG2    sing N N 448 
THR CB    HB     sing N N 449 
THR OG1   HG1    sing N N 450 
THR CG2   HG21   sing N N 451 
THR CG2   HG22   sing N N 452 
THR CG2   HG23   sing N N 453 
THR OXT   HXT    sing N N 454 
TYR N     CA     sing N N 455 
TYR N     H      sing N N 456 
TYR N     H2     sing N N 457 
TYR CA    C      sing N N 458 
TYR CA    CB     sing N N 459 
TYR CA    HA     sing N N 460 
TYR C     O      doub N N 461 
TYR C     OXT    sing N N 462 
TYR CB    CG     sing N N 463 
TYR CB    HB2    sing N N 464 
TYR CB    HB3    sing N N 465 
TYR CG    CD1    doub Y N 466 
TYR CG    CD2    sing Y N 467 
TYR CD1   CE1    sing Y N 468 
TYR CD1   HD1    sing N N 469 
TYR CD2   CE2    doub Y N 470 
TYR CD2   HD2    sing N N 471 
TYR CE1   CZ     doub Y N 472 
TYR CE1   HE1    sing N N 473 
TYR CE2   CZ     sing Y N 474 
TYR CE2   HE2    sing N N 475 
TYR CZ    OH     sing N N 476 
TYR OH    HH     sing N N 477 
TYR OXT   HXT    sing N N 478 
VAL N     CA     sing N N 479 
VAL N     H      sing N N 480 
VAL N     H2     sing N N 481 
VAL CA    C      sing N N 482 
VAL CA    CB     sing N N 483 
VAL CA    HA     sing N N 484 
VAL C     O      doub N N 485 
VAL C     OXT    sing N N 486 
VAL CB    CG1    sing N N 487 
VAL CB    CG2    sing N N 488 
VAL CB    HB     sing N N 489 
VAL CG1   HG11   sing N N 490 
VAL CG1   HG12   sing N N 491 
VAL CG1   HG13   sing N N 492 
VAL CG2   HG21   sing N N 493 
VAL CG2   HG22   sing N N 494 
VAL CG2   HG23   sing N N 495 
VAL OXT   HXT    sing N N 496 
# 
loop_
_ndb_struct_conf_na.entry_id 
_ndb_struct_conf_na.feature 
1JK2 'double helix'        
1JK2 'b-form double helix' 
# 
loop_
_ndb_struct_na_base_pair.model_number 
_ndb_struct_na_base_pair.i_label_asym_id 
_ndb_struct_na_base_pair.i_label_comp_id 
_ndb_struct_na_base_pair.i_label_seq_id 
_ndb_struct_na_base_pair.i_symmetry 
_ndb_struct_na_base_pair.j_label_asym_id 
_ndb_struct_na_base_pair.j_label_comp_id 
_ndb_struct_na_base_pair.j_label_seq_id 
_ndb_struct_na_base_pair.j_symmetry 
_ndb_struct_na_base_pair.shear 
_ndb_struct_na_base_pair.stretch 
_ndb_struct_na_base_pair.stagger 
_ndb_struct_na_base_pair.buckle 
_ndb_struct_na_base_pair.propeller 
_ndb_struct_na_base_pair.opening 
_ndb_struct_na_base_pair.pair_number 
_ndb_struct_na_base_pair.pair_name 
_ndb_struct_na_base_pair.i_auth_asym_id 
_ndb_struct_na_base_pair.i_auth_seq_id 
_ndb_struct_na_base_pair.i_PDB_ins_code 
_ndb_struct_na_base_pair.j_auth_asym_id 
_ndb_struct_na_base_pair.j_auth_seq_id 
_ndb_struct_na_base_pair.j_PDB_ins_code 
_ndb_struct_na_base_pair.hbond_type_28 
_ndb_struct_na_base_pair.hbond_type_12 
1 A DG 2  1_555 B DC 11 1_555 -0.314 -0.130 -0.008 -3.081 -2.648  0.860  1  B_DG2:DC61_C  B 2  ? C 61 ? 19 1 
1 A DC 3  1_555 B DG 10 1_555 0.396  -0.247 -0.266 12.866 -5.222  -0.077 2  B_DC3:DG60_C  B 3  ? C 60 ? 19 1 
1 A DG 4  1_555 B DC 9  1_555 -0.496 -0.100 -0.009 -5.672 -1.562  2.341  3  B_DG4:DC59_C  B 4  ? C 59 ? 19 1 
1 A DT 5  1_555 B DA 8  1_555 -0.158 -0.099 0.014  3.395  -2.027  3.840  4  B_DT5:DA58_C  B 5  ? C 58 ? 20 1 
1 A DG 6  1_555 B DC 7  1_555 -0.153 -0.159 0.046  4.506  -8.749  0.215  5  B_DG6:DC57_C  B 6  ? C 57 ? 19 1 
1 A DG 7  1_555 B DC 6  1_555 -0.348 -0.108 -0.069 -2.122 -7.071  -1.192 6  B_DG7:DC56_C  B 7  ? C 56 ? 19 1 
1 A DG 8  1_555 B DC 5  1_555 -0.397 -0.185 -0.042 -0.124 -12.405 -0.259 7  B_DG8:DC55_C  B 8  ? C 55 ? 19 1 
1 A DC 9  1_555 B DG 4  1_555 0.221  -0.096 -0.238 2.329  -7.290  -1.209 8  B_DC9:DG54_C  B 9  ? C 54 ? 19 1 
1 A DT 10 1_555 B DA 3  1_555 -0.424 -0.196 -0.056 2.151  -9.812  6.409  9  B_DT10:DA53_C B 10 ? C 53 ? 20 1 
1 A DG 11 1_555 B DC 2  1_555 -0.158 -0.092 -0.173 -4.791 -14.349 -1.364 10 B_DG11:DC52_C B 11 ? C 52 ? 19 1 
# 
loop_
_ndb_struct_na_base_pair_step.model_number 
_ndb_struct_na_base_pair_step.i_label_asym_id_1 
_ndb_struct_na_base_pair_step.i_label_comp_id_1 
_ndb_struct_na_base_pair_step.i_label_seq_id_1 
_ndb_struct_na_base_pair_step.i_symmetry_1 
_ndb_struct_na_base_pair_step.j_label_asym_id_1 
_ndb_struct_na_base_pair_step.j_label_comp_id_1 
_ndb_struct_na_base_pair_step.j_label_seq_id_1 
_ndb_struct_na_base_pair_step.j_symmetry_1 
_ndb_struct_na_base_pair_step.i_label_asym_id_2 
_ndb_struct_na_base_pair_step.i_label_comp_id_2 
_ndb_struct_na_base_pair_step.i_label_seq_id_2 
_ndb_struct_na_base_pair_step.i_symmetry_2 
_ndb_struct_na_base_pair_step.j_label_asym_id_2 
_ndb_struct_na_base_pair_step.j_label_comp_id_2 
_ndb_struct_na_base_pair_step.j_label_seq_id_2 
_ndb_struct_na_base_pair_step.j_symmetry_2 
_ndb_struct_na_base_pair_step.shift 
_ndb_struct_na_base_pair_step.slide 
_ndb_struct_na_base_pair_step.rise 
_ndb_struct_na_base_pair_step.tilt 
_ndb_struct_na_base_pair_step.roll 
_ndb_struct_na_base_pair_step.twist 
_ndb_struct_na_base_pair_step.x_displacement 
_ndb_struct_na_base_pair_step.y_displacement 
_ndb_struct_na_base_pair_step.helical_rise 
_ndb_struct_na_base_pair_step.inclination 
_ndb_struct_na_base_pair_step.tip 
_ndb_struct_na_base_pair_step.helical_twist 
_ndb_struct_na_base_pair_step.step_number 
_ndb_struct_na_base_pair_step.step_name 
_ndb_struct_na_base_pair_step.i_auth_asym_id_1 
_ndb_struct_na_base_pair_step.i_auth_seq_id_1 
_ndb_struct_na_base_pair_step.i_PDB_ins_code_1 
_ndb_struct_na_base_pair_step.j_auth_asym_id_1 
_ndb_struct_na_base_pair_step.j_auth_seq_id_1 
_ndb_struct_na_base_pair_step.j_PDB_ins_code_1 
_ndb_struct_na_base_pair_step.i_auth_asym_id_2 
_ndb_struct_na_base_pair_step.i_auth_seq_id_2 
_ndb_struct_na_base_pair_step.i_PDB_ins_code_2 
_ndb_struct_na_base_pair_step.j_auth_asym_id_2 
_ndb_struct_na_base_pair_step.j_auth_seq_id_2 
_ndb_struct_na_base_pair_step.j_PDB_ins_code_2 
1 A DG 2  1_555 B DC 11 1_555 A DC 3  1_555 B DG 10 1_555 0.806  -0.365 2.914 2.713  6.183  23.899 -2.512 -1.146 2.804 14.563 
-6.390 24.822 1 BB_DG2DC3:DG60DC61_CC   B 2  ? C 61 ? B 3  ? C 60 ? 
1 A DC 3  1_555 B DG 10 1_555 A DG 4  1_555 B DC 9  1_555 -0.518 -0.480 3.581 -4.297 9.275  35.616 -2.113 0.188  3.392 14.792 
6.852  37.008 2 BB_DC3DG4:DC59DG60_CC   B 3  ? C 60 ? B 4  ? C 59 ? 
1 A DG 4  1_555 B DC 9  1_555 A DT 5  1_555 B DA 8  1_555 0.243  -0.677 3.252 0.273  8.712  26.570 -3.398 -0.440 2.890 18.339 
-0.575 27.938 3 BB_DG4DT5:DA58DC59_CC   B 4  ? C 59 ? B 5  ? C 58 ? 
1 A DT 5  1_555 B DA 8  1_555 A DG 6  1_555 B DC 7  1_555 -1.234 -0.114 3.294 -4.302 2.872  36.035 -0.593 1.362  3.395 4.612  
6.910  36.392 4 BB_DT5DG6:DC57DA58_CC   B 5  ? C 58 ? B 6  ? C 57 ? 
1 A DG 6  1_555 B DC 7  1_555 A DG 7  1_555 B DC 6  1_555 -0.837 -0.731 3.432 -3.705 4.330  32.530 -2.058 0.814  3.381 7.657  
6.551  33.013 5 BB_DG6DG7:DC56DC57_CC   B 6  ? C 57 ? B 7  ? C 56 ? 
1 A DG 7  1_555 B DC 6  1_555 A DG 8  1_555 B DC 5  1_555 -0.194 -0.437 3.281 -4.117 4.983  35.008 -1.440 -0.281 3.192 8.197  
6.772  35.581 6 BB_DG7DG8:DC55DC56_CC   B 7  ? C 56 ? B 8  ? C 55 ? 
1 A DG 8  1_555 B DC 5  1_555 A DC 9  1_555 B DG 4  1_555 0.643  -0.605 3.229 3.061  -0.637 32.355 -0.970 -0.614 3.285 -1.139 
-5.478 32.502 7 BB_DG8DC9:DG54DC55_CC   B 8  ? C 55 ? B 9  ? C 54 ? 
1 A DC 9  1_555 B DG 4  1_555 A DT 10 1_555 B DA 3  1_555 -0.348 -0.240 3.394 -0.912 5.468  28.469 -1.725 0.487  3.300 10.988 
1.832  28.993 8 BB_DC9DT10:DA53DG54_CC  B 9  ? C 54 ? B 10 ? C 53 ? 
1 A DT 10 1_555 B DA 3  1_555 A DG 11 1_555 B DC 2  1_555 0.095  -0.158 3.542 0.500  8.293  34.340 -1.585 -0.078 3.413 13.797 
-0.832 35.301 9 BB_DT10DG11:DC52DA53_CC B 10 ? C 53 ? B 11 ? C 52 ? 
# 
_pdbx_initial_refinement_model.accession_code   ? 
_pdbx_initial_refinement_model.id               1 
_pdbx_initial_refinement_model.entity_id_list   ? 
_pdbx_initial_refinement_model.type             'experimental model' 
_pdbx_initial_refinement_model.source_name      Other 
_pdbx_initial_refinement_model.details          
'D20A bound to the wt site with the change to the DNA and waters and side chains of residues 18, 21 removed' 
# 
_atom_sites.entry_id                    1JK2 
_atom_sites.fract_transf_matrix[1][1]   0.00315876 
_atom_sites.fract_transf_matrix[1][2]   0.02230974 
_atom_sites.fract_transf_matrix[1][3]   0.00428462 
_atom_sites.fract_transf_matrix[2][1]   -0.01725392 
_atom_sites.fract_transf_matrix[2][2]   0.00308277 
_atom_sites.fract_transf_matrix[2][3]   -0.00333166 
_atom_sites.fract_transf_matrix[3][1]   -0.00162602 
_atom_sites.fract_transf_matrix[3][2]   -0.00117772 
_atom_sites.fract_transf_matrix[3][3]   0.00733105 
_atom_sites.fract_transf_vector[1]      0.089556 
_atom_sites.fract_transf_vector[2]      0.170254 
_atom_sites.fract_transf_vector[3]      0.370591 
# 
loop_
_atom_type.symbol 
C  
N  
O  
P  
S  
ZN 
# 
loop_
_atom_site.group_PDB 
_atom_site.id 
_atom_site.type_symbol 
_atom_site.label_atom_id 
_atom_site.label_alt_id 
_atom_site.label_comp_id 
_atom_site.label_asym_id 
_atom_site.label_entity_id 
_atom_site.label_seq_id 
_atom_site.pdbx_PDB_ins_code 
_atom_site.Cartn_x 
_atom_site.Cartn_y 
_atom_site.Cartn_z 
_atom_site.occupancy 
_atom_site.B_iso_or_equiv 
_atom_site.pdbx_formal_charge 
_atom_site.auth_seq_id 
_atom_site.auth_comp_id 
_atom_site.auth_asym_id 
_atom_site.auth_atom_id 
_atom_site.pdbx_PDB_model_num 
ATOM   1    O  "O5'" . DA  A 1 1  ? -11.687 11.897  -9.162  1.00 22.13  ? 1   DA  B "O5'" 1 
ATOM   2    C  "C5'" . DA  A 1 1  ? -11.754 13.266  -9.553  1.00 21.86  ? 1   DA  B "C5'" 1 
ATOM   3    C  "C4'" . DA  A 1 1  ? -10.961 14.176  -8.642  1.00 22.66  ? 1   DA  B "C4'" 1 
ATOM   4    O  "O4'" . DA  A 1 1  ? -11.553 14.209  -7.322  1.00 21.44  ? 1   DA  B "O4'" 1 
ATOM   5    C  "C3'" . DA  A 1 1  ? -9.501  13.767  -8.434  1.00 23.18  ? 1   DA  B "C3'" 1 
ATOM   6    O  "O3'" . DA  A 1 1  ? -8.692  14.939  -8.303  1.00 25.87  ? 1   DA  B "O3'" 1 
ATOM   7    C  "C2'" . DA  A 1 1  ? -9.534  13.036  -7.111  1.00 21.66  ? 1   DA  B "C2'" 1 
ATOM   8    C  "C1'" . DA  A 1 1  ? -10.589 13.826  -6.356  1.00 20.55  ? 1   DA  B "C1'" 1 
ATOM   9    N  N9    . DA  A 1 1  ? -11.273 13.025  -5.356  1.00 18.90  ? 1   DA  B N9    1 
ATOM   10   C  C8    . DA  A 1 1  ? -11.301 13.194  -3.996  1.00 18.05  ? 1   DA  B C8    1 
ATOM   11   N  N7    . DA  A 1 1  ? -12.025 12.301  -3.370  1.00 17.44  ? 1   DA  B N7    1 
ATOM   12   C  C5    . DA  A 1 1  ? -12.502 11.486  -4.384  1.00 17.59  ? 1   DA  B C5    1 
ATOM   13   C  C6    . DA  A 1 1  ? -13.328 10.357  -4.375  1.00 17.03  ? 1   DA  B C6    1 
ATOM   14   N  N6    . DA  A 1 1  ? -13.845 9.831   -3.264  1.00 18.30  ? 1   DA  B N6    1 
ATOM   15   N  N1    . DA  A 1 1  ? -13.610 9.777   -5.563  1.00 17.61  ? 1   DA  B N1    1 
ATOM   16   C  C2    . DA  A 1 1  ? -13.091 10.311  -6.682  1.00 17.37  ? 1   DA  B C2    1 
ATOM   17   N  N3    . DA  A 1 1  ? -12.306 11.374  -6.818  1.00 17.36  ? 1   DA  B N3    1 
ATOM   18   C  C4    . DA  A 1 1  ? -12.045 11.921  -5.617  1.00 18.04  ? 1   DA  B C4    1 
ATOM   19   P  P     . DG  A 1 2  ? -7.093  14.832  -8.480  1.00 28.40  ? 2   DG  B P     1 
ATOM   20   O  OP1   . DG  A 1 2  ? -6.568  16.184  -8.818  1.00 27.65  ? 2   DG  B OP1   1 
ATOM   21   O  OP2   . DG  A 1 2  ? -6.842  13.673  -9.401  1.00 27.54  ? 2   DG  B OP2   1 
ATOM   22   O  "O5'" . DG  A 1 2  ? -6.567  14.476  -7.018  1.00 26.05  ? 2   DG  B "O5'" 1 
ATOM   23   C  "C5'" . DG  A 1 2  ? -6.581  15.466  -5.987  1.00 24.13  ? 2   DG  B "C5'" 1 
ATOM   24   C  "C4'" . DG  A 1 2  ? -5.963  14.920  -4.722  1.00 23.29  ? 2   DG  B "C4'" 1 
ATOM   25   O  "O4'" . DG  A 1 2  ? -6.886  14.092  -3.976  1.00 21.68  ? 2   DG  B "O4'" 1 
ATOM   26   C  "C3'" . DG  A 1 2  ? -4.707  14.079  -4.936  1.00 22.21  ? 2   DG  B "C3'" 1 
ATOM   27   O  "O3'" . DG  A 1 2  ? -3.757  14.455  -3.935  1.00 23.32  ? 2   DG  B "O3'" 1 
ATOM   28   C  "C2'" . DG  A 1 2  ? -5.201  12.657  -4.738  1.00 20.81  ? 2   DG  B "C2'" 1 
ATOM   29   C  "C1'" . DG  A 1 2  ? -6.270  12.851  -3.678  1.00 19.59  ? 2   DG  B "C1'" 1 
ATOM   30   N  N9    . DG  A 1 2  ? -7.316  11.832  -3.621  1.00 17.46  ? 2   DG  B N9    1 
ATOM   31   C  C8    . DG  A 1 2  ? -7.843  11.102  -4.658  1.00 15.99  ? 2   DG  B C8    1 
ATOM   32   N  N7    . DG  A 1 2  ? -8.772  10.268  -4.273  1.00 15.74  ? 2   DG  B N7    1 
ATOM   33   C  C5    . DG  A 1 2  ? -8.865  10.463  -2.899  1.00 15.01  ? 2   DG  B C5    1 
ATOM   34   C  C6    . DG  A 1 2  ? -9.702  9.841   -1.914  1.00 14.67  ? 2   DG  B C6    1 
ATOM   35   O  O6    . DG  A 1 2  ? -10.557 8.971   -2.062  1.00 14.47  ? 2   DG  B O6    1 
ATOM   36   N  N1    . DG  A 1 2  ? -9.457  10.343  -0.644  1.00 14.49  ? 2   DG  B N1    1 
ATOM   37   C  C2    . DG  A 1 2  ? -8.541  11.318  -0.348  1.00 14.35  ? 2   DG  B C2    1 
ATOM   38   N  N2    . DG  A 1 2  ? -8.458  11.675  0.934   1.00 15.35  ? 2   DG  B N2    1 
ATOM   39   N  N3    . DG  A 1 2  ? -7.765  11.899  -1.241  1.00 15.11  ? 2   DG  B N3    1 
ATOM   40   C  C4    . DG  A 1 2  ? -7.973  11.426  -2.484  1.00 15.64  ? 2   DG  B C4    1 
ATOM   41   P  P     . DC  A 1 3  ? -2.251  13.908  -4.009  1.00 22.34  ? 3   DC  B P     1 
ATOM   42   O  OP1   . DC  A 1 3  ? -1.387  14.978  -3.469  1.00 22.43  ? 3   DC  B OP1   1 
ATOM   43   O  OP2   . DC  A 1 3  ? -1.988  13.342  -5.353  1.00 20.73  ? 3   DC  B OP2   1 
ATOM   44   O  "O5'" . DC  A 1 3  ? -2.285  12.710  -2.965  1.00 20.06  ? 3   DC  B "O5'" 1 
ATOM   45   C  "C5'" . DC  A 1 3  ? -2.771  12.914  -1.634  1.00 17.78  ? 3   DC  B "C5'" 1 
ATOM   46   C  "C4'" . DC  A 1 3  ? -3.024  11.585  -0.962  1.00 17.05  ? 3   DC  B "C4'" 1 
ATOM   47   O  "O4'" . DC  A 1 3  ? -4.298  11.009  -1.347  1.00 16.08  ? 3   DC  B "O4'" 1 
ATOM   48   C  "C3'" . DC  A 1 3  ? -1.972  10.495  -1.228  1.00 17.54  ? 3   DC  B "C3'" 1 
ATOM   49   O  "O3'" . DC  A 1 3  ? -1.655  9.844   0.002   1.00 18.49  ? 3   DC  B "O3'" 1 
ATOM   50   C  "C2'" . DC  A 1 3  ? -2.722  9.492   -2.089  1.00 16.49  ? 3   DC  B "C2'" 1 
ATOM   51   C  "C1'" . DC  A 1 3  ? -4.060  9.624   -1.406  1.00 15.05  ? 3   DC  B "C1'" 1 
ATOM   52   N  N1    . DC  A 1 3  ? -5.227  8.942   -1.966  1.00 14.50  ? 3   DC  B N1    1 
ATOM   53   C  C2    . DC  A 1 3  ? -6.264  8.574   -1.086  1.00 13.77  ? 3   DC  B C2    1 
ATOM   54   O  O2    . DC  A 1 3  ? -6.230  8.972   0.089   1.00 14.44  ? 3   DC  B O2    1 
ATOM   55   N  N3    . DC  A 1 3  ? -7.274  7.803   -1.539  1.00 14.21  ? 3   DC  B N3    1 
ATOM   56   C  C4    . DC  A 1 3  ? -7.296  7.421   -2.817  1.00 14.16  ? 3   DC  B C4    1 
ATOM   57   N  N4    . DC  A 1 3  ? -8.277  6.608   -3.201  1.00 14.42  ? 3   DC  B N4    1 
ATOM   58   C  C5    . DC  A 1 3  ? -6.298  7.849   -3.755  1.00 13.97  ? 3   DC  B C5    1 
ATOM   59   C  C6    . DC  A 1 3  ? -5.293  8.605   -3.289  1.00 13.45  ? 3   DC  B C6    1 
ATOM   60   P  P     . DG  A 1 4  ? -0.131  9.435   0.325   1.00 17.56  ? 4   DG  B P     1 
ATOM   61   O  OP1   . DG  A 1 4  ? 0.664   10.670  0.289   1.00 18.77  ? 4   DG  B OP1   1 
ATOM   62   O  OP2   . DG  A 1 4  ? 0.233   8.303   -0.549  1.00 17.68  ? 4   DG  B OP2   1 
ATOM   63   O  "O5'" . DG  A 1 4  ? -0.228  8.908   1.825   1.00 17.44  ? 4   DG  B "O5'" 1 
ATOM   64   C  "C5'" . DG  A 1 4  ? -0.825  9.722   2.855   1.00 17.38  ? 4   DG  B "C5'" 1 
ATOM   65   C  "C4'" . DG  A 1 4  ? -1.632  8.863   3.802   1.00 17.32  ? 4   DG  B "C4'" 1 
ATOM   66   O  "O4'" . DG  A 1 4  ? -2.883  8.463   3.190   1.00 16.58  ? 4   DG  B "O4'" 1 
ATOM   67   C  "C3'" . DG  A 1 4  ? -0.926  7.575   4.222   1.00 17.72  ? 4   DG  B "C3'" 1 
ATOM   68   O  "O3'" . DG  A 1 4  ? -1.086  7.356   5.624   1.00 19.56  ? 4   DG  B "O3'" 1 
ATOM   69   C  "C2'" . DG  A 1 4  ? -1.631  6.499   3.416   1.00 17.01  ? 4   DG  B "C2'" 1 
ATOM   70   C  "C1'" . DG  A 1 4  ? -3.038  7.055   3.257   1.00 15.64  ? 4   DG  B "C1'" 1 
ATOM   71   N  N9    . DG  A 1 4  ? -3.694  6.613   2.029   1.00 14.54  ? 4   DG  B N9    1 
ATOM   72   C  C8    . DG  A 1 4  ? -3.368  6.980   0.747   1.00 13.88  ? 4   DG  B C8    1 
ATOM   73   N  N7    . DG  A 1 4  ? -4.104  6.395   -0.156  1.00 13.98  ? 4   DG  B N7    1 
ATOM   74   C  C5    . DG  A 1 4  ? -4.979  5.602   0.573   1.00 13.81  ? 4   DG  B C5    1 
ATOM   75   C  C6    . DG  A 1 4  ? -6.014  4.731   0.133   1.00 13.75  ? 4   DG  B C6    1 
ATOM   76   O  O6    . DG  A 1 4  ? -6.372  4.488   -1.018  1.00 14.77  ? 4   DG  B O6    1 
ATOM   77   N  N1    . DG  A 1 4  ? -6.658  4.112   1.204   1.00 14.10  ? 4   DG  B N1    1 
ATOM   78   C  C2    . DG  A 1 4  ? -6.345  4.311   2.525   1.00 13.87  ? 4   DG  B C2    1 
ATOM   79   N  N2    . DG  A 1 4  ? -7.075  3.633   3.413   1.00 14.29  ? 4   DG  B N2    1 
ATOM   80   N  N3    . DG  A 1 4  ? -5.382  5.121   2.944   1.00 14.45  ? 4   DG  B N3    1 
ATOM   81   C  C4    . DG  A 1 4  ? -4.744  5.727   1.921   1.00 13.61  ? 4   DG  B C4    1 
ATOM   82   P  P     . DT  A 1 5  ? -0.049  6.410   6.406   1.00 19.99  ? 5   DT  B P     1 
ATOM   83   O  OP1   . DT  A 1 5  ? -0.188  6.725   7.853   1.00 19.64  ? 5   DT  B OP1   1 
ATOM   84   O  OP2   . DT  A 1 5  ? 1.284   6.521   5.755   1.00 19.87  ? 5   DT  B OP2   1 
ATOM   85   O  "O5'" . DT  A 1 5  ? -0.612  4.952   6.116   1.00 19.42  ? 5   DT  B "O5'" 1 
ATOM   86   C  "C5'" . DT  A 1 5  ? -1.832  4.506   6.713   1.00 20.07  ? 5   DT  B "C5'" 1 
ATOM   87   C  "C4'" . DT  A 1 5  ? -2.172  3.115   6.233   1.00 20.98  ? 5   DT  B "C4'" 1 
ATOM   88   O  "O4'" . DT  A 1 5  ? -2.832  3.154   4.939   1.00 20.81  ? 5   DT  B "O4'" 1 
ATOM   89   C  "C3'" . DT  A 1 5  ? -0.988  2.151   6.084   1.00 21.59  ? 5   DT  B "C3'" 1 
ATOM   90   O  "O3'" . DT  A 1 5  ? -1.354  0.876   6.628   1.00 23.59  ? 5   DT  B "O3'" 1 
ATOM   91   C  "C2'" . DT  A 1 5  ? -0.847  2.010   4.574   1.00 20.38  ? 5   DT  B "C2'" 1 
ATOM   92   C  "C1'" . DT  A 1 5  ? -2.312  2.091   4.171   1.00 19.89  ? 5   DT  B "C1'" 1 
ATOM   93   N  N1    . DT  A 1 5  ? -2.629  2.330   2.745   1.00 18.53  ? 5   DT  B N1    1 
ATOM   94   C  C2    . DT  A 1 5  ? -3.712  1.650   2.215   1.00 17.32  ? 5   DT  B C2    1 
ATOM   95   O  O2    . DT  A 1 5  ? -4.438  0.930   2.884   1.00 17.44  ? 5   DT  B O2    1 
ATOM   96   N  N3    . DT  A 1 5  ? -3.912  1.845   0.869   1.00 16.77  ? 5   DT  B N3    1 
ATOM   97   C  C4    . DT  A 1 5  ? -3.162  2.640   0.021   1.00 16.72  ? 5   DT  B C4    1 
ATOM   98   O  O4    . DT  A 1 5  ? -3.451  2.699   -1.170  1.00 17.47  ? 5   DT  B O4    1 
ATOM   99   C  C5    . DT  A 1 5  ? -2.053  3.354   0.649   1.00 17.19  ? 5   DT  B C5    1 
ATOM   100  C  C7    . DT  A 1 5  ? -1.188  4.245   -0.189  1.00 15.15  ? 5   DT  B C7    1 
ATOM   101  C  C6    . DT  A 1 5  ? -1.855  3.171   1.965   1.00 17.22  ? 5   DT  B C6    1 
ATOM   102  P  P     . DG  A 1 6  ? -0.254  -0.040  7.365   1.00 23.93  ? 6   DG  B P     1 
ATOM   103  O  OP1   . DG  A 1 6  ? 0.069   0.608   8.650   1.00 23.54  ? 6   DG  B OP1   1 
ATOM   104  O  OP2   . DG  A 1 6  ? 0.839   -0.360  6.404   1.00 24.57  ? 6   DG  B OP2   1 
ATOM   105  O  "O5'" . DG  A 1 6  ? -1.051  -1.385  7.650   1.00 23.54  ? 6   DG  B "O5'" 1 
ATOM   106  C  "C5'" . DG  A 1 6  ? -2.376  -1.350  8.199   1.00 23.51  ? 6   DG  B "C5'" 1 
ATOM   107  C  "C4'" . DG  A 1 6  ? -3.232  -2.420  7.563   1.00 23.97  ? 6   DG  B "C4'" 1 
ATOM   108  O  "O4'" . DG  A 1 6  ? -3.620  -2.034  6.216   1.00 23.02  ? 6   DG  B "O4'" 1 
ATOM   109  C  "C3'" . DG  A 1 6  ? -2.531  -3.770  7.437   1.00 25.48  ? 6   DG  B "C3'" 1 
ATOM   110  O  "O3'" . DG  A 1 6  ? -3.373  -4.840  7.878   1.00 27.24  ? 6   DG  B "O3'" 1 
ATOM   111  C  "C2'" . DG  A 1 6  ? -2.220  -3.887  5.953   1.00 24.15  ? 6   DG  B "C2'" 1 
ATOM   112  C  "C1'" . DG  A 1 6  ? -3.328  -3.077  5.295   1.00 22.41  ? 6   DG  B "C1'" 1 
ATOM   113  N  N9    . DG  A 1 6  ? -2.928  -2.460  4.027   1.00 20.94  ? 6   DG  B N9    1 
ATOM   114  C  C8    . DG  A 1 6  ? -1.905  -1.561  3.843   1.00 20.41  ? 6   DG  B C8    1 
ATOM   115  N  N7    . DG  A 1 6  ? -1.785  -1.163  2.605   1.00 18.55  ? 6   DG  B N7    1 
ATOM   116  C  C5    . DG  A 1 6  ? -2.790  -1.838  1.924   1.00 18.16  ? 6   DG  B C5    1 
ATOM   117  C  C6    . DG  A 1 6  ? -3.156  -1.790  0.556   1.00 17.17  ? 6   DG  B C6    1 
ATOM   118  O  O6    . DG  A 1 6  ? -2.652  -1.125  -0.355  1.00 16.67  ? 6   DG  B O6    1 
ATOM   119  N  N1    . DG  A 1 6  ? -4.231  -2.626  0.287   1.00 16.85  ? 6   DG  B N1    1 
ATOM   120  C  C2    . DG  A 1 6  ? -4.869  -3.414  1.212   1.00 17.82  ? 6   DG  B C2    1 
ATOM   121  N  N2    . DG  A 1 6  ? -5.874  -4.180  0.750   1.00 18.48  ? 6   DG  B N2    1 
ATOM   122  N  N3    . DG  A 1 6  ? -4.544  -3.459  2.495   1.00 18.89  ? 6   DG  B N3    1 
ATOM   123  C  C4    . DG  A 1 6  ? -3.501  -2.650  2.781   1.00 19.31  ? 6   DG  B C4    1 
ATOM   124  P  P     . DG  A 1 7  ? -2.809  -6.343  7.868   1.00 29.37  ? 7   DG  B P     1 
ATOM   125  O  OP1   . DG  A 1 7  ? -3.322  -7.050  9.074   1.00 29.93  ? 7   DG  B OP1   1 
ATOM   126  O  OP2   . DG  A 1 7  ? -1.338  -6.278  7.618   1.00 29.86  ? 7   DG  B OP2   1 
ATOM   127  O  "O5'" . DG  A 1 7  ? -3.492  -6.975  6.579   1.00 28.22  ? 7   DG  B "O5'" 1 
ATOM   128  C  "C5'" . DG  A 1 7  ? -4.922  -7.014  6.462   1.00 27.91  ? 7   DG  B "C5'" 1 
ATOM   129  C  "C4'" . DG  A 1 7  ? -5.321  -7.848  5.270   1.00 27.69  ? 7   DG  B "C4'" 1 
ATOM   130  O  "O4'" . DG  A 1 7  ? -5.035  -7.119  4.056   1.00 26.99  ? 7   DG  B "O4'" 1 
ATOM   131  C  "C3'" . DG  A 1 7  ? -4.572  -9.171  5.157   1.00 28.09  ? 7   DG  B "C3'" 1 
ATOM   132  O  "O3'" . DG  A 1 7  ? -5.464  -10.188 4.703   1.00 29.79  ? 7   DG  B "O3'" 1 
ATOM   133  C  "C2'" . DG  A 1 7  ? -3.492  -8.873  4.128   1.00 27.71  ? 7   DG  B "C2'" 1 
ATOM   134  C  "C1'" . DG  A 1 7  ? -4.180  -7.873  3.216   1.00 25.73  ? 7   DG  B "C1'" 1 
ATOM   135  N  N9    . DG  A 1 7  ? -3.295  -6.932  2.536   1.00 24.91  ? 7   DG  B N9    1 
ATOM   136  C  C8    . DG  A 1 7  ? -2.367  -6.101  3.121   1.00 24.52  ? 7   DG  B C8    1 
ATOM   137  N  N7    . DG  A 1 7  ? -1.761  -5.325  2.264   1.00 24.36  ? 7   DG  B N7    1 
ATOM   138  C  C5    . DG  A 1 7  ? -2.309  -5.671  1.036   1.00 23.65  ? 7   DG  B C5    1 
ATOM   139  C  C6    . DG  A 1 7  ? -2.053  -5.154  -0.256  1.00 22.68  ? 7   DG  B C6    1 
ATOM   140  O  O6    . DG  A 1 7  ? -1.272  -4.254  -0.575  1.00 21.64  ? 7   DG  B O6    1 
ATOM   141  N  N1    . DG  A 1 7  ? -2.822  -5.791  -1.227  1.00 22.30  ? 7   DG  B N1    1 
ATOM   142  C  C2    . DG  A 1 7  ? -3.723  -6.802  -0.980  1.00 23.13  ? 7   DG  B C2    1 
ATOM   143  N  N2    . DG  A 1 7  ? -4.357  -7.315  -2.050  1.00 23.46  ? 7   DG  B N2    1 
ATOM   144  N  N3    . DG  A 1 7  ? -3.981  -7.283  0.228   1.00 23.22  ? 7   DG  B N3    1 
ATOM   145  C  C4    . DG  A 1 7  ? -3.245  -6.674  1.182   1.00 23.72  ? 7   DG  B C4    1 
ATOM   146  P  P     . DG  A 1 8  ? -4.908  -11.663 4.395   1.00 32.17  ? 8   DG  B P     1 
ATOM   147  O  OP1   . DG  A 1 8  ? -6.020  -12.617 4.647   1.00 32.94  ? 8   DG  B OP1   1 
ATOM   148  O  OP2   . DG  A 1 8  ? -3.583  -11.885 5.050   1.00 32.49  ? 8   DG  B OP2   1 
ATOM   149  O  "O5'" . DG  A 1 8  ? -4.645  -11.631 2.830   1.00 31.68  ? 8   DG  B "O5'" 1 
ATOM   150  C  "C5'" . DG  A 1 8  ? -5.736  -11.497 1.915   1.00 30.98  ? 8   DG  B "C5'" 1 
ATOM   151  C  "C4'" . DG  A 1 8  ? -5.304  -11.938 0.541   1.00 30.23  ? 8   DG  B "C4'" 1 
ATOM   152  O  "O4'" . DG  A 1 8  ? -4.512  -10.899 -0.077  1.00 29.61  ? 8   DG  B "O4'" 1 
ATOM   153  C  "C3'" . DG  A 1 8  ? -4.427  -13.188 0.563   1.00 31.07  ? 8   DG  B "C3'" 1 
ATOM   154  O  "O3'" . DG  A 1 8  ? -4.799  -14.054 -0.509  1.00 33.03  ? 8   DG  B "O3'" 1 
ATOM   155  C  "C2'" . DG  A 1 8  ? -3.018  -12.640 0.404   1.00 29.30  ? 8   DG  B "C2'" 1 
ATOM   156  C  "C1'" . DG  A 1 8  ? -3.244  -11.409 -0.458  1.00 27.67  ? 8   DG  B "C1'" 1 
ATOM   157  N  N9    . DG  A 1 8  ? -2.267  -10.349 -0.258  1.00 24.45  ? 8   DG  B N9    1 
ATOM   158  C  C8    . DG  A 1 8  ? -1.734  -9.944  0.941   1.00 23.12  ? 8   DG  B C8    1 
ATOM   159  N  N7    . DG  A 1 8  ? -0.884  -8.965  0.818   1.00 23.10  ? 8   DG  B N7    1 
ATOM   160  C  C5    . DG  A 1 8  ? -0.848  -8.706  -0.546  1.00 22.19  ? 8   DG  B C5    1 
ATOM   161  C  C6    . DG  A 1 8  ? -0.089  -7.759  -1.282  1.00 21.59  ? 8   DG  B C6    1 
ATOM   162  O  O6    . DG  A 1 8  ? 0.721   -6.927  -0.861  1.00 21.17  ? 8   DG  B O6    1 
ATOM   163  N  N1    . DG  A 1 8  ? -0.343  -7.842  -2.647  1.00 21.27  ? 8   DG  B N1    1 
ATOM   164  C  C2    . DG  A 1 8  ? -1.211  -8.725  -3.231  1.00 20.64  ? 8   DG  B C2    1 
ATOM   165  N  N2    . DG  A 1 8  ? -1.291  -8.655  -4.571  1.00 19.49  ? 8   DG  B N2    1 
ATOM   166  N  N3    . DG  A 1 8  ? -1.937  -9.614  -2.554  1.00 21.49  ? 8   DG  B N3    1 
ATOM   167  C  C4    . DG  A 1 8  ? -1.699  -9.551  -1.224  1.00 22.34  ? 8   DG  B C4    1 
ATOM   168  P  P     . DC  A 1 9  ? -3.991  -15.420 -0.750  1.00 34.55  ? 9   DC  B P     1 
ATOM   169  O  OP1   . DC  A 1 9  ? -4.925  -16.372 -1.398  1.00 33.93  ? 9   DC  B OP1   1 
ATOM   170  O  OP2   . DC  A 1 9  ? -3.271  -15.810 0.503   1.00 35.02  ? 9   DC  B OP2   1 
ATOM   171  O  "O5'" . DC  A 1 9  ? -2.901  -14.976 -1.812  1.00 33.78  ? 9   DC  B "O5'" 1 
ATOM   172  C  "C5'" . DC  A 1 9  ? -3.280  -14.128 -2.894  1.00 32.69  ? 9   DC  B "C5'" 1 
ATOM   173  C  "C4'" . DC  A 1 9  ? -2.082  -13.832 -3.754  1.00 31.84  ? 9   DC  B "C4'" 1 
ATOM   174  O  "O4'" . DC  A 1 9  ? -1.363  -12.680 -3.260  1.00 30.62  ? 9   DC  B "O4'" 1 
ATOM   175  C  "C3'" . DC  A 1 9  ? -1.071  -14.977 -3.826  1.00 31.77  ? 9   DC  B "C3'" 1 
ATOM   176  O  "O3'" . DC  A 1 9  ? -0.746  -15.206 -5.187  1.00 32.25  ? 9   DC  B "O3'" 1 
ATOM   177  C  "C2'" . DC  A 1 9  ? 0.133   -14.443 -3.068  1.00 30.31  ? 9   DC  B "C2'" 1 
ATOM   178  C  "C1'" . DC  A 1 9  ? 0.019   -12.954 -3.331  1.00 28.38  ? 9   DC  B "C1'" 1 
ATOM   179  N  N1    . DC  A 1 9  ? 0.712   -12.073 -2.375  1.00 25.40  ? 9   DC  B N1    1 
ATOM   180  C  C2    . DC  A 1 9  ? 1.390   -10.955 -2.872  1.00 23.39  ? 9   DC  B C2    1 
ATOM   181  O  O2    . DC  A 1 9  ? 1.350   -10.720 -4.087  1.00 23.36  ? 9   DC  B O2    1 
ATOM   182  N  N3    . DC  A 1 9  ? 2.075   -10.161 -2.019  1.00 22.45  ? 9   DC  B N3    1 
ATOM   183  C  C4    . DC  A 1 9  ? 2.101   -10.445 -0.717  1.00 21.44  ? 9   DC  B C4    1 
ATOM   184  N  N4    . DC  A 1 9  ? 2.821   -9.653  0.071   1.00 20.29  ? 9   DC  B N4    1 
ATOM   185  C  C5    . DC  A 1 9  ? 1.395   -11.563 -0.174  1.00 22.38  ? 9   DC  B C5    1 
ATOM   186  C  C6    . DC  A 1 9  ? 0.716   -12.343 -1.031  1.00 24.28  ? 9   DC  B C6    1 
ATOM   187  P  P     . DT  A 1 10 ? 0.113   -16.489 -5.598  1.00 32.83  ? 10  DT  B P     1 
ATOM   188  O  OP1   . DT  A 1 10 ? -0.765  -17.430 -6.331  1.00 32.74  ? 10  DT  B OP1   1 
ATOM   189  O  OP2   . DT  A 1 10 ? 0.855   -16.953 -4.386  1.00 32.99  ? 10  DT  B OP2   1 
ATOM   190  O  "O5'" . DT  A 1 10 ? 1.123   -15.842 -6.632  1.00 31.30  ? 10  DT  B "O5'" 1 
ATOM   191  C  "C5'" . DT  A 1 10 ? 0.676   -14.771 -7.477  1.00 29.59  ? 10  DT  B "C5'" 1 
ATOM   192  C  "C4'" . DT  A 1 10 ? 1.857   -14.046 -8.067  1.00 28.01  ? 10  DT  B "C4'" 1 
ATOM   193  O  "O4'" . DT  A 1 10 ? 2.434   -13.130 -7.106  1.00 27.60  ? 10  DT  B "O4'" 1 
ATOM   194  C  "C3'" . DT  A 1 10 ? 2.978   -14.982 -8.500  1.00 27.43  ? 10  DT  B "C3'" 1 
ATOM   195  O  "O3'" . DT  A 1 10 ? 3.457   -14.558 -9.769  1.00 28.13  ? 10  DT  B "O3'" 1 
ATOM   196  C  "C2'" . DT  A 1 10 ? 4.020   -14.831 -7.401  1.00 26.52  ? 10  DT  B "C2'" 1 
ATOM   197  C  "C1'" . DT  A 1 10 ? 3.824   -13.391 -6.944  1.00 25.66  ? 10  DT  B "C1'" 1 
ATOM   198  N  N1    . DT  A 1 10 ? 4.181   -13.094 -5.524  1.00 23.30  ? 10  DT  B N1    1 
ATOM   199  C  C2    . DT  A 1 10 ? 4.970   -11.983 -5.248  1.00 21.15  ? 10  DT  B C2    1 
ATOM   200  O  O2    . DT  A 1 10 ? 5.450   -11.264 -6.106  1.00 20.84  ? 10  DT  B O2    1 
ATOM   201  N  N3    . DT  A 1 10 ? 5.183   -11.752 -3.914  1.00 21.51  ? 10  DT  B N3    1 
ATOM   202  C  C4    . DT  A 1 10 ? 4.726   -12.501 -2.849  1.00 20.26  ? 10  DT  B C4    1 
ATOM   203  O  O4    . DT  A 1 10 ? 4.984   -12.143 -1.701  1.00 21.10  ? 10  DT  B O4    1 
ATOM   204  C  C5    . DT  A 1 10 ? 3.948   -13.672 -3.205  1.00 20.42  ? 10  DT  B C5    1 
ATOM   205  C  C7    . DT  A 1 10 ? 3.439   -14.567 -2.117  1.00 20.47  ? 10  DT  B C7    1 
ATOM   206  C  C6    . DT  A 1 10 ? 3.716   -13.903 -4.506  1.00 21.59  ? 10  DT  B C6    1 
ATOM   207  P  P     . DG  A 1 11 ? 4.462   -15.493 -10.589 1.00 27.59  ? 11  DG  B P     1 
ATOM   208  O  OP1   . DG  A 1 11 ? 4.261   -15.264 -12.040 1.00 27.29  ? 11  DG  B OP1   1 
ATOM   209  O  OP2   . DG  A 1 11 ? 4.366   -16.875 -10.040 1.00 27.00  ? 11  DG  B OP2   1 
ATOM   210  O  "O5'" . DG  A 1 11 ? 5.864   -14.868 -10.189 1.00 26.60  ? 11  DG  B "O5'" 1 
ATOM   211  C  "C5'" . DG  A 1 11 ? 6.152   -13.503 -10.493 1.00 24.11  ? 11  DG  B "C5'" 1 
ATOM   212  C  "C4'" . DG  A 1 11 ? 7.499   -13.127 -9.931  1.00 22.98  ? 11  DG  B "C4'" 1 
ATOM   213  O  "O4'" . DG  A 1 11 ? 7.390   -12.927 -8.503  1.00 22.31  ? 11  DG  B "O4'" 1 
ATOM   214  C  "C3'" . DG  A 1 11 ? 8.597   -14.181 -10.131 1.00 22.44  ? 11  DG  B "C3'" 1 
ATOM   215  O  "O3'" . DG  A 1 11 ? 9.840   -13.504 -10.348 1.00 23.15  ? 11  DG  B "O3'" 1 
ATOM   216  C  "C2'" . DG  A 1 11 ? 8.705   -14.828 -8.762  1.00 21.65  ? 11  DG  B "C2'" 1 
ATOM   217  C  "C1'" . DG  A 1 11 ? 8.474   -13.605 -7.894  1.00 20.61  ? 11  DG  B "C1'" 1 
ATOM   218  N  N9    . DG  A 1 11 ? 8.159   -13.823 -6.490  1.00 18.78  ? 11  DG  B N9    1 
ATOM   219  C  C8    . DG  A 1 11 ? 7.378   -14.816 -5.944  1.00 17.60  ? 11  DG  B C8    1 
ATOM   220  N  N7    . DG  A 1 11 ? 7.328   -14.769 -4.640  1.00 17.39  ? 11  DG  B N7    1 
ATOM   221  C  C5    . DG  A 1 11 ? 8.116   -13.674 -4.301  1.00 17.09  ? 11  DG  B C5    1 
ATOM   222  C  C6    . DG  A 1 11 ? 8.451   -13.131 -3.028  1.00 16.81  ? 11  DG  B C6    1 
ATOM   223  O  O6    . DG  A 1 11 ? 8.103   -13.527 -1.901  1.00 17.82  ? 11  DG  B O6    1 
ATOM   224  N  N1    . DG  A 1 11 ? 9.277   -12.017 -3.147  1.00 16.47  ? 11  DG  B N1    1 
ATOM   225  C  C2    . DG  A 1 11 ? 9.721   -11.487 -4.335  1.00 16.26  ? 11  DG  B C2    1 
ATOM   226  N  N2    . DG  A 1 11 ? 10.501  -10.402 -4.243  1.00 16.95  ? 11  DG  B N2    1 
ATOM   227  N  N3    . DG  A 1 11 ? 9.422   -11.982 -5.522  1.00 16.90  ? 11  DG  B N3    1 
ATOM   228  C  C4    . DG  A 1 11 ? 8.623   -13.070 -5.432  1.00 17.37  ? 11  DG  B C4    1 
ATOM   229  O  "O5'" A DT  B 2 1  ? 10.810  -12.038 7.075   0.50 25.47  ? 51  DT  C "O5'" 1 
ATOM   230  O  "O5'" B DT  B 2 1  ? 15.981  -13.904 6.007   0.50 35.18  ? 51  DT  C "O5'" 1 
ATOM   231  C  "C5'" A DT  B 2 1  ? 11.947  -12.568 6.401   0.50 25.09  ? 51  DT  C "C5'" 1 
ATOM   232  C  "C5'" B DT  B 2 1  ? 15.168  -12.720 6.118   0.50 34.62  ? 51  DT  C "C5'" 1 
ATOM   233  C  "C4'" A DT  B 2 1  ? 12.818  -11.450 5.882   0.50 24.96  ? 51  DT  C "C4'" 1 
ATOM   234  C  "C4'" B DT  B 2 1  ? 15.329  -11.782 4.941   0.50 34.12  ? 51  DT  C "C4'" 1 
ATOM   235  O  "O4'" A DT  B 2 1  ? 13.528  -11.969 4.734   0.50 25.11  ? 51  DT  C "O4'" 1 
ATOM   236  O  "O4'" B DT  B 2 1  ? 14.692  -12.354 3.775   0.50 34.21  ? 51  DT  C "O4'" 1 
ATOM   237  C  "C3'" A DT  B 2 1  ? 12.012  -10.255 5.383   0.50 25.14  ? 51  DT  C "C3'" 1 
ATOM   238  C  "C3'" B DT  B 2 1  ? 14.707  -10.397 5.126   0.50 33.95  ? 51  DT  C "C3'" 1 
ATOM   239  O  "O3'" A DT  B 2 1  ? 12.554  -8.995  5.756   0.50 25.64  ? 51  DT  C "O3'" 1 
ATOM   240  O  "O3'" B DT  B 2 1  ? 15.605  -9.409  4.582   0.50 33.91  ? 51  DT  C "O3'" 1 
ATOM   241  C  "C2'" A DT  B 2 1  ? 12.002  -10.384 3.875   0.50 24.50  ? 51  DT  C "C2'" 1 
ATOM   242  C  "C2'" B DT  B 2 1  ? 13.361  -10.506 4.407   0.50 33.41  ? 51  DT  C "C2'" 1 
ATOM   243  C  "C1'" A DT  B 2 1  ? 13.090  -11.374 3.521   0.50 23.60  ? 51  DT  C "C1'" 1 
ATOM   244  C  "C1'" B DT  B 2 1  ? 13.652  -11.508 3.294   0.50 33.07  ? 51  DT  C "C1'" 1 
ATOM   245  N  N1    A DT  B 2 1  ? 12.463  -12.426 2.717   0.50 22.68  ? 51  DT  C N1    1 
ATOM   246  N  N1    B DT  B 2 1  ? 12.591  -12.396 2.700   0.50 32.28  ? 51  DT  C N1    1 
ATOM   247  C  C2    A DT  B 2 1  ? 12.833  -12.598 1.404   0.50 21.95  ? 51  DT  C C2    1 
ATOM   248  C  C2    B DT  B 2 1  ? 12.829  -12.649 1.355   0.50 31.75  ? 51  DT  C C2    1 
ATOM   249  O  O2    A DT  B 2 1  ? 13.737  -11.970 0.869   0.50 22.04  ? 51  DT  C O2    1 
ATOM   250  O  O2    B DT  B 2 1  ? 13.721  -12.108 0.724   0.50 31.75  ? 51  DT  C O2    1 
ATOM   251  N  N3    A DT  B 2 1  ? 12.098  -13.540 0.731   0.50 21.36  ? 51  DT  C N3    1 
ATOM   252  N  N3    B DT  B 2 1  ? 11.998  -13.557 0.787   0.50 31.17  ? 51  DT  C N3    1 
ATOM   253  C  C4    A DT  B 2 1  ? 11.061  -14.308 1.226   0.50 21.26  ? 51  DT  C C4    1 
ATOM   254  C  C4    B DT  B 2 1  ? 10.931  -14.213 1.410   0.50 31.13  ? 51  DT  C C4    1 
ATOM   255  O  O4    A DT  B 2 1  ? 10.467  -15.089 0.486   0.50 21.43  ? 51  DT  C O4    1 
ATOM   256  O  O4    B DT  B 2 1  ? 10.265  -15.045 0.788   0.50 31.04  ? 51  DT  C O4    1 
ATOM   257  C  C5    A DT  B 2 1  ? 10.757  -14.102 2.622   0.50 21.49  ? 51  DT  C C5    1 
ATOM   258  C  C5    B DT  B 2 1  ? 10.697  -13.846 2.804   0.50 31.21  ? 51  DT  C C5    1 
ATOM   259  C  C7    A DT  B 2 1  ? 9.664   -14.901 3.256   0.50 21.08  ? 51  DT  C C7    1 
ATOM   260  C  C7    B DT  B 2 1  ? 9.547   -14.463 3.540   0.50 30.93  ? 51  DT  C C7    1 
ATOM   261  C  C6    A DT  B 2 1  ? 11.472  -13.193 3.288   0.50 21.77  ? 51  DT  C C6    1 
ATOM   262  C  C6    B DT  B 2 1  ? 11.535  -12.961 3.370   0.50 31.63  ? 51  DT  C C6    1 
ATOM   263  P  P     A DC  B 2 2  ? 11.737  -7.665  5.380   0.50 26.15  ? 52  DC  C P     1 
ATOM   264  P  P     B DC  B 2 2  ? 15.558  -7.888  5.119   0.50 33.77  ? 52  DC  C P     1 
ATOM   265  O  OP1   A DC  B 2 2  ? 12.101  -6.581  6.320   0.50 25.85  ? 52  DC  C OP1   1 
ATOM   266  O  OP1   B DC  B 2 2  ? 16.897  -7.427  5.552   0.50 33.75  ? 52  DC  C OP1   1 
ATOM   267  O  OP2   A DC  B 2 2  ? 10.317  -8.087  5.256   0.50 24.81  ? 52  DC  C OP2   1 
ATOM   268  O  OP2   B DC  B 2 2  ? 14.396  -7.740  6.037   0.50 34.08  ? 52  DC  C OP2   1 
ATOM   269  O  "O5'" A DC  B 2 2  ? 12.269  -7.296  3.924   0.50 25.87  ? 52  DC  C "O5'" 1 
ATOM   270  O  "O5'" B DC  B 2 2  ? 15.209  -7.065  3.813   0.50 33.25  ? 52  DC  C "O5'" 1 
ATOM   271  C  "C5'" A DC  B 2 2  ? 13.677  -7.360  3.612   0.50 26.75  ? 52  DC  C "C5'" 1 
ATOM   272  C  "C5'" B DC  B 2 2  ? 13.864  -7.025  3.353   0.50 32.46  ? 52  DC  C "C5'" 1 
ATOM   273  C  "C4'" A DC  B 2 2  ? 13.890  -7.249  2.118   0.50 27.26  ? 52  DC  C "C4'" 1 
ATOM   274  C  "C4'" B DC  B 2 2  ? 13.851  -7.012  1.850   0.50 31.77  ? 52  DC  C "C4'" 1 
ATOM   275  O  "O4'" A DC  B 2 2  ? 13.370  -8.427  1.453   0.50 26.25  ? 52  DC  C "O4'" 1 
ATOM   276  O  "O4'" B DC  B 2 2  ? 13.339  -8.255  1.319   0.50 31.15  ? 52  DC  C "O4'" 1 
ATOM   277  C  "C3'" A DC  B 2 2  ? 13.184  -6.057  1.472   0.50 28.40  ? 52  DC  C "C3'" 1 
ATOM   278  C  "C3'" B DC  B 2 2  ? 13.001  -5.896  1.264   0.50 31.72  ? 52  DC  C "C3'" 1 
ATOM   279  O  "O3'" A DC  B 2 2  ? 13.993  -5.514  0.425   0.50 30.67  ? 52  DC  C "O3'" 1 
ATOM   280  O  "O3'" B DC  B 2 2  ? 14.017  -5.488  0.397   0.50 31.29  ? 52  DC  C "O3'" 1 
ATOM   281  C  "C2'" A DC  B 2 2  ? 11.916  -6.666  0.903   0.50 27.10  ? 52  DC  C "C2'" 1 
ATOM   282  C  "C2'" B DC  B 2 2  ? 11.782  -6.608  0.700   0.50 31.14  ? 52  DC  C "C2'" 1 
ATOM   283  C  "C1'" A DC  B 2 2  ? 12.381  -8.054  0.499   0.50 25.28  ? 52  DC  C "C1'" 1 
ATOM   284  C  "C1'" B DC  B 2 2  ? 12.315  -7.992  0.379   0.50 30.26  ? 52  DC  C "C1'" 1 
ATOM   285  N  N1    A DC  B 2 2  ? 11.322  -9.076  0.527   0.50 22.93  ? 52  DC  C N1    1 
ATOM   286  N  N1    B DC  B 2 2  ? 11.327  -9.063  0.490   0.50 28.80  ? 52  DC  C N1    1 
ATOM   287  C  C2    A DC  B 2 2  ? 11.050  -9.802  -0.640  0.50 21.77  ? 52  DC  C C2    1 
ATOM   288  C  C2    B DC  B 2 2  ? 11.012  -9.792  -0.659  0.50 28.07  ? 52  DC  C C2    1 
ATOM   289  O  O2    A DC  B 2 2  ? 11.687  -9.538  -1.676  0.50 20.69  ? 52  DC  C O2    1 
ATOM   290  O  O2    B DC  B 2 2  ? 11.598  -9.519  -1.722  0.50 27.27  ? 52  DC  C O2    1 
ATOM   291  N  N3    A DC  B 2 2  ? 10.099  -10.768 -0.608  0.50 20.88  ? 52  DC  C N3    1 
ATOM   292  N  N3    B DC  B 2 2  ? 10.092  -10.775 -0.591  0.50 27.49  ? 52  DC  C N3    1 
ATOM   293  C  C4    A DC  B 2 2  ? 9.430   -11.012 0.524   0.50 20.48  ? 52  DC  C C4    1 
ATOM   294  C  C4    B DC  B 2 2  ? 9.497   -11.041 0.583   0.50 27.22  ? 52  DC  C C4    1 
ATOM   295  N  N4    A DC  B 2 2  ? 8.509   -11.981 0.516   0.50 19.40  ? 52  DC  C N4    1 
ATOM   296  N  N4    B DC  B 2 2  ? 8.581   -12.016 0.622   0.50 26.40  ? 52  DC  C N4    1 
ATOM   297  C  C5    A DC  B 2 2  ? 9.676   -10.275 1.717   0.50 20.96  ? 52  DC  C C5    1 
ATOM   298  C  C5    B DC  B 2 2  ? 9.808   -10.323 1.772   0.50 27.52  ? 52  DC  C C5    1 
ATOM   299  C  C6    A DC  B 2 2  ? 10.619  -9.326  1.675   0.50 22.09  ? 52  DC  C C6    1 
ATOM   300  C  C6    B DC  B 2 2  ? 10.717  -9.349  1.682   0.50 28.30  ? 52  DC  C C6    1 
ATOM   301  P  P     . DA  B 2 3  ? 13.751  -4.000  -0.069  1.00 33.04  ? 53  DA  C P     1 
ATOM   302  O  OP1   . DA  B 2 3  ? 15.073  -3.312  -0.038  1.00 34.67  ? 53  DA  C OP1   1 
ATOM   303  O  OP2   . DA  B 2 3  ? 12.604  -3.413  0.694   1.00 33.31  ? 53  DA  C OP2   1 
ATOM   304  O  "O5'" . DA  B 2 3  ? 13.329  -4.169  -1.595  1.00 31.80  ? 53  DA  C "O5'" 1 
ATOM   305  C  "C5'" . DA  B 2 3  ? 12.597  -5.316  -2.020  1.00 29.31  ? 53  DA  C "C5'" 1 
ATOM   306  C  "C4'" . DA  B 2 3  ? 12.233  -5.197  -3.479  1.00 27.46  ? 53  DA  C "C4'" 1 
ATOM   307  O  "O4'" . DA  B 2 3  ? 11.338  -6.294  -3.739  1.00 27.21  ? 53  DA  C "O4'" 1 
ATOM   308  C  "C3'" . DA  B 2 3  ? 11.439  -3.938  -3.823  1.00 27.16  ? 53  DA  C "C3'" 1 
ATOM   309  O  "O3'" . DA  B 2 3  ? 11.628  -3.607  -5.208  1.00 27.44  ? 53  DA  C "O3'" 1 
ATOM   310  C  "C2'" . DA  B 2 3  ? 10.010  -4.339  -3.506  1.00 26.25  ? 53  DA  C "C2'" 1 
ATOM   311  C  "C1'" . DA  B 2 3  ? 9.988   -5.834  -3.781  1.00 25.83  ? 53  DA  C "C1'" 1 
ATOM   312  N  N9    . DA  B 2 3  ? 9.226   -6.599  -2.791  1.00 23.77  ? 53  DA  C N9    1 
ATOM   313  C  C8    . DA  B 2 3  ? 9.173   -6.419  -1.430  1.00 23.19  ? 53  DA  C C8    1 
ATOM   314  N  N7    . DA  B 2 3  ? 8.393   -7.278  -0.815  1.00 22.83  ? 53  DA  C N7    1 
ATOM   315  C  C5    . DA  B 2 3  ? 7.905   -8.079  -1.840  1.00 21.71  ? 53  DA  C C5    1 
ATOM   316  C  C6    . DA  B 2 3  ? 7.042   -9.183  -1.847  1.00 20.71  ? 53  DA  C C6    1 
ATOM   317  N  N6    . DA  B 2 3  ? 6.498   -9.702  -0.746  1.00 20.67  ? 53  DA  C N6    1 
ATOM   318  N  N1    . DA  B 2 3  ? 6.755   -9.748  -3.040  1.00 21.11  ? 53  DA  C N1    1 
ATOM   319  C  C2    . DA  B 2 3  ? 7.308   -9.239  -4.141  1.00 20.50  ? 53  DA  C C2    1 
ATOM   320  N  N3    . DA  B 2 3  ? 8.144   -8.212  -4.263  1.00 21.80  ? 53  DA  C N3    1 
ATOM   321  C  C4    . DA  B 2 3  ? 8.406   -7.670  -3.060  1.00 22.09  ? 53  DA  C C4    1 
ATOM   322  P  P     . DG  B 2 4  ? 10.889  -2.321  -5.853  1.00 26.62  ? 54  DG  C P     1 
ATOM   323  O  OP1   . DG  B 2 4  ? 11.572  -1.968  -7.122  1.00 26.97  ? 54  DG  C OP1   1 
ATOM   324  O  OP2   . DG  B 2 4  ? 10.729  -1.284  -4.800  1.00 26.98  ? 54  DG  C OP2   1 
ATOM   325  O  "O5'" . DG  B 2 4  ? 9.465   -2.894  -6.254  1.00 25.70  ? 54  DG  C "O5'" 1 
ATOM   326  C  "C5'" . DG  B 2 4  ? 9.346   -3.918  -7.252  1.00 23.83  ? 54  DG  C "C5'" 1 
ATOM   327  C  "C4'" . DG  B 2 4  ? 7.890   -4.243  -7.477  1.00 23.27  ? 54  DG  C "C4'" 1 
ATOM   328  O  "O4'" . DG  B 2 4  ? 7.376   -5.104  -6.428  1.00 22.09  ? 54  DG  C "O4'" 1 
ATOM   329  C  "C3'" . DG  B 2 4  ? 6.976   -3.013  -7.492  1.00 22.59  ? 54  DG  C "C3'" 1 
ATOM   330  O  "O3'" . DG  B 2 4  ? 5.969   -3.213  -8.469  1.00 23.47  ? 54  DG  C "O3'" 1 
ATOM   331  C  "C2'" . DG  B 2 4  ? 6.324   -3.060  -6.123  1.00 21.34  ? 54  DG  C "C2'" 1 
ATOM   332  C  "C1'" . DG  B 2 4  ? 6.163   -4.557  -5.969  1.00 19.41  ? 54  DG  C "C1'" 1 
ATOM   333  N  N9    . DG  B 2 4  ? 5.915   -5.051  -4.626  1.00 17.27  ? 54  DG  C N9    1 
ATOM   334  C  C8    . DG  B 2 4  ? 6.330   -4.504  -3.435  1.00 16.27  ? 54  DG  C C8    1 
ATOM   335  N  N7    . DG  B 2 4  ? 5.876   -5.144  -2.394  1.00 15.58  ? 54  DG  C N7    1 
ATOM   336  C  C5    . DG  B 2 4  ? 5.132   -6.186  -2.931  1.00 15.53  ? 54  DG  C C5    1 
ATOM   337  C  C6    . DG  B 2 4  ? 4.383   -7.208  -2.293  1.00 14.40  ? 54  DG  C C6    1 
ATOM   338  O  O6    . DG  B 2 4  ? 4.207   -7.396  -1.087  1.00 15.51  ? 54  DG  C O6    1 
ATOM   339  N  N1    . DG  B 2 4  ? 3.791   -8.058  -3.214  1.00 15.51  ? 54  DG  C N1    1 
ATOM   340  C  C2    . DG  B 2 4  ? 3.898   -7.939  -4.581  1.00 14.72  ? 54  DG  C C2    1 
ATOM   341  N  N2    . DG  B 2 4  ? 3.262   -8.869  -5.304  1.00 15.91  ? 54  DG  C N2    1 
ATOM   342  N  N3    . DG  B 2 4  ? 4.578   -6.984  -5.187  1.00 15.71  ? 54  DG  C N3    1 
ATOM   343  C  C4    . DG  B 2 4  ? 5.167   -6.149  -4.307  1.00 15.18  ? 54  DG  C C4    1 
ATOM   344  P  P     . DC  B 2 5  ? 5.756   -2.139  -9.635  1.00 23.35  ? 55  DC  C P     1 
ATOM   345  O  OP1   . DC  B 2 5  ? 6.568   -2.541  -10.805 1.00 24.56  ? 55  DC  C OP1   1 
ATOM   346  O  OP2   . DC  B 2 5  ? 5.908   -0.785  -9.060  1.00 23.93  ? 55  DC  C OP2   1 
ATOM   347  O  "O5'" . DC  B 2 5  ? 4.234   -2.361  -10.014 1.00 24.36  ? 55  DC  C "O5'" 1 
ATOM   348  C  "C5'" . DC  B 2 5  ? 3.279   -2.641  -8.998  1.00 23.72  ? 55  DC  C "C5'" 1 
ATOM   349  C  "C4'" . DC  B 2 5  ? 2.491   -3.869  -9.370  1.00 22.93  ? 55  DC  C "C4'" 1 
ATOM   350  O  "O4'" . DC  B 2 5  ? 2.844   -4.898  -8.412  1.00 22.07  ? 55  DC  C "O4'" 1 
ATOM   351  C  "C3'" . DC  B 2 5  ? 0.990   -3.639  -9.239  1.00 23.07  ? 55  DC  C "C3'" 1 
ATOM   352  O  "O3'" . DC  B 2 5  ? 0.279   -3.743  -10.458 1.00 24.68  ? 55  DC  C "O3'" 1 
ATOM   353  C  "C2'" . DC  B 2 5  ? 0.494   -4.673  -8.249  1.00 22.85  ? 55  DC  C "C2'" 1 
ATOM   354  C  "C1'" . DC  B 2 5  ? 1.700   -5.459  -7.784  1.00 21.13  ? 55  DC  C "C1'" 1 
ATOM   355  N  N1    . DC  B 2 5  ? 1.825   -5.246  -6.331  1.00 18.45  ? 55  DC  C N1    1 
ATOM   356  C  C2    . DC  B 2 5  ? 1.201   -6.145  -5.487  1.00 17.27  ? 55  DC  C C2    1 
ATOM   357  O  O2    . DC  B 2 5  ? 0.607   -7.108  -5.987  1.00 17.89  ? 55  DC  C O2    1 
ATOM   358  N  N3    . DC  B 2 5  ? 1.252   -5.947  -4.151  1.00 17.06  ? 55  DC  C N3    1 
ATOM   359  C  C4    . DC  B 2 5  ? 1.901   -4.895  -3.660  1.00 16.14  ? 55  DC  C C4    1 
ATOM   360  N  N4    . DC  B 2 5  ? 1.922   -4.741  -2.342  1.00 16.02  ? 55  DC  C N4    1 
ATOM   361  C  C5    . DC  B 2 5  ? 2.559   -3.958  -4.503  1.00 16.18  ? 55  DC  C C5    1 
ATOM   362  C  C6    . DC  B 2 5  ? 2.503   -4.173  -5.821  1.00 16.76  ? 55  DC  C C6    1 
ATOM   363  P  P     . DC  B 2 6  ? -1.104  -2.940  -10.614 1.00 24.45  ? 56  DC  C P     1 
ATOM   364  O  OP1   . DC  B 2 6  ? -1.375  -2.749  -12.059 1.00 24.98  ? 56  DC  C OP1   1 
ATOM   365  O  OP2   . DC  B 2 6  ? -1.053  -1.752  -9.718  1.00 23.68  ? 56  DC  C OP2   1 
ATOM   366  O  "O5'" . DC  B 2 6  ? -2.144  -3.979  -10.008 1.00 23.77  ? 56  DC  C "O5'" 1 
ATOM   367  C  "C5'" . DC  B 2 6  ? -2.096  -5.355  -10.404 1.00 22.93  ? 56  DC  C "C5'" 1 
ATOM   368  C  "C4'" . DC  B 2 6  ? -3.053  -6.166  -9.568  1.00 22.85  ? 56  DC  C "C4'" 1 
ATOM   369  O  "O4'" . DC  B 2 6  ? -2.574  -6.231  -8.206  1.00 22.92  ? 56  DC  C "O4'" 1 
ATOM   370  C  "C3'" . DC  B 2 6  ? -4.464  -5.587  -9.493  1.00 22.65  ? 56  DC  C "C3'" 1 
ATOM   371  O  "O3'" . DC  B 2 6  ? -5.401  -6.666  -9.525  1.00 23.52  ? 56  DC  C "O3'" 1 
ATOM   372  C  "C2'" . DC  B 2 6  ? -4.476  -4.850  -8.165  1.00 21.57  ? 56  DC  C "C2'" 1 
ATOM   373  C  "C1'" . DC  B 2 6  ? -3.543  -5.697  -7.313  1.00 21.95  ? 56  DC  C "C1'" 1 
ATOM   374  N  N1    . DC  B 2 6  ? -2.824  -4.964  -6.252  1.00 19.60  ? 56  DC  C N1    1 
ATOM   375  C  C2    . DC  B 2 6  ? -2.931  -5.419  -4.947  1.00 18.52  ? 56  DC  C C2    1 
ATOM   376  O  O2    . DC  B 2 6  ? -3.616  -6.416  -4.724  1.00 20.03  ? 56  DC  C O2    1 
ATOM   377  N  N3    . DC  B 2 6  ? -2.285  -4.766  -3.961  1.00 18.29  ? 56  DC  C N3    1 
ATOM   378  C  C4    . DC  B 2 6  ? -1.547  -3.695  -4.248  1.00 17.08  ? 56  DC  C C4    1 
ATOM   379  N  N4    . DC  B 2 6  ? -0.932  -3.077  -3.247  1.00 17.34  ? 56  DC  C N4    1 
ATOM   380  C  C5    . DC  B 2 6  ? -1.414  -3.209  -5.576  1.00 18.04  ? 56  DC  C C5    1 
ATOM   381  C  C6    . DC  B 2 6  ? -2.068  -3.864  -6.539  1.00 18.54  ? 56  DC  C C6    1 
ATOM   382  P  P     . DC  B 2 7  ? -6.968  -6.372  -9.744  1.00 24.33  ? 57  DC  C P     1 
ATOM   383  O  OP1   . DC  B 2 7  ? -7.576  -7.626  -10.240 1.00 23.79  ? 57  DC  C OP1   1 
ATOM   384  O  OP2   . DC  B 2 7  ? -7.135  -5.118  -10.511 1.00 23.96  ? 57  DC  C OP2   1 
ATOM   385  O  "O5'" . DC  B 2 7  ? -7.475  -6.129  -8.261  1.00 23.67  ? 57  DC  C "O5'" 1 
ATOM   386  C  "C5'" . DC  B 2 7  ? -7.288  -7.161  -7.296  1.00 23.99  ? 57  DC  C "C5'" 1 
ATOM   387  C  "C4'" . DC  B 2 7  ? -7.724  -6.705  -5.930  1.00 23.82  ? 57  DC  C "C4'" 1 
ATOM   388  O  "O4'" . DC  B 2 7  ? -6.685  -5.946  -5.270  1.00 22.98  ? 57  DC  C "O4'" 1 
ATOM   389  C  "C3'" . DC  B 2 7  ? -8.996  -5.860  -5.873  1.00 24.05  ? 57  DC  C "C3'" 1 
ATOM   390  O  "O3'" . DC  B 2 7  ? -9.962  -6.559  -5.097  1.00 26.35  ? 57  DC  C "O3'" 1 
ATOM   391  C  "C2'" . DC  B 2 7  ? -8.552  -4.575  -5.179  1.00 23.26  ? 57  DC  C "C2'" 1 
ATOM   392  C  "C1'" . DC  B 2 7  ? -7.312  -5.017  -4.416  1.00 21.36  ? 57  DC  C "C1'" 1 
ATOM   393  N  N1    . DC  B 2 7  ? -6.335  -3.963  -4.096  1.00 19.11  ? 57  DC  C N1    1 
ATOM   394  C  C2    . DC  B 2 7  ? -5.910  -3.832  -2.772  1.00 18.44  ? 57  DC  C C2    1 
ATOM   395  O  O2    . DC  B 2 7  ? -6.359  -4.619  -1.917  1.00 18.10  ? 57  DC  C O2    1 
ATOM   396  N  N3    . DC  B 2 7  ? -5.023  -2.859  -2.454  1.00 17.43  ? 57  DC  C N3    1 
ATOM   397  C  C4    . DC  B 2 7  ? -4.564  -2.039  -3.399  1.00 16.66  ? 57  DC  C C4    1 
ATOM   398  N  N4    . DC  B 2 7  ? -3.701  -1.099  -3.032  1.00 16.05  ? 57  DC  C N4    1 
ATOM   399  C  C5    . DC  B 2 7  ? -4.976  -2.150  -4.761  1.00 16.91  ? 57  DC  C C5    1 
ATOM   400  C  C6    . DC  B 2 7  ? -5.854  -3.121  -5.063  1.00 18.18  ? 57  DC  C C6    1 
ATOM   401  P  P     . DA  B 2 8  ? -11.463 -5.995  -4.978  1.00 27.59  ? 58  DA  C P     1 
ATOM   402  O  OP1   . DA  B 2 8  ? -12.376 -7.171  -4.838  1.00 27.93  ? 58  DA  C OP1   1 
ATOM   403  O  OP2   . DA  B 2 8  ? -11.712 -4.987  -6.050  1.00 28.20  ? 58  DA  C OP2   1 
ATOM   404  O  "O5'" . DA  B 2 8  ? -11.412 -5.221  -3.594  1.00 26.76  ? 58  DA  C "O5'" 1 
ATOM   405  C  "C5'" . DA  B 2 8  ? -10.895 -5.881  -2.429  1.00 26.96  ? 58  DA  C "C5'" 1 
ATOM   406  C  "C4'" . DA  B 2 8  ? -10.855 -4.927  -1.265  1.00 26.71  ? 58  DA  C "C4'" 1 
ATOM   407  O  "O4'" . DA  B 2 8  ? -9.666  -4.108  -1.323  1.00 24.72  ? 58  DA  C "O4'" 1 
ATOM   408  C  "C3'" . DA  B 2 8  ? -12.041 -3.967  -1.225  1.00 28.19  ? 58  DA  C "C3'" 1 
ATOM   409  O  "O3'" . DA  B 2 8  ? -12.679 -4.034  0.036   1.00 32.91  ? 58  DA  C "O3'" 1 
ATOM   410  C  "C2'" . DA  B 2 8  ? -11.420 -2.595  -1.427  1.00 25.75  ? 58  DA  C "C2'" 1 
ATOM   411  C  "C1'" . DA  B 2 8  ? -9.996  -2.791  -0.944  1.00 23.32  ? 58  DA  C "C1'" 1 
ATOM   412  N  N9    . DA  B 2 8  ? -9.044  -1.882  -1.581  1.00 20.03  ? 58  DA  C N9    1 
ATOM   413  C  C8    . DA  B 2 8  ? -9.018  -1.524  -2.901  1.00 19.05  ? 58  DA  C C8    1 
ATOM   414  N  N7    . DA  B 2 8  ? -8.115  -0.625  -3.186  1.00 18.30  ? 58  DA  C N7    1 
ATOM   415  C  C5    . DA  B 2 8  ? -7.481  -0.390  -1.978  1.00 17.08  ? 58  DA  C C5    1 
ATOM   416  C  C6    . DA  B 2 8  ? -6.439  0.470   -1.616  1.00 16.33  ? 58  DA  C C6    1 
ATOM   417  N  N6    . DA  B 2 8  ? -5.841  1.312   -2.468  1.00 16.17  ? 58  DA  C N6    1 
ATOM   418  N  N1    . DA  B 2 8  ? -6.034  0.451   -0.330  1.00 16.42  ? 58  DA  C N1    1 
ATOM   419  C  C2    . DA  B 2 8  ? -6.658  -0.361  0.526   1.00 15.16  ? 58  DA  C C2    1 
ATOM   420  N  N3    . DA  B 2 8  ? -7.660  -1.200  0.309   1.00 16.87  ? 58  DA  C N3    1 
ATOM   421  C  C4    . DA  B 2 8  ? -8.029  -1.171  -0.982  1.00 17.84  ? 58  DA  C C4    1 
ATOM   422  P  P     . DC  B 2 9  ? -14.103 -3.322  0.239   1.00 35.48  ? 59  DC  C P     1 
ATOM   423  O  OP1   . DC  B 2 9  ? -15.080 -4.388  0.605   1.00 35.58  ? 59  DC  C OP1   1 
ATOM   424  O  OP2   . DC  B 2 9  ? -14.376 -2.415  -0.917  1.00 34.26  ? 59  DC  C OP2   1 
ATOM   425  O  "O5'" . DC  B 2 9  ? -13.832 -2.387  1.492   1.00 34.37  ? 59  DC  C "O5'" 1 
ATOM   426  C  "C5'" . DC  B 2 9  ? -12.775 -2.695  2.403   1.00 34.17  ? 59  DC  C "C5'" 1 
ATOM   427  C  "C4'" . DC  B 2 9  ? -12.320 -1.436  3.094   1.00 33.98  ? 59  DC  C "C4'" 1 
ATOM   428  O  "O4'" . DC  B 2 9  ? -11.230 -0.810  2.371   1.00 32.67  ? 59  DC  C "O4'" 1 
ATOM   429  C  "C3'" . DC  B 2 9  ? -13.422 -0.383  3.231   1.00 34.62  ? 59  DC  C "C3'" 1 
ATOM   430  O  "O3'" . DC  B 2 9  ? -13.552 0.004   4.596   1.00 36.69  ? 59  DC  C "O3'" 1 
ATOM   431  C  "C2'" . DC  B 2 9  ? -12.938 0.773   2.364   1.00 33.30  ? 59  DC  C "C2'" 1 
ATOM   432  C  "C1'" . DC  B 2 9  ? -11.431 0.589   2.362   1.00 31.54  ? 59  DC  C "C1'" 1 
ATOM   433  N  N1    . DC  B 2 9  ? -10.732 1.146   1.186   1.00 29.82  ? 59  DC  C N1    1 
ATOM   434  C  C2    . DC  B 2 9  ? -9.579  1.929   1.395   1.00 28.48  ? 59  DC  C C2    1 
ATOM   435  O  O2    . DC  B 2 9  ? -9.169  2.108   2.558   1.00 28.16  ? 59  DC  C O2    1 
ATOM   436  N  N3    . DC  B 2 9  ? -8.949  2.467   0.328   1.00 26.71  ? 59  DC  C N3    1 
ATOM   437  C  C4    . DC  B 2 9  ? -9.420  2.257   -0.900  1.00 26.30  ? 59  DC  C C4    1 
ATOM   438  N  N4    . DC  B 2 9  ? -8.777  2.825   -1.910  1.00 25.54  ? 59  DC  C N4    1 
ATOM   439  C  C5    . DC  B 2 9  ? -10.578 1.457   -1.142  1.00 26.98  ? 59  DC  C C5    1 
ATOM   440  C  C6    . DC  B 2 9  ? -11.194 0.923   -0.081  1.00 27.98  ? 59  DC  C C6    1 
ATOM   441  P  P     . DG  B 2 10 ? -14.741 0.989   5.052   1.00 37.69  ? 60  DG  C P     1 
ATOM   442  O  OP1   . DG  B 2 10 ? -15.443 0.304   6.169   1.00 38.30  ? 60  DG  C OP1   1 
ATOM   443  O  OP2   . DG  B 2 10 ? -15.520 1.466   3.871   1.00 37.88  ? 60  DG  C OP2   1 
ATOM   444  O  "O5'" . DG  B 2 10 ? -13.919 2.221   5.622   1.00 35.66  ? 60  DG  C "O5'" 1 
ATOM   445  C  "C5'" . DG  B 2 10 ? -12.596 2.015   6.149   1.00 33.40  ? 60  DG  C "C5'" 1 
ATOM   446  C  "C4'" . DG  B 2 10 ? -11.864 3.330   6.249   1.00 31.99  ? 60  DG  C "C4'" 1 
ATOM   447  O  "O4'" . DG  B 2 10 ? -11.049 3.578   5.077   1.00 29.88  ? 60  DG  C "O4'" 1 
ATOM   448  C  "C3'" . DG  B 2 10 ? -12.816 4.512   6.383   1.00 32.04  ? 60  DG  C "C3'" 1 
ATOM   449  O  "O3'" . DG  B 2 10 ? -12.512 5.288   7.527   1.00 34.24  ? 60  DG  C "O3'" 1 
ATOM   450  C  "C2'" . DG  B 2 10 ? -12.612 5.310   5.108   1.00 30.19  ? 60  DG  C "C2'" 1 
ATOM   451  C  "C1'" . DG  B 2 10 ? -11.224 4.913   4.641   1.00 27.44  ? 60  DG  C "C1'" 1 
ATOM   452  N  N9    . DG  B 2 10 ? -11.131 4.920   3.188   1.00 23.42  ? 60  DG  C N9    1 
ATOM   453  C  C8    . DG  B 2 10 ? -11.932 4.223   2.321   1.00 22.43  ? 60  DG  C C8    1 
ATOM   454  N  N7    . DG  B 2 10 ? -11.649 4.444   1.068   1.00 21.43  ? 60  DG  C N7    1 
ATOM   455  C  C5    . DG  B 2 10 ? -10.578 5.330   1.109   1.00 20.13  ? 60  DG  C C5    1 
ATOM   456  C  C6    . DG  B 2 10 ? -9.843  5.919   0.059   1.00 18.44  ? 60  DG  C C6    1 
ATOM   457  O  O6    . DG  B 2 10 ? -9.974  5.751   -1.156  1.00 18.84  ? 60  DG  C O6    1 
ATOM   458  N  N1    . DG  B 2 10 ? -8.867  6.778   0.538   1.00 17.59  ? 60  DG  C N1    1 
ATOM   459  C  C2    . DG  B 2 10 ? -8.623  7.027   1.862   1.00 17.84  ? 60  DG  C C2    1 
ATOM   460  N  N2    . DG  B 2 10 ? -7.655  7.909   2.125   1.00 17.61  ? 60  DG  C N2    1 
ATOM   461  N  N3    . DG  B 2 10 ? -9.283  6.462   2.854   1.00 19.06  ? 60  DG  C N3    1 
ATOM   462  C  C4    . DG  B 2 10 ? -10.247 5.633   2.409   1.00 20.79  ? 60  DG  C C4    1 
ATOM   463  P  P     . DC  B 2 11 ? -13.601 6.323   8.072   1.00 35.82  ? 61  DC  C P     1 
ATOM   464  O  OP1   . DC  B 2 11 ? -13.546 6.251   9.555   1.00 36.80  ? 61  DC  C OP1   1 
ATOM   465  O  OP2   . DC  B 2 11 ? -14.892 6.097   7.361   1.00 35.66  ? 61  DC  C OP2   1 
ATOM   466  O  "O5'" . DC  B 2 11 ? -13.000 7.724   7.617   1.00 34.62  ? 61  DC  C "O5'" 1 
ATOM   467  C  "C5'" . DC  B 2 11 ? -11.693 8.119   8.058   1.00 31.52  ? 61  DC  C "C5'" 1 
ATOM   468  C  "C4'" . DC  B 2 11 ? -11.208 9.309   7.268   1.00 29.51  ? 61  DC  C "C4'" 1 
ATOM   469  O  "O4'" . DC  B 2 11 ? -10.932 8.926   5.895   1.00 28.07  ? 61  DC  C "O4'" 1 
ATOM   470  C  "C3'" . DC  B 2 11 ? -12.195 10.477  7.199   1.00 28.82  ? 61  DC  C "C3'" 1 
ATOM   471  O  "O3'" . DC  B 2 11 ? -11.421 11.675  7.301   1.00 29.27  ? 61  DC  C "O3'" 1 
ATOM   472  C  "C2'" . DC  B 2 11 ? -12.758 10.371  5.791   1.00 27.73  ? 61  DC  C "C2'" 1 
ATOM   473  C  "C1'" . DC  B 2 11 ? -11.528 9.889   5.045   1.00 26.15  ? 61  DC  C "C1'" 1 
ATOM   474  N  N1    . DC  B 2 11 ? -11.748 9.280   3.719   1.00 22.76  ? 61  DC  C N1    1 
ATOM   475  C  C2    . DC  B 2 11 ? -10.936 9.699   2.659   1.00 21.40  ? 61  DC  C C2    1 
ATOM   476  O  O2    . DC  B 2 11 ? -10.001 10.493  2.893   1.00 21.39  ? 61  DC  C O2    1 
ATOM   477  N  N3    . DC  B 2 11 ? -11.178 9.225   1.415   1.00 19.22  ? 61  DC  C N3    1 
ATOM   478  C  C4    . DC  B 2 11 ? -12.164 8.351   1.213   1.00 18.07  ? 61  DC  C C4    1 
ATOM   479  N  N4    . DC  B 2 11 ? -12.382 7.944   -0.027  1.00 16.16  ? 61  DC  C N4    1 
ATOM   480  C  C5    . DC  B 2 11 ? -12.972 7.867   2.284   1.00 19.21  ? 61  DC  C C5    1 
ATOM   481  C  C6    . DC  B 2 11 ? -12.733 8.355   3.510   1.00 21.01  ? 61  DC  C C6    1 
ATOM   482  N  N     . ARG C 3 3  ? -4.412  -20.696 7.874   1.00 88.02  ? 103 ARG A N     1 
ATOM   483  C  CA    . ARG C 3 3  ? -3.788  -19.743 8.786   1.00 87.55  ? 103 ARG A CA    1 
ATOM   484  C  C     . ARG C 3 3  ? -2.856  -20.414 9.797   1.00 86.76  ? 103 ARG A C     1 
ATOM   485  O  O     . ARG C 3 3  ? -3.198  -20.546 10.975  1.00 86.74  ? 103 ARG A O     1 
ATOM   486  C  CB    . ARG C 3 3  ? -4.859  -18.944 9.534   1.00 88.28  ? 103 ARG A CB    1 
ATOM   487  C  CG    . ARG C 3 3  ? -5.350  -17.685 8.825   1.00 89.07  ? 103 ARG A CG    1 
ATOM   488  C  CD    . ARG C 3 3  ? -6.372  -17.938 7.721   1.00 89.34  ? 103 ARG A CD    1 
ATOM   489  N  NE    . ARG C 3 3  ? -7.109  -16.709 7.409   1.00 89.65  ? 103 ARG A NE    1 
ATOM   490  C  CZ    . ARG C 3 3  ? -6.629  -15.695 6.689   1.00 89.68  ? 103 ARG A CZ    1 
ATOM   491  N  NH1   . ARG C 3 3  ? -5.403  -15.744 6.181   1.00 89.71  ? 103 ARG A NH1   1 
ATOM   492  N  NH2   . ARG C 3 3  ? -7.366  -14.604 6.515   1.00 89.53  ? 103 ARG A NH2   1 
ATOM   493  N  N     . PRO C 3 4  ? -1.660  -20.838 9.348   1.00 85.99  ? 104 PRO A N     1 
ATOM   494  C  CA    . PRO C 3 4  ? -0.652  -21.500 10.188  1.00 85.40  ? 104 PRO A CA    1 
ATOM   495  C  C     . PRO C 3 4  ? 0.106   -20.578 11.151  1.00 84.58  ? 104 PRO A C     1 
ATOM   496  O  O     . PRO C 3 4  ? 0.882   -21.054 11.985  1.00 84.91  ? 104 PRO A O     1 
ATOM   497  C  CB    . PRO C 3 4  ? 0.297   -22.111 9.156   1.00 85.48  ? 104 PRO A CB    1 
ATOM   498  C  CG    . PRO C 3 4  ? 0.254   -21.120 8.050   1.00 85.71  ? 104 PRO A CG    1 
ATOM   499  C  CD    . PRO C 3 4  ? -1.227  -20.823 7.938   1.00 85.93  ? 104 PRO A CD    1 
ATOM   500  N  N     . TYR C 3 5  ? -0.121  -19.270 11.038  1.00 83.30  ? 105 TYR A N     1 
ATOM   501  C  CA    . TYR C 3 5  ? 0.555   -18.287 11.888  1.00 81.55  ? 105 TYR A CA    1 
ATOM   502  C  C     . TYR C 3 5  ? -0.425  -17.215 12.391  1.00 79.42  ? 105 TYR A C     1 
ATOM   503  O  O     . TYR C 3 5  ? -1.172  -16.635 11.606  1.00 79.32  ? 105 TYR A O     1 
ATOM   504  C  CB    . TYR C 3 5  ? 1.699   -17.613 11.107  1.00 82.63  ? 105 TYR A CB    1 
ATOM   505  C  CG    . TYR C 3 5  ? 2.701   -18.564 10.457  1.00 83.55  ? 105 TYR A CG    1 
ATOM   506  C  CD1   . TYR C 3 5  ? 3.723   -19.162 11.204  1.00 84.10  ? 105 TYR A CD1   1 
ATOM   507  C  CD2   . TYR C 3 5  ? 2.644   -18.840 9.088   1.00 83.85  ? 105 TYR A CD2   1 
ATOM   508  C  CE1   . TYR C 3 5  ? 4.669   -20.011 10.597  1.00 84.38  ? 105 TYR A CE1   1 
ATOM   509  C  CE2   . TYR C 3 5  ? 3.581   -19.685 8.473   1.00 84.19  ? 105 TYR A CE2   1 
ATOM   510  C  CZ    . TYR C 3 5  ? 4.590   -20.265 9.231   1.00 84.29  ? 105 TYR A CZ    1 
ATOM   511  O  OH    . TYR C 3 5  ? 5.520   -21.084 8.625   1.00 83.97  ? 105 TYR A OH    1 
ATOM   512  N  N     . ALA C 3 6  ? -0.414  -16.951 13.697  1.00 76.47  ? 106 ALA A N     1 
ATOM   513  C  CA    . ALA C 3 6  ? -1.300  -15.946 14.288  1.00 73.51  ? 106 ALA A CA    1 
ATOM   514  C  C     . ALA C 3 6  ? -0.533  -14.752 14.862  1.00 71.36  ? 106 ALA A C     1 
ATOM   515  O  O     . ALA C 3 6  ? 0.700   -14.748 14.890  1.00 70.80  ? 106 ALA A O     1 
ATOM   516  C  CB    . ALA C 3 6  ? -2.174  -16.578 15.366  1.00 73.69  ? 106 ALA A CB    1 
ATOM   517  N  N     . CYS C 3 7  ? -1.274  -13.744 15.326  1.00 68.61  ? 107 CYS A N     1 
ATOM   518  C  CA    . CYS C 3 7  ? -0.674  -12.542 15.895  1.00 65.72  ? 107 CYS A CA    1 
ATOM   519  C  C     . CYS C 3 7  ? -0.525  -12.602 17.417  1.00 65.66  ? 107 CYS A C     1 
ATOM   520  O  O     . CYS C 3 7  ? -1.519  -12.694 18.149  1.00 65.76  ? 107 CYS A O     1 
ATOM   521  C  CB    . CYS C 3 7  ? -1.476  -11.304 15.505  1.00 63.85  ? 107 CYS A CB    1 
ATOM   522  S  SG    . CYS C 3 7  ? -0.670  -9.778  15.977  1.00 59.41  ? 107 CYS A SG    1 
ATOM   523  N  N     . PRO C 3 8  ? 0.724   -12.488 17.906  1.00 65.03  ? 108 PRO A N     1 
ATOM   524  C  CA    . PRO C 3 8  ? 1.145   -12.517 19.312  1.00 64.51  ? 108 PRO A CA    1 
ATOM   525  C  C     . PRO C 3 8  ? 0.570   -11.432 20.218  1.00 64.04  ? 108 PRO A C     1 
ATOM   526  O  O     . PRO C 3 8  ? 0.247   -11.705 21.374  1.00 64.00  ? 108 PRO A O     1 
ATOM   527  C  CB    . PRO C 3 8  ? 2.660   -12.400 19.209  1.00 64.62  ? 108 PRO A CB    1 
ATOM   528  C  CG    . PRO C 3 8  ? 2.856   -11.608 17.964  1.00 64.96  ? 108 PRO A CG    1 
ATOM   529  C  CD    . PRO C 3 8  ? 1.886   -12.263 17.031  1.00 64.87  ? 108 PRO A CD    1 
ATOM   530  N  N     . VAL C 3 9  ? 0.480   -10.201 19.721  1.00 63.61  ? 109 VAL A N     1 
ATOM   531  C  CA    . VAL C 3 9  ? -0.066  -9.110  20.519  1.00 63.72  ? 109 VAL A CA    1 
ATOM   532  C  C     . VAL C 3 9  ? -1.467  -9.523  20.950  1.00 65.32  ? 109 VAL A C     1 
ATOM   533  O  O     . VAL C 3 9  ? -2.329  -9.797  20.114  1.00 65.65  ? 109 VAL A O     1 
ATOM   534  C  CB    . VAL C 3 9  ? -0.117  -7.793  19.725  1.00 62.41  ? 109 VAL A CB    1 
ATOM   535  C  CG1   . VAL C 3 9  ? -0.604  -6.665  20.605  1.00 61.84  ? 109 VAL A CG1   1 
ATOM   536  C  CG2   . VAL C 3 9  ? 1.253   -7.464  19.193  1.00 61.85  ? 109 VAL A CG2   1 
ATOM   537  N  N     . GLU C 3 10 ? -1.654  -9.654  22.261  1.00 67.43  ? 110 GLU A N     1 
ATOM   538  C  CA    . GLU C 3 10 ? -2.935  -10.069 22.839  1.00 68.81  ? 110 GLU A CA    1 
ATOM   539  C  C     . GLU C 3 10 ? -4.080  -9.142  22.425  1.00 69.11  ? 110 GLU A C     1 
ATOM   540  O  O     . GLU C 3 10 ? -5.230  -9.580  22.315  1.00 69.50  ? 110 GLU A O     1 
ATOM   541  C  CB    . GLU C 3 10 ? -2.829  -10.161 24.372  1.00 69.39  ? 110 GLU A CB    1 
ATOM   542  C  CG    . GLU C 3 10 ? -4.018  -10.829 25.086  1.00 70.15  ? 110 GLU A CG    1 
ATOM   543  C  CD    . GLU C 3 10 ? -5.041  -9.842  25.655  1.00 70.45  ? 110 GLU A CD    1 
ATOM   544  O  OE1   . GLU C 3 10 ? -4.714  -8.645  25.827  1.00 70.57  ? 110 GLU A OE1   1 
ATOM   545  O  OE2   . GLU C 3 10 ? -6.179  -10.274 25.950  1.00 70.82  ? 110 GLU A OE2   1 
ATOM   546  N  N     . SER C 3 11 ? -3.756  -7.878  22.157  1.00 68.94  ? 111 SER A N     1 
ATOM   547  C  CA    . SER C 3 11 ? -4.760  -6.902  21.742  1.00 68.96  ? 111 SER A CA    1 
ATOM   548  C  C     . SER C 3 11 ? -5.073  -6.949  20.235  1.00 68.59  ? 111 SER A C     1 
ATOM   549  O  O     . SER C 3 11 ? -5.499  -5.949  19.646  1.00 69.16  ? 111 SER A O     1 
ATOM   550  C  CB    . SER C 3 11 ? -4.345  -5.486  22.179  1.00 69.52  ? 111 SER A CB    1 
ATOM   551  O  OG    . SER C 3 11 ? -3.032  -5.152  21.751  1.00 70.07  ? 111 SER A OG    1 
ATOM   552  N  N     . CYS C 3 12 ? -4.881  -8.119  19.623  1.00 67.31  ? 112 CYS A N     1 
ATOM   553  C  CA    . CYS C 3 12 ? -5.150  -8.304  18.203  1.00 65.86  ? 112 CYS A CA    1 
ATOM   554  C  C     . CYS C 3 12 ? -5.505  -9.745  17.841  1.00 65.74  ? 112 CYS A C     1 
ATOM   555  O  O     . CYS C 3 12 ? -4.839  -10.701 18.257  1.00 64.65  ? 112 CYS A O     1 
ATOM   556  C  CB    . CYS C 3 12 ? -3.972  -7.826  17.360  1.00 65.01  ? 112 CYS A CB    1 
ATOM   557  S  SG    . CYS C 3 12 ? -4.205  -8.112  15.601  1.00 63.48  ? 112 CYS A SG    1 
ATOM   558  N  N     . ASP C 3 13 ? -6.541  -9.879  17.019  1.00 66.13  ? 113 ASP A N     1 
ATOM   559  C  CA    . ASP C 3 13 ? -7.026  -11.178 16.594  1.00 67.06  ? 113 ASP A CA    1 
ATOM   560  C  C     . ASP C 3 13 ? -6.778  -11.445 15.107  1.00 67.09  ? 113 ASP A C     1 
ATOM   561  O  O     . ASP C 3 13 ? -7.704  -11.789 14.373  1.00 67.29  ? 113 ASP A O     1 
ATOM   562  C  CB    . ASP C 3 13 ? -8.523  -11.271 16.900  1.00 67.75  ? 113 ASP A CB    1 
ATOM   563  C  CG    . ASP C 3 13 ? -9.000  -12.700 17.056  1.00 68.41  ? 113 ASP A CG    1 
ATOM   564  O  OD1   . ASP C 3 13 ? -9.238  -13.371 16.026  1.00 68.64  ? 113 ASP A OD1   1 
ATOM   565  O  OD2   . ASP C 3 13 ? -9.138  -13.150 18.216  1.00 68.54  ? 113 ASP A OD2   1 
ATOM   566  N  N     . ARG C 3 14 ? -5.530  -11.304 14.664  1.00 67.04  ? 114 ARG A N     1 
ATOM   567  C  CA    . ARG C 3 14 ? -5.196  -11.539 13.258  1.00 66.73  ? 114 ARG A CA    1 
ATOM   568  C  C     . ARG C 3 14 ? -4.508  -12.872 12.974  1.00 66.54  ? 114 ARG A C     1 
ATOM   569  O  O     . ARG C 3 14 ? -3.807  -13.415 13.833  1.00 66.44  ? 114 ARG A O     1 
ATOM   570  C  CB    . ARG C 3 14 ? -4.364  -10.382 12.693  1.00 66.50  ? 114 ARG A CB    1 
ATOM   571  C  CG    . ARG C 3 14 ? -5.194  -9.185  12.287  1.00 66.63  ? 114 ARG A CG    1 
ATOM   572  C  CD    . ARG C 3 14 ? -6.464  -9.659  11.603  1.00 67.14  ? 114 ARG A CD    1 
ATOM   573  N  NE    . ARG C 3 14 ? -7.082  -8.646  10.759  1.00 67.57  ? 114 ARG A NE    1 
ATOM   574  C  CZ    . ARG C 3 14 ? -7.062  -8.681  9.429   1.00 67.82  ? 114 ARG A CZ    1 
ATOM   575  N  NH1   . ARG C 3 14 ? -7.655  -7.725  8.731   1.00 67.77  ? 114 ARG A NH1   1 
ATOM   576  N  NH2   . ARG C 3 14 ? -6.452  -9.677  8.796   1.00 67.71  ? 114 ARG A NH2   1 
ATOM   577  N  N     . ARG C 3 15 ? -4.721  -13.394 11.765  1.00 66.12  ? 115 ARG A N     1 
ATOM   578  C  CA    . ARG C 3 15 ? -4.132  -14.669 11.350  1.00 66.37  ? 115 ARG A CA    1 
ATOM   579  C  C     . ARG C 3 15 ? -3.700  -14.622 9.872   1.00 66.01  ? 115 ARG A C     1 
ATOM   580  O  O     . ARG C 3 15 ? -4.435  -14.102 9.029   1.00 66.22  ? 115 ARG A O     1 
ATOM   581  C  CB    . ARG C 3 15 ? -5.137  -15.806 11.578  1.00 66.87  ? 115 ARG A CB    1 
ATOM   582  C  CG    . ARG C 3 15 ? -5.787  -15.820 12.963  1.00 67.22  ? 115 ARG A CG    1 
ATOM   583  C  CD    . ARG C 3 15 ? -6.512  -17.130 13.245  1.00 67.61  ? 115 ARG A CD    1 
ATOM   584  N  NE    . ARG C 3 15 ? -5.963  -17.807 14.421  1.00 67.78  ? 115 ARG A NE    1 
ATOM   585  C  CZ    . ARG C 3 15 ? -4.867  -18.563 14.415  1.00 67.95  ? 115 ARG A CZ    1 
ATOM   586  N  NH1   . ARG C 3 15 ? -4.183  -18.760 13.291  1.00 67.93  ? 115 ARG A NH1   1 
ATOM   587  N  NH2   . ARG C 3 15 ? -4.436  -19.106 15.545  1.00 67.75  ? 115 ARG A NH2   1 
ATOM   588  N  N     A PHE C 3 16 ? -2.524  -15.180 9.563   0.50 65.17  ? 116 PHE A N     1 
ATOM   589  N  N     B PHE C 3 16 ? -2.502  -15.231 9.564   0.50 59.54  ? 116 PHE A N     1 
ATOM   590  C  CA    A PHE C 3 16 ? -1.979  -15.175 8.195   0.50 64.44  ? 116 PHE A CA    1 
ATOM   591  C  CA    B PHE C 3 16 ? -1.967  -15.144 8.196   0.50 59.72  ? 116 PHE A CA    1 
ATOM   592  C  C     A PHE C 3 16 ? -1.530  -16.533 7.637   0.50 63.86  ? 116 PHE A C     1 
ATOM   593  C  C     B PHE C 3 16 ? -1.531  -16.495 7.588   0.50 59.98  ? 116 PHE A C     1 
ATOM   594  O  O     A PHE C 3 16 ? -1.227  -17.462 8.387   0.50 64.10  ? 116 PHE A O     1 
ATOM   595  O  O     B PHE C 3 16 ? -1.019  -17.349 8.294   0.50 60.25  ? 116 PHE A O     1 
ATOM   596  C  CB    A PHE C 3 16 ? -0.806  -14.187 8.102   0.50 64.33  ? 116 PHE A CB    1 
ATOM   597  C  CB    B PHE C 3 16 ? -0.796  -14.158 8.140   0.50 59.30  ? 116 PHE A CB    1 
ATOM   598  C  CG    A PHE C 3 16 ? -1.184  -12.771 8.417   0.50 64.04  ? 116 PHE A CG    1 
ATOM   599  C  CG    B PHE C 3 16 ? -1.181  -12.742 8.466   0.50 58.81  ? 116 PHE A CG    1 
ATOM   600  C  CD1   A PHE C 3 16 ? -1.194  -12.318 9.732   0.50 63.76  ? 116 PHE A CD1   1 
ATOM   601  C  CD1   B PHE C 3 16 ? -1.163  -12.290 9.781   0.50 58.42  ? 116 PHE A CD1   1 
ATOM   602  C  CD2   A PHE C 3 16 ? -1.569  -11.897 7.405   0.50 63.91  ? 116 PHE A CD2   1 
ATOM   603  C  CD2   B PHE C 3 16 ? -1.568  -11.860 7.458   0.50 58.59  ? 116 PHE A CD2   1 
ATOM   604  C  CE1   A PHE C 3 16 ? -1.591  -11.022 10.035  0.50 63.68  ? 116 PHE A CE1   1 
ATOM   605  C  CE1   B PHE C 3 16 ? -1.531  -10.982 10.092  0.50 58.29  ? 116 PHE A CE1   1 
ATOM   606  C  CE2   A PHE C 3 16 ? -1.967  -10.597 7.700   0.50 63.66  ? 116 PHE A CE2   1 
ATOM   607  C  CE2   B PHE C 3 16 ? -1.938  -10.548 7.761   0.50 58.26  ? 116 PHE A CE2   1 
ATOM   608  C  CZ    A PHE C 3 16 ? -1.977  -10.158 9.018   0.50 63.54  ? 116 PHE A CZ    1 
ATOM   609  C  CZ    B PHE C 3 16 ? -1.920  -10.110 9.081   0.50 58.13  ? 116 PHE A CZ    1 
ATOM   610  N  N     A SER C 3 17 ? -1.458  -16.611 6.307   0.50 62.72  ? 117 SER A N     1 
ATOM   611  N  N     B SER C 3 17 ? -1.759  -16.662 6.293   0.50 60.06  ? 117 SER A N     1 
ATOM   612  C  CA    A SER C 3 17 ? -1.048  -17.820 5.588   0.50 61.47  ? 117 SER A CA    1 
ATOM   613  C  CA    B SER C 3 17 ? -1.383  -17.906 5.625   0.50 60.05  ? 117 SER A CA    1 
ATOM   614  C  C     A SER C 3 17 ? 0.469   -17.999 5.558   0.50 60.34  ? 117 SER A C     1 
ATOM   615  C  C     B SER C 3 17 ? 0.081   -18.142 5.931   0.50 59.80  ? 117 SER A C     1 
ATOM   616  O  O     A SER C 3 17 ? 0.982   -19.119 5.626   0.50 60.37  ? 117 SER A O     1 
ATOM   617  O  O     B SER C 3 17 ? 0.528   -19.288 6.005   0.50 59.84  ? 117 SER A O     1 
ATOM   618  C  CB    A SER C 3 17 ? -1.580  -17.763 4.147   0.50 61.60  ? 117 SER A CB    1 
ATOM   619  C  CB    B SER C 3 17 ? -1.591  -17.830 4.109   0.50 60.18  ? 117 SER A CB    1 
ATOM   620  O  OG    A SER C 3 17 ? -1.036  -18.790 3.331   0.50 61.46  ? 117 SER A OG    1 
ATOM   621  O  OG    B SER C 3 17 ? -2.836  -18.383 3.750   0.50 60.39  ? 117 SER A OG    1 
ATOM   622  N  N     A ARG C 3 18 ? 1.177   -16.880 5.469   0.50 58.83  ? 118 ARG A N     1 
ATOM   623  N  N     B ARG C 3 18 ? 0.814   -17.050 6.134   0.50 59.48  ? 118 ARG A N     1 
ATOM   624  C  CA    A ARG C 3 18 ? 2.634   -16.872 5.394   0.50 57.28  ? 118 ARG A CA    1 
ATOM   625  C  CA    B ARG C 3 18 ? 2.220   -17.162 6.455   0.50 59.24  ? 118 ARG A CA    1 
ATOM   626  C  C     A ARG C 3 18 ? 3.296   -16.203 6.597   0.50 56.41  ? 118 ARG A C     1 
ATOM   627  C  C     B ARG C 3 18 ? 2.926   -16.065 7.243   0.50 59.00  ? 118 ARG A C     1 
ATOM   628  O  O     A ARG C 3 18 ? 2.619   -15.621 7.448   0.50 56.45  ? 118 ARG A O     1 
ATOM   629  O  O     B ARG C 3 18 ? 2.307   -15.130 7.759   0.50 58.94  ? 118 ARG A O     1 
ATOM   630  C  CB    A ARG C 3 18 ? 3.054   -16.179 4.099   0.50 56.92  ? 118 ARG A CB    1 
ATOM   631  C  CB    B ARG C 3 18 ? 3.028   -17.570 5.231   0.50 59.17  ? 118 ARG A CB    1 
ATOM   632  C  CG    A ARG C 3 18 ? 2.040   -15.141 3.637   0.50 56.33  ? 118 ARG A CG    1 
ATOM   633  C  CG    B ARG C 3 18 ? 2.715   -16.834 3.941   0.50 59.25  ? 118 ARG A CG    1 
ATOM   634  C  CD    A ARG C 3 18 ? 2.328   -14.624 2.253   0.50 55.62  ? 118 ARG A CD    1 
ATOM   635  C  CD    B ARG C 3 18 ? 3.780   -17.214 2.947   0.50 59.28  ? 118 ARG A CD    1 
ATOM   636  N  NE    A ARG C 3 18 ? 2.291   -15.664 1.247   0.50 55.04  ? 118 ARG A NE    1 
ATOM   637  N  NE    B ARG C 3 18 ? 5.083   -17.003 3.562   0.50 59.10  ? 118 ARG A NE    1 
ATOM   638  C  CZ    A ARG C 3 18 ? 1.178   -16.221 0.788   0.50 54.66  ? 118 ARG A CZ    1 
ATOM   639  C  CZ    B ARG C 3 18 ? 5.960   -16.095 3.159   0.50 59.21  ? 118 ARG A CZ    1 
ATOM   640  N  NH1   A ARG C 3 18 ? -0.017  -15.841 1.235   0.50 54.31  ? 118 ARG A NH1   1 
ATOM   641  N  NH1   B ARG C 3 18 ? 5.677   -15.316 2.137   0.50 58.98  ? 118 ARG A NH1   1 
ATOM   642  N  NH2   A ARG C 3 18 ? 1.268   -17.195 -0.096  0.50 54.45  ? 118 ARG A NH2   1 
ATOM   643  N  NH2   B ARG C 3 18 ? 7.078   -15.900 3.851   0.50 59.16  ? 118 ARG A NH2   1 
ATOM   644  N  N     A SER C 3 19 ? 4.623   -16.297 6.654   0.50 55.11  ? 119 SER A N     1 
ATOM   645  N  N     B SER C 3 19 ? 4.246   -16.198 7.284   0.50 58.58  ? 119 SER A N     1 
ATOM   646  C  CA    A SER C 3 19 ? 5.410   -15.719 7.739   0.50 53.82  ? 119 SER A CA    1 
ATOM   647  C  CA    B SER C 3 19 ? 5.135   -15.342 8.051   0.50 58.17  ? 119 SER A CA    1 
ATOM   648  C  C     A SER C 3 19 ? 5.831   -14.295 7.390   0.50 52.52  ? 119 SER A C     1 
ATOM   649  C  C     B SER C 3 19 ? 5.608   -14.014 7.463   0.50 57.64  ? 119 SER A C     1 
ATOM   650  O  O     A SER C 3 19 ? 6.028   -13.461 8.278   0.50 52.56  ? 119 SER A O     1 
ATOM   651  O  O     B SER C 3 19 ? 5.744   -13.051 8.211   0.50 57.56  ? 119 SER A O     1 
ATOM   652  C  CB    A SER C 3 19 ? 6.654   -16.574 8.018   0.50 54.25  ? 119 SER A CB    1 
ATOM   653  C  CB    B SER C 3 19 ? 6.330   -16.184 8.511   0.50 58.50  ? 119 SER A CB    1 
ATOM   654  O  OG    A SER C 3 19 ? 6.304   -17.875 8.461   0.50 54.53  ? 119 SER A OG    1 
ATOM   655  O  OG    B SER C 3 19 ? 5.883   -17.513 8.786   0.50 58.60  ? 119 SER A OG    1 
ATOM   656  N  N     A ALA C 3 20 ? 5.973   -14.025 6.096   0.50 50.65  ? 120 ALA A N     1 
ATOM   657  N  N     B ALA C 3 20 ? 5.863   -13.937 6.160   0.50 56.94  ? 120 ALA A N     1 
ATOM   658  C  CA    A ALA C 3 20 ? 6.358   -12.703 5.624   0.50 48.85  ? 120 ALA A CA    1 
ATOM   659  C  CA    B ALA C 3 20 ? 6.310   -12.698 5.563   0.50 56.39  ? 120 ALA A CA    1 
ATOM   660  C  C     A ALA C 3 20 ? 5.207   -11.738 5.870   0.50 47.59  ? 120 ALA A C     1 
ATOM   661  C  C     B ALA C 3 20 ? 5.214   -11.676 5.801   0.50 55.96  ? 120 ALA A C     1 
ATOM   662  O  O     A ALA C 3 20 ? 5.411   -10.534 6.032   0.50 46.94  ? 120 ALA A O     1 
ATOM   663  O  O     B ALA C 3 20 ? 5.501   -10.529 6.078   0.50 55.26  ? 120 ALA A O     1 
ATOM   664  C  CB    A ALA C 3 20 ? 6.703   -12.749 4.135   0.50 49.01  ? 120 ALA A CB    1 
ATOM   665  C  CB    B ALA C 3 20 ? 6.575   -12.872 4.087   0.50 56.43  ? 120 ALA A CB    1 
ATOM   666  N  N     . GLU C 3 21 ? 3.997   -12.294 5.905   1.00 46.15  ? 121 GLU A N     1 
ATOM   667  C  CA    . GLU C 3 21 ? 2.776   -11.524 6.131   1.00 45.40  ? 121 GLU A CA    1 
ATOM   668  C  C     . GLU C 3 21 ? 2.566   -11.173 7.604   1.00 43.06  ? 121 GLU A C     1 
ATOM   669  O  O     . GLU C 3 21 ? 2.112   -10.076 7.935   1.00 42.14  ? 121 GLU A O     1 
ATOM   670  C  CB    . GLU C 3 21 ? 1.571   -12.288 5.557   1.00 46.36  ? 121 GLU A CB    1 
ATOM   671  C  CG    . GLU C 3 21 ? 1.184   -11.880 4.123   1.00 47.51  ? 121 GLU A CG    1 
ATOM   672  C  CD    . GLU C 3 21 ? 2.366   -11.400 3.280   1.00 48.47  ? 121 GLU A CD    1 
ATOM   673  O  OE1   . GLU C 3 21 ? 3.341   -12.153 3.071   1.00 48.56  ? 121 GLU A OE1   1 
ATOM   674  O  OE2   . GLU C 3 21 ? 2.324   -10.247 2.818   1.00 50.08  ? 121 GLU A OE2   1 
ATOM   675  N  N     . LEU C 3 22 ? 2.907   -12.099 8.490   1.00 40.54  ? 122 LEU A N     1 
ATOM   676  C  CA    . LEU C 3 22 ? 2.766   -11.851 9.911   1.00 38.30  ? 122 LEU A CA    1 
ATOM   677  C  C     . LEU C 3 22 ? 3.846   -10.847 10.346  1.00 36.18  ? 122 LEU A C     1 
ATOM   678  O  O     . LEU C 3 22 ? 3.595   -10.016 11.218  1.00 34.82  ? 122 LEU A O     1 
ATOM   679  C  CB    . LEU C 3 22 ? 2.837   -13.175 10.685  1.00 39.29  ? 122 LEU A CB    1 
ATOM   680  C  CG    . LEU C 3 22 ? 2.323   -13.238 12.131  1.00 39.74  ? 122 LEU A CG    1 
ATOM   681  C  CD1   . LEU C 3 22 ? 3.402   -12.851 13.093  1.00 40.15  ? 122 LEU A CD1   1 
ATOM   682  C  CD2   . LEU C 3 22 ? 1.103   -12.351 12.328  1.00 40.24  ? 122 LEU A CD2   1 
ATOM   683  N  N     . THR C 3 23 ? 5.011   -10.893 9.684   1.00 34.18  ? 123 THR A N     1 
ATOM   684  C  CA    . THR C 3 23 ? 6.143   -9.983  9.952   1.00 32.78  ? 123 THR A CA    1 
ATOM   685  C  C     . THR C 3 23 ? 5.850   -8.549  9.473   1.00 32.12  ? 123 THR A C     1 
ATOM   686  O  O     . THR C 3 23 ? 6.252   -7.570  10.120  1.00 31.17  ? 123 THR A O     1 
ATOM   687  C  CB    . THR C 3 23 ? 7.469   -10.486 9.286   1.00 32.91  ? 123 THR A CB    1 
ATOM   688  O  OG1   . THR C 3 23 ? 7.859   -11.734 9.872   1.00 32.72  ? 123 THR A OG1   1 
ATOM   689  C  CG2   . THR C 3 23 ? 8.604   -9.473  9.447   1.00 31.66  ? 123 THR A CG2   1 
ATOM   690  N  N     . ARG C 3 24 ? 5.169   -8.433  8.331   1.00 31.58  ? 124 ARG A N     1 
ATOM   691  C  CA    . ARG C 3 24 ? 4.804   -7.126  7.780   1.00 30.77  ? 124 ARG A CA    1 
ATOM   692  C  C     . ARG C 3 24 ? 3.691   -6.522  8.650   1.00 30.86  ? 124 ARG A C     1 
ATOM   693  O  O     . ARG C 3 24 ? 3.685   -5.328  8.933   1.00 30.03  ? 124 ARG A O     1 
ATOM   694  C  CB    . ARG C 3 24 ? 4.310   -7.271  6.340   1.00 30.09  ? 124 ARG A CB    1 
ATOM   695  C  CG    . ARG C 3 24 ? 3.936   -5.948  5.675   1.00 29.64  ? 124 ARG A CG    1 
ATOM   696  C  CD    . ARG C 3 24 ? 3.398   -6.153  4.261   1.00 28.41  ? 124 ARG A CD    1 
ATOM   697  N  NE    . ARG C 3 24 ? 2.137   -6.893  4.243   1.00 26.44  ? 124 ARG A NE    1 
ATOM   698  C  CZ    . ARG C 3 24 ? 1.446   -7.180  3.143   1.00 26.59  ? 124 ARG A CZ    1 
ATOM   699  N  NH1   . ARG C 3 24 ? 1.887   -6.794  1.945   1.00 25.43  ? 124 ARG A NH1   1 
ATOM   700  N  NH2   . ARG C 3 24 ? 0.307   -7.856  3.237   1.00 25.76  ? 124 ARG A NH2   1 
ATOM   701  N  N     . HIS C 3 25 ? 2.767   -7.374  9.079   1.00 31.26  ? 125 HIS A N     1 
ATOM   702  C  CA    . HIS C 3 25 ? 1.642   -6.981  9.912   1.00 31.67  ? 125 HIS A CA    1 
ATOM   703  C  C     . HIS C 3 25 ? 2.093   -6.446  11.260  1.00 31.82  ? 125 HIS A C     1 
ATOM   704  O  O     . HIS C 3 25 ? 1.589   -5.429  11.731  1.00 31.83  ? 125 HIS A O     1 
ATOM   705  C  CB    . HIS C 3 25 ? 0.716   -8.191  10.116  1.00 31.86  ? 125 HIS A CB    1 
ATOM   706  C  CG    . HIS C 3 25 ? -0.291  -8.008  11.206  1.00 31.83  ? 125 HIS A CG    1 
ATOM   707  N  ND1   . HIS C 3 25 ? -1.220  -6.991  11.197  1.00 31.76  ? 125 HIS A ND1   1 
ATOM   708  C  CD2   . HIS C 3 25 ? -0.507  -8.704  12.346  1.00 32.10  ? 125 HIS A CD2   1 
ATOM   709  C  CE1   . HIS C 3 25 ? -1.966  -7.065  12.282  1.00 32.09  ? 125 HIS A CE1   1 
ATOM   710  N  NE2   . HIS C 3 25 ? -1.555  -8.099  12.997  1.00 32.86  ? 125 HIS A NE2   1 
ATOM   711  N  N     . ILE C 3 26 ? 3.043   -7.138  11.880  1.00 32.13  ? 126 ILE A N     1 
ATOM   712  C  CA    . ILE C 3 26 ? 3.553   -6.745  13.192  1.00 32.58  ? 126 ILE A CA    1 
ATOM   713  C  C     . ILE C 3 26 ? 3.954   -5.273  13.275  1.00 32.28  ? 126 ILE A C     1 
ATOM   714  O  O     . ILE C 3 26 ? 3.900   -4.684  14.352  1.00 31.58  ? 126 ILE A O     1 
ATOM   715  C  CB    . ILE C 3 26 ? 4.719   -7.703  13.634  1.00 33.27  ? 126 ILE A CB    1 
ATOM   716  C  CG1   . ILE C 3 26 ? 4.165   -8.807  14.530  1.00 33.48  ? 126 ILE A CG1   1 
ATOM   717  C  CG2   . ILE C 3 26 ? 5.854   -6.951  14.338  1.00 33.51  ? 126 ILE A CG2   1 
ATOM   718  C  CD1   . ILE C 3 26 ? 3.555   -8.304  15.810  1.00 33.12  ? 126 ILE A CD1   1 
ATOM   719  N  N     . ARG C 3 27 ? 4.315   -4.673  12.140  1.00 33.14  ? 127 ARG A N     1 
ATOM   720  C  CA    . ARG C 3 27 ? 4.713   -3.266  12.094  1.00 33.69  ? 127 ARG A CA    1 
ATOM   721  C  C     . ARG C 3 27 ? 3.586   -2.350  12.557  1.00 32.08  ? 127 ARG A C     1 
ATOM   722  O  O     . ARG C 3 27 ? 3.836   -1.222  12.995  1.00 31.56  ? 127 ARG A O     1 
ATOM   723  C  CB    . ARG C 3 27 ? 5.154   -2.865  10.677  1.00 37.06  ? 127 ARG A CB    1 
ATOM   724  C  CG    . ARG C 3 27 ? 6.474   -3.462  10.230  1.00 40.32  ? 127 ARG A CG    1 
ATOM   725  C  CD    . ARG C 3 27 ? 6.858   -2.933  8.828   1.00 43.62  ? 127 ARG A CD    1 
ATOM   726  N  NE    . ARG C 3 27 ? 8.236   -3.293  8.478   1.00 46.93  ? 127 ARG A NE    1 
ATOM   727  C  CZ    . ARG C 3 27 ? 8.584   -4.263  7.630   1.00 48.35  ? 127 ARG A CZ    1 
ATOM   728  N  NH1   . ARG C 3 27 ? 7.657   -4.993  7.012   1.00 48.46  ? 127 ARG A NH1   1 
ATOM   729  N  NH2   . ARG C 3 27 ? 9.873   -4.523  7.425   1.00 49.28  ? 127 ARG A NH2   1 
ATOM   730  N  N     . ILE C 3 28 ? 2.346   -2.816  12.391  1.00 31.01  ? 128 ILE A N     1 
ATOM   731  C  CA    . ILE C 3 28 ? 1.165   -2.062  12.829  1.00 30.60  ? 128 ILE A CA    1 
ATOM   732  C  C     . ILE C 3 28 ? 1.284   -1.765  14.325  1.00 30.52  ? 128 ILE A C     1 
ATOM   733  O  O     . ILE C 3 28 ? 1.072   -0.631  14.757  1.00 30.45  ? 128 ILE A O     1 
ATOM   734  C  CB    . ILE C 3 28 ? -0.124  -2.868  12.545  1.00 30.60  ? 128 ILE A CB    1 
ATOM   735  C  CG1   . ILE C 3 28 ? -0.383  -2.925  11.034  1.00 31.31  ? 128 ILE A CG1   1 
ATOM   736  C  CG2   . ILE C 3 28 ? -1.310  -2.267  13.275  1.00 30.87  ? 128 ILE A CG2   1 
ATOM   737  C  CD1   . ILE C 3 28 ? -1.545  -3.808  10.635  1.00 30.86  ? 128 ILE A CD1   1 
ATOM   738  N  N     . HIS C 3 29 ? 1.694   -2.779  15.082  1.00 29.74  ? 129 HIS A N     1 
ATOM   739  C  CA    . HIS C 3 29 ? 1.857   -2.681  16.526  1.00 29.19  ? 129 HIS A CA    1 
ATOM   740  C  C     . HIS C 3 29 ? 3.190   -2.064  16.973  1.00 29.63  ? 129 HIS A C     1 
ATOM   741  O  O     . HIS C 3 29 ? 3.229   -1.361  17.975  1.00 30.25  ? 129 HIS A O     1 
ATOM   742  C  CB    . HIS C 3 29 ? 1.684   -4.056  17.162  1.00 28.07  ? 129 HIS A CB    1 
ATOM   743  C  CG    . HIS C 3 29 ? 0.443   -4.777  16.731  1.00 27.01  ? 129 HIS A CG    1 
ATOM   744  N  ND1   . HIS C 3 29 ? -0.822  -4.251  16.885  1.00 26.84  ? 129 HIS A ND1   1 
ATOM   745  C  CD2   . HIS C 3 29 ? 0.275   -5.998  16.168  1.00 26.61  ? 129 HIS A CD2   1 
ATOM   746  C  CE1   . HIS C 3 29 ? -1.715  -5.117  16.439  1.00 26.02  ? 129 HIS A CE1   1 
ATOM   747  N  NE2   . HIS C 3 29 ? -1.075  -6.185  15.998  1.00 26.13  ? 129 HIS A NE2   1 
ATOM   748  N  N     . THR C 3 30 ? 4.283   -2.369  16.271  1.00 30.60  ? 130 THR A N     1 
ATOM   749  C  CA    . THR C 3 30 ? 5.594   -1.811  16.644  1.00 31.34  ? 130 THR A CA    1 
ATOM   750  C  C     . THR C 3 30 ? 5.774   -0.385  16.135  1.00 31.95  ? 130 THR A C     1 
ATOM   751  O  O     . THR C 3 30 ? 6.672   0.327   16.585  1.00 33.03  ? 130 THR A O     1 
ATOM   752  C  CB    . THR C 3 30 ? 6.815   -2.674  16.169  1.00 31.18  ? 130 THR A CB    1 
ATOM   753  O  OG1   . THR C 3 30 ? 6.937   -2.614  14.747  1.00 32.14  ? 130 THR A OG1   1 
ATOM   754  C  CG2   . THR C 3 30 ? 6.669   -4.113  16.594  1.00 31.17  ? 130 THR A CG2   1 
ATOM   755  N  N     . GLY C 3 31 ? 4.931   0.017   15.183  1.00 32.20  ? 131 GLY A N     1 
ATOM   756  C  CA    . GLY C 3 31 ? 5.004   1.356   14.618  1.00 32.32  ? 131 GLY A CA    1 
ATOM   757  C  C     . GLY C 3 31 ? 6.153   1.612   13.656  1.00 33.08  ? 131 GLY A C     1 
ATOM   758  O  O     . GLY C 3 31 ? 6.403   2.767   13.307  1.00 33.08  ? 131 GLY A O     1 
ATOM   759  N  N     . GLN C 3 32 ? 6.857   0.554   13.247  1.00 33.45  ? 132 GLN A N     1 
ATOM   760  C  CA    . GLN C 3 32 ? 7.981   0.669   12.316  1.00 34.20  ? 132 GLN A CA    1 
ATOM   761  C  C     . GLN C 3 32 ? 7.564   1.289   10.977  1.00 33.32  ? 132 GLN A C     1 
ATOM   762  O  O     . GLN C 3 32 ? 6.612   0.825   10.336  1.00 34.11  ? 132 GLN A O     1 
ATOM   763  C  CB    . GLN C 3 32 ? 8.569   -0.709  11.976  1.00 36.00  ? 132 GLN A CB    1 
ATOM   764  C  CG    . GLN C 3 32 ? 9.209   -1.511  13.088  1.00 38.29  ? 132 GLN A CG    1 
ATOM   765  C  CD    . GLN C 3 32 ? 9.433   -2.975  12.664  1.00 39.19  ? 132 GLN A CD    1 
ATOM   766  O  OE1   . GLN C 3 32 ? 9.023   -3.919  13.368  1.00 39.00  ? 132 GLN A OE1   1 
ATOM   767  N  NE2   . GLN C 3 32 ? 10.049  -3.166  11.488  1.00 38.66  ? 132 GLN A NE2   1 
ATOM   768  N  N     . LYS C 3 33 ? 8.318   2.305   10.554  1.00 31.89  ? 133 LYS A N     1 
ATOM   769  C  CA    . LYS C 3 33 ? 8.129   2.995   9.271   1.00 30.08  ? 133 LYS A CA    1 
ATOM   770  C  C     . LYS C 3 33 ? 9.542   3.168   8.686   1.00 29.04  ? 133 LYS A C     1 
ATOM   771  O  O     . LYS C 3 33 ? 10.118  4.260   8.748   1.00 28.96  ? 133 LYS A O     1 
ATOM   772  C  CB    . LYS C 3 33 ? 7.457   4.355   9.477   1.00 29.58  ? 133 LYS A CB    1 
ATOM   773  C  CG    . LYS C 3 33 ? 5.987   4.281   9.826   1.00 28.72  ? 133 LYS A CG    1 
ATOM   774  C  CD    . LYS C 3 33 ? 5.425   5.678   9.905   1.00 29.94  ? 133 LYS A CD    1 
ATOM   775  C  CE    . LYS C 3 33 ? 3.915   5.683   9.936   1.00 29.77  ? 133 LYS A CE    1 
ATOM   776  N  NZ    . LYS C 3 33 ? 3.443   7.088   9.883   1.00 30.88  ? 133 LYS A NZ    1 
ATOM   777  N  N     . PRO C 3 34 ? 10.113  2.082   8.121   1.00 28.55  ? 134 PRO A N     1 
ATOM   778  C  CA    . PRO C 3 34 ? 11.445  1.971   7.512   1.00 28.15  ? 134 PRO A CA    1 
ATOM   779  C  C     . PRO C 3 34 ? 11.765  2.768   6.251   1.00 27.86  ? 134 PRO A C     1 
ATOM   780  O  O     . PRO C 3 34 ? 12.938  2.923   5.916   1.00 27.84  ? 134 PRO A O     1 
ATOM   781  C  CB    . PRO C 3 34 ? 11.557  0.470   7.194   1.00 27.85  ? 134 PRO A CB    1 
ATOM   782  C  CG    . PRO C 3 34 ? 10.553  -0.180  8.072   1.00 28.13  ? 134 PRO A CG    1 
ATOM   783  C  CD    . PRO C 3 34 ? 9.410   0.791   8.015   1.00 28.48  ? 134 PRO A CD    1 
ATOM   784  N  N     . PHE C 3 35 ? 10.738  3.239   5.540   1.00 26.94  ? 135 PHE A N     1 
ATOM   785  C  CA    . PHE C 3 35 ? 10.955  3.937   4.275   1.00 25.16  ? 135 PHE A CA    1 
ATOM   786  C  C     . PHE C 3 35 ? 10.663  5.410   4.329   1.00 24.51  ? 135 PHE A C     1 
ATOM   787  O  O     . PHE C 3 35 ? 9.523   5.799   4.520   1.00 25.89  ? 135 PHE A O     1 
ATOM   788  C  CB    . PHE C 3 35 ? 10.130  3.261   3.197   1.00 24.81  ? 135 PHE A CB    1 
ATOM   789  C  CG    . PHE C 3 35 ? 10.213  1.775   3.251   1.00 24.40  ? 135 PHE A CG    1 
ATOM   790  C  CD1   . PHE C 3 35 ? 9.314   1.043   4.021   1.00 24.12  ? 135 PHE A CD1   1 
ATOM   791  C  CD2   . PHE C 3 35 ? 11.227  1.105   2.586   1.00 24.33  ? 135 PHE A CD2   1 
ATOM   792  C  CE1   . PHE C 3 35 ? 9.424   -0.346  4.132   1.00 23.67  ? 135 PHE A CE1   1 
ATOM   793  C  CE2   . PHE C 3 35 ? 11.351  -0.283  2.686   1.00 24.28  ? 135 PHE A CE2   1 
ATOM   794  C  CZ    . PHE C 3 35 ? 10.447  -1.010  3.466   1.00 23.83  ? 135 PHE A CZ    1 
ATOM   795  N  N     . GLN C 3 36 ? 11.690  6.229   4.120   1.00 23.55  ? 136 GLN A N     1 
ATOM   796  C  CA    . GLN C 3 36 ? 11.529  7.668   4.167   1.00 23.43  ? 136 GLN A CA    1 
ATOM   797  C  C     . GLN C 3 36 ? 11.516  8.349   2.794   1.00 22.89  ? 136 GLN A C     1 
ATOM   798  O  O     . GLN C 3 36 ? 12.188  7.906   1.859   1.00 22.40  ? 136 GLN A O     1 
ATOM   799  C  CB    . GLN C 3 36 ? 12.619  8.274   5.049   1.00 23.67  ? 136 GLN A CB    1 
ATOM   800  C  CG    . GLN C 3 36 ? 12.374  9.716   5.425   1.00 25.10  ? 136 GLN A CG    1 
ATOM   801  C  CD    . GLN C 3 36 ? 13.470  10.269  6.323   1.00 26.89  ? 136 GLN A CD    1 
ATOM   802  O  OE1   . GLN C 3 36 ? 14.670  10.042  6.066   1.00 27.95  ? 136 GLN A OE1   1 
ATOM   803  N  NE2   . GLN C 3 36 ? 13.076  10.965  7.402   1.00 26.73  ? 136 GLN A NE2   1 
ATOM   804  N  N     . CYS C 3 37 ? 10.685  9.386   2.677   1.00 22.83  ? 137 CYS A N     1 
ATOM   805  C  CA    . CYS C 3 37 ? 10.560  10.185  1.453   1.00 21.66  ? 137 CYS A CA    1 
ATOM   806  C  C     . CYS C 3 37 ? 11.600  11.283  1.597   1.00 22.53  ? 137 CYS A C     1 
ATOM   807  O  O     . CYS C 3 37 ? 11.573  12.037  2.565   1.00 23.44  ? 137 CYS A O     1 
ATOM   808  C  CB    . CYS C 3 37 ? 9.160   10.801  1.336   1.00 20.40  ? 137 CYS A CB    1 
ATOM   809  S  SG    . CYS C 3 37 ? 8.956   11.951  -0.038  1.00 19.21  ? 137 CYS A SG    1 
ATOM   810  N  N     . ARG C 3 38 ? 12.515  11.378  0.641   1.00 23.14  ? 138 ARG A N     1 
ATOM   811  C  CA    . ARG C 3 38 ? 13.555  12.392  0.719   1.00 24.08  ? 138 ARG A CA    1 
ATOM   812  C  C     . ARG C 3 38 ? 13.049  13.782  0.415   1.00 23.90  ? 138 ARG A C     1 
ATOM   813  O  O     . ARG C 3 38 ? 13.706  14.766  0.729   1.00 23.70  ? 138 ARG A O     1 
ATOM   814  C  CB    . ARG C 3 38 ? 14.704  12.070  -0.225  1.00 25.43  ? 138 ARG A CB    1 
ATOM   815  C  CG    . ARG C 3 38 ? 14.335  12.161  -1.672  1.00 26.20  ? 138 ARG A CG    1 
ATOM   816  C  CD    . ARG C 3 38 ? 15.546  11.940  -2.535  1.00 27.79  ? 138 ARG A CD    1 
ATOM   817  N  NE    . ARG C 3 38 ? 16.100  10.598  -2.393  1.00 27.66  ? 138 ARG A NE    1 
ATOM   818  C  CZ    . ARG C 3 38 ? 17.366  10.301  -2.659  1.00 27.48  ? 138 ARG A CZ    1 
ATOM   819  N  NH1   . ARG C 3 38 ? 17.802  9.057   -2.508  1.00 27.11  ? 138 ARG A NH1   1 
ATOM   820  N  NH2   . ARG C 3 38 ? 18.196  11.258  -3.058  1.00 26.93  ? 138 ARG A NH2   1 
ATOM   821  N  N     . ILE C 3 39 ? 11.890  13.864  -0.218  1.00 22.99  ? 139 ILE A N     1 
ATOM   822  C  CA    . ILE C 3 39 ? 11.336  15.157  -0.559  1.00 23.69  ? 139 ILE A CA    1 
ATOM   823  C  C     . ILE C 3 39 ? 10.659  15.832  0.633   1.00 24.14  ? 139 ILE A C     1 
ATOM   824  O  O     . ILE C 3 39 ? 10.990  16.971  0.963   1.00 24.75  ? 139 ILE A O     1 
ATOM   825  C  CB    . ILE C 3 39 ? 10.400  15.047  -1.784  1.00 23.76  ? 139 ILE A CB    1 
ATOM   826  C  CG1   . ILE C 3 39 ? 11.211  14.524  -2.981  1.00 23.10  ? 139 ILE A CG1   1 
ATOM   827  C  CG2   . ILE C 3 39 ? 9.760   16.409  -2.092  1.00 22.31  ? 139 ILE A CG2   1 
ATOM   828  C  CD1   . ILE C 3 39 ? 10.386  13.953  -4.098  1.00 24.82  ? 139 ILE A CD1   1 
ATOM   829  N  N     . CYS C 3 40 ? 9.771   15.122  1.325   1.00 24.48  ? 140 CYS A N     1 
ATOM   830  C  CA    . CYS C 3 40 ? 9.088   15.719  2.467   1.00 24.16  ? 140 CYS A CA    1 
ATOM   831  C  C     . CYS C 3 40 ? 9.484   15.138  3.826   1.00 25.35  ? 140 CYS A C     1 
ATOM   832  O  O     . CYS C 3 40 ? 9.011   15.611  4.858   1.00 25.29  ? 140 CYS A O     1 
ATOM   833  C  CB    . CYS C 3 40 ? 7.583   15.636  2.288   1.00 23.70  ? 140 CYS A CB    1 
ATOM   834  S  SG    . CYS C 3 40 ? 6.930   13.995  2.508   1.00 22.65  ? 140 CYS A SG    1 
ATOM   835  N  N     . MET C 3 41 ? 10.336  14.114  3.818   1.00 26.51  ? 141 MET A N     1 
ATOM   836  C  CA    . MET C 3 41 ? 10.832  13.467  5.042   1.00 28.23  ? 141 MET A CA    1 
ATOM   837  C  C     . MET C 3 41 ? 9.832   12.593  5.807   1.00 26.94  ? 141 MET A C     1 
ATOM   838  O  O     . MET C 3 41 ? 10.152  12.066  6.876   1.00 26.00  ? 141 MET A O     1 
ATOM   839  C  CB    . MET C 3 41 ? 11.477  14.486  6.000   1.00 30.70  ? 141 MET A CB    1 
ATOM   840  C  CG    . MET C 3 41 ? 12.622  15.281  5.381   1.00 34.32  ? 141 MET A CG    1 
ATOM   841  S  SD    . MET C 3 41 ? 13.705  14.219  4.385   1.00 38.78  ? 141 MET A SD    1 
ATOM   842  C  CE    . MET C 3 41 ? 14.583  13.349  5.669   1.00 37.62  ? 141 MET A CE    1 
ATOM   843  N  N     . ARG C 3 42 ? 8.633   12.429  5.260   1.00 25.12  ? 142 ARG A N     1 
ATOM   844  C  CA    . ARG C 3 42 ? 7.618   11.601  5.891   1.00 23.50  ? 142 ARG A CA    1 
ATOM   845  C  C     . ARG C 3 42 ? 8.023   10.126  5.784   1.00 23.34  ? 142 ARG A C     1 
ATOM   846  O  O     . ARG C 3 42 ? 8.542   9.693   4.758   1.00 23.98  ? 142 ARG A O     1 
ATOM   847  C  CB    . ARG C 3 42 ? 6.267   11.840  5.208   1.00 22.17  ? 142 ARG A CB    1 
ATOM   848  C  CG    . ARG C 3 42 ? 5.164   10.982  5.751   1.00 20.78  ? 142 ARG A CG    1 
ATOM   849  C  CD    . ARG C 3 42 ? 3.822   11.398  5.216   1.00 19.80  ? 142 ARG A CD    1 
ATOM   850  N  NE    . ARG C 3 42 ? 2.798   10.578  5.837   1.00 20.03  ? 142 ARG A NE    1 
ATOM   851  C  CZ    . ARG C 3 42 ? 1.514   10.894  5.923   1.00 19.38  ? 142 ARG A CZ    1 
ATOM   852  N  NH1   . ARG C 3 42 ? 1.058   12.021  5.407   1.00 19.14  ? 142 ARG A NH1   1 
ATOM   853  N  NH2   . ARG C 3 42 ? 0.703   10.114  6.613   1.00 21.17  ? 142 ARG A NH2   1 
ATOM   854  N  N     . ASN C 3 43 ? 7.843   9.376   6.862   1.00 23.09  ? 143 ASN A N     1 
ATOM   855  C  CA    . ASN C 3 43 ? 8.196   7.962   6.853   1.00 22.73  ? 143 ASN A CA    1 
ATOM   856  C  C     . ASN C 3 43 ? 6.970   7.118   6.545   1.00 21.86  ? 143 ASN A C     1 
ATOM   857  O  O     . ASN C 3 43 ? 5.850   7.493   6.870   1.00 21.82  ? 143 ASN A O     1 
ATOM   858  C  CB    . ASN C 3 43 ? 8.808   7.548   8.207   1.00 24.53  ? 143 ASN A CB    1 
ATOM   859  C  CG    . ASN C 3 43 ? 10.051  8.369   8.572   1.00 25.53  ? 143 ASN A CG    1 
ATOM   860  O  OD1   . ASN C 3 43 ? 9.955   9.391   9.260   1.00 26.90  ? 143 ASN A OD1   1 
ATOM   861  N  ND2   . ASN C 3 43 ? 11.214  7.942   8.105   1.00 26.48  ? 143 ASN A ND2   1 
ATOM   862  N  N     . PHE C 3 44 ? 7.199   5.967   5.925   1.00 21.21  ? 144 PHE A N     1 
ATOM   863  C  CA    . PHE C 3 44 ? 6.130   5.043   5.564   1.00 21.30  ? 144 PHE A CA    1 
ATOM   864  C  C     . PHE C 3 44 ? 6.443   3.620   5.994   1.00 22.20  ? 144 PHE A C     1 
ATOM   865  O  O     . PHE C 3 44 ? 7.605   3.214   6.050   1.00 23.42  ? 144 PHE A O     1 
ATOM   866  C  CB    . PHE C 3 44 ? 5.868   5.087   4.057   1.00 20.50  ? 144 PHE A CB    1 
ATOM   867  C  CG    . PHE C 3 44 ? 5.476   6.423   3.573   1.00 19.77  ? 144 PHE A CG    1 
ATOM   868  C  CD1   . PHE C 3 44 ? 6.445   7.380   3.286   1.00 19.80  ? 144 PHE A CD1   1 
ATOM   869  C  CD2   . PHE C 3 44 ? 4.134   6.756   3.445   1.00 20.24  ? 144 PHE A CD2   1 
ATOM   870  C  CE1   . PHE C 3 44 ? 6.089   8.646   2.894   1.00 20.05  ? 144 PHE A CE1   1 
ATOM   871  C  CE2   . PHE C 3 44 ? 3.761   8.020   3.054   1.00 20.50  ? 144 PHE A CE2   1 
ATOM   872  C  CZ    . PHE C 3 44 ? 4.743   8.969   2.773   1.00 20.66  ? 144 PHE A CZ    1 
ATOM   873  N  N     . SER C 3 45 ? 5.399   2.877   6.311   1.00 21.89  ? 145 SER A N     1 
ATOM   874  C  CA    . SER C 3 45 ? 5.552   1.503   6.736   1.00 22.87  ? 145 SER A CA    1 
ATOM   875  C  C     . SER C 3 45 ? 5.927   0.608   5.565   1.00 23.15  ? 145 SER A C     1 
ATOM   876  O  O     . SER C 3 45 ? 6.564   -0.432  5.748   1.00 24.41  ? 145 SER A O     1 
ATOM   877  C  CB    . SER C 3 45 ? 4.243   1.005   7.330   1.00 22.31  ? 145 SER A CB    1 
ATOM   878  O  OG    . SER C 3 45 ? 3.231   1.020   6.344   1.00 21.80  ? 145 SER A OG    1 
ATOM   879  N  N     . ARG C 3 46 ? 5.568   1.030   4.360   1.00 22.61  ? 146 ARG A N     1 
ATOM   880  C  CA    . ARG C 3 46 ? 5.817   0.217   3.173   1.00 22.20  ? 146 ARG A CA    1 
ATOM   881  C  C     . ARG C 3 46 ? 6.484   0.904   1.990   1.00 21.32  ? 146 ARG A C     1 
ATOM   882  O  O     . ARG C 3 46 ? 6.213   2.075   1.696   1.00 21.57  ? 146 ARG A O     1 
ATOM   883  C  CB    . ARG C 3 46 ? 4.516   -0.473  2.760   1.00 22.00  ? 146 ARG A CB    1 
ATOM   884  C  CG    . ARG C 3 46 ? 4.274   -1.725  3.586   1.00 22.82  ? 146 ARG A CG    1 
ATOM   885  C  CD    . ARG C 3 46 ? 2.875   -2.224  3.494   1.00 23.26  ? 146 ARG A CD    1 
ATOM   886  N  NE    . ARG C 3 46 ? 2.458   -2.463  2.125   1.00 23.15  ? 146 ARG A NE    1 
ATOM   887  C  CZ    . ARG C 3 46 ? 1.368   -3.140  1.794   1.00 22.69  ? 146 ARG A CZ    1 
ATOM   888  N  NH1   . ARG C 3 46 ? 0.591   -3.661  2.737   1.00 22.49  ? 146 ARG A NH1   1 
ATOM   889  N  NH2   . ARG C 3 46 ? 1.017   -3.233  0.523   1.00 22.67  ? 146 ARG A NH2   1 
ATOM   890  N  N     . SER C 3 47 ? 7.377   0.165   1.333   1.00 20.14  ? 147 SER A N     1 
ATOM   891  C  CA    . SER C 3 47 ? 8.111   0.691   0.184   1.00 20.35  ? 147 SER A CA    1 
ATOM   892  C  C     . SER C 3 47 ? 7.215   1.028   -0.994  1.00 19.38  ? 147 SER A C     1 
ATOM   893  O  O     . SER C 3 47 ? 7.419   2.053   -1.654  1.00 20.10  ? 147 SER A O     1 
ATOM   894  C  CB    . SER C 3 47 ? 9.227   -0.269  -0.259  1.00 19.79  ? 147 SER A CB    1 
ATOM   895  O  OG    . SER C 3 47 ? 8.718   -1.521  -0.676  1.00 20.32  ? 147 SER A OG    1 
ATOM   896  N  N     . ASP C 3 48 ? 6.236   0.161   -1.254  1.00 19.63  ? 148 ASP A N     1 
ATOM   897  C  CA    . ASP C 3 48 ? 5.294   0.362   -2.356  1.00 19.58  ? 148 ASP A CA    1 
ATOM   898  C  C     . ASP C 3 48 ? 4.429   1.605   -2.156  1.00 18.93  ? 148 ASP A C     1 
ATOM   899  O  O     . ASP C 3 48 ? 4.132   2.315   -3.111  1.00 19.32  ? 148 ASP A O     1 
ATOM   900  C  CB    . ASP C 3 48 ? 4.435   -0.893  -2.603  1.00 21.09  ? 148 ASP A CB    1 
ATOM   901  C  CG    . ASP C 3 48 ? 3.680   -1.388  -1.350  1.00 21.97  ? 148 ASP A CG    1 
ATOM   902  O  OD1   . ASP C 3 48 ? 2.586   -1.951  -1.532  1.00 21.31  ? 148 ASP A OD1   1 
ATOM   903  O  OD2   . ASP C 3 48 ? 4.177   -1.258  -0.206  1.00 23.17  ? 148 ASP A OD2   1 
ATOM   904  N  N     . HIS C 3 49 ? 4.065   1.882   -0.905  1.00 18.68  ? 149 HIS A N     1 
ATOM   905  C  CA    . HIS C 3 49 ? 3.266   3.056   -0.574  1.00 16.99  ? 149 HIS A CA    1 
ATOM   906  C  C     . HIS C 3 49 ? 4.142   4.291   -0.633  1.00 17.53  ? 149 HIS A C     1 
ATOM   907  O  O     . HIS C 3 49 ? 3.654   5.394   -0.887  1.00 17.06  ? 149 HIS A O     1 
ATOM   908  C  CB    . HIS C 3 49 ? 2.626   2.915   0.803   1.00 16.21  ? 149 HIS A CB    1 
ATOM   909  C  CG    . HIS C 3 49 ? 1.563   1.857   0.873   1.00 15.29  ? 149 HIS A CG    1 
ATOM   910  N  ND1   . HIS C 3 49 ? 0.891   1.398   -0.240  1.00 15.89  ? 149 HIS A ND1   1 
ATOM   911  C  CD2   . HIS C 3 49 ? 1.056   1.171   1.924   1.00 15.16  ? 149 HIS A CD2   1 
ATOM   912  C  CE1   . HIS C 3 49 ? 0.020   0.473   0.121   1.00 14.86  ? 149 HIS A CE1   1 
ATOM   913  N  NE2   . HIS C 3 49 ? 0.100   0.318   1.430   1.00 14.72  ? 149 HIS A NE2   1 
ATOM   914  N  N     . LEU C 3 50 ? 5.444   4.117   -0.391  1.00 17.69  ? 150 LEU A N     1 
ATOM   915  C  CA    . LEU C 3 50 ? 6.367   5.243   -0.479  1.00 16.38  ? 150 LEU A CA    1 
ATOM   916  C  C     . LEU C 3 50 ? 6.481   5.667   -1.947  1.00 15.50  ? 150 LEU A C     1 
ATOM   917  O  O     . LEU C 3 50 ? 6.426   6.853   -2.263  1.00 14.69  ? 150 LEU A O     1 
ATOM   918  C  CB    . LEU C 3 50 ? 7.751   4.875   0.074   1.00 16.91  ? 150 LEU A CB    1 
ATOM   919  C  CG    . LEU C 3 50 ? 8.839   5.921   -0.221  1.00 17.19  ? 150 LEU A CG    1 
ATOM   920  C  CD1   . LEU C 3 50 ? 8.524   7.262   0.437   1.00 15.69  ? 150 LEU A CD1   1 
ATOM   921  C  CD2   . LEU C 3 50 ? 10.204  5.388   0.218   1.00 17.48  ? 150 LEU A CD2   1 
ATOM   922  N  N     . THR C 3 51 ? 6.609   4.683   -2.834  1.00 15.56  ? 151 THR A N     1 
ATOM   923  C  CA    . THR C 3 51 ? 6.732   4.923   -4.272  1.00 15.92  ? 151 THR A CA    1 
ATOM   924  C  C     . THR C 3 51 ? 5.569   5.742   -4.818  1.00 15.82  ? 151 THR A C     1 
ATOM   925  O  O     . THR C 3 51 ? 5.782   6.767   -5.469  1.00 16.83  ? 151 THR A O     1 
ATOM   926  C  CB    . THR C 3 51 ? 6.825   3.590   -5.037  1.00 16.53  ? 151 THR A CB    1 
ATOM   927  O  OG1   . THR C 3 51 ? 8.003   2.900   -4.614  1.00 17.67  ? 151 THR A OG1   1 
ATOM   928  C  CG2   . THR C 3 51 ? 6.882   3.813   -6.546  1.00 16.03  ? 151 THR A CG2   1 
ATOM   929  N  N     . THR C 3 52 ? 4.344   5.315   -4.519  1.00 15.32  ? 152 THR A N     1 
ATOM   930  C  CA    . THR C 3 52 ? 3.173   6.044   -4.992  1.00 16.03  ? 152 THR A CA    1 
ATOM   931  C  C     . THR C 3 52 ? 3.050   7.420   -4.328  1.00 16.02  ? 152 THR A C     1 
ATOM   932  O  O     . THR C 3 52 ? 2.662   8.386   -4.982  1.00 16.12  ? 152 THR A O     1 
ATOM   933  C  CB    . THR C 3 52 ? 1.875   5.225   -4.838  1.00 16.33  ? 152 THR A CB    1 
ATOM   934  O  OG1   . THR C 3 52 ? 1.660   4.899   -3.464  1.00 17.24  ? 152 THR A OG1   1 
ATOM   935  C  CG2   . THR C 3 52 ? 1.955   3.940   -5.655  1.00 16.98  ? 152 THR A CG2   1 
ATOM   936  N  N     . HIS C 3 53 ? 3.414   7.518   -3.047  1.00 15.60  ? 153 HIS A N     1 
ATOM   937  C  CA    . HIS C 3 53 ? 3.380   8.794   -2.336  1.00 15.30  ? 153 HIS A CA    1 
ATOM   938  C  C     . HIS C 3 53 ? 4.290   9.824   -3.018  1.00 15.67  ? 153 HIS A C     1 
ATOM   939  O  O     . HIS C 3 53 ? 3.951   11.005  -3.109  1.00 16.22  ? 153 HIS A O     1 
ATOM   940  C  CB    . HIS C 3 53 ? 3.824   8.631   -0.874  1.00 14.95  ? 153 HIS A CB    1 
ATOM   941  C  CG    . HIS C 3 53 ? 4.306   9.911   -0.252  1.00 16.05  ? 153 HIS A CG    1 
ATOM   942  N  ND1   . HIS C 3 53 ? 3.450   10.887  0.210   1.00 15.52  ? 153 HIS A ND1   1 
ATOM   943  C  CD2   . HIS C 3 53 ? 5.557   10.411  -0.102  1.00 16.15  ? 153 HIS A CD2   1 
ATOM   944  C  CE1   . HIS C 3 53 ? 4.148   11.935  0.608   1.00 15.59  ? 153 HIS A CE1   1 
ATOM   945  N  NE2   . HIS C 3 53 ? 5.431   11.672  0.428   1.00 15.79  ? 153 HIS A NE2   1 
ATOM   946  N  N     . ILE C 3 54 ? 5.462   9.378   -3.467  1.00 15.77  ? 154 ILE A N     1 
ATOM   947  C  CA    . ILE C 3 54 ? 6.415   10.274  -4.110  1.00 15.60  ? 154 ILE A CA    1 
ATOM   948  C  C     . ILE C 3 54 ? 5.837   10.920  -5.365  1.00 15.76  ? 154 ILE A C     1 
ATOM   949  O  O     . ILE C 3 54 ? 6.196   12.049  -5.717  1.00 16.06  ? 154 ILE A O     1 
ATOM   950  C  CB    . ILE C 3 54 ? 7.746   9.549   -4.414  1.00 15.28  ? 154 ILE A CB    1 
ATOM   951  C  CG1   . ILE C 3 54 ? 8.465   9.231   -3.090  1.00 15.47  ? 154 ILE A CG1   1 
ATOM   952  C  CG2   . ILE C 3 54 ? 8.631   10.401  -5.334  1.00 14.25  ? 154 ILE A CG2   1 
ATOM   953  C  CD1   . ILE C 3 54 ? 9.551   8.170   -3.215  1.00 14.81  ? 154 ILE A CD1   1 
ATOM   954  N  N     . ARG C 3 55 ? 4.906   10.218  -6.008  1.00 16.99  ? 155 ARG A N     1 
ATOM   955  C  CA    . ARG C 3 55 ? 4.259   10.726  -7.216  1.00 17.05  ? 155 ARG A CA    1 
ATOM   956  C  C     . ARG C 3 55 ? 3.420   11.971  -6.919  1.00 17.21  ? 155 ARG A C     1 
ATOM   957  O  O     . ARG C 3 55 ? 3.102   12.736  -7.825  1.00 17.70  ? 155 ARG A O     1 
ATOM   958  C  CB    . ARG C 3 55 ? 3.418   9.633   -7.882  1.00 17.56  ? 155 ARG A CB    1 
ATOM   959  C  CG    . ARG C 3 55 ? 4.244   8.441   -8.333  1.00 16.90  ? 155 ARG A CG    1 
ATOM   960  C  CD    . ARG C 3 55 ? 3.456   7.428   -9.143  1.00 17.60  ? 155 ARG A CD    1 
ATOM   961  N  NE    . ARG C 3 55 ? 4.321   6.306   -9.506  1.00 18.65  ? 155 ARG A NE    1 
ATOM   962  C  CZ    . ARG C 3 55 ? 3.940   5.036   -9.593  1.00 18.59  ? 155 ARG A CZ    1 
ATOM   963  N  NH1   . ARG C 3 55 ? 2.683   4.683   -9.363  1.00 18.04  ? 155 ARG A NH1   1 
ATOM   964  N  NH2   . ARG C 3 55 ? 4.852   4.102   -9.823  1.00 19.12  ? 155 ARG A NH2   1 
ATOM   965  N  N     . THR C 3 56 ? 3.090   12.192  -5.649  1.00 17.38  ? 156 THR A N     1 
ATOM   966  C  CA    . THR C 3 56 ? 2.329   13.375  -5.261  1.00 17.72  ? 156 THR A CA    1 
ATOM   967  C  C     . THR C 3 56 ? 3.197   14.645  -5.391  1.00 18.17  ? 156 THR A C     1 
ATOM   968  O  O     . THR C 3 56 ? 2.682   15.744  -5.582  1.00 17.38  ? 156 THR A O     1 
ATOM   969  C  CB    . THR C 3 56 ? 1.736   13.249  -3.822  1.00 17.55  ? 156 THR A CB    1 
ATOM   970  O  OG1   . THR C 3 56 ? 2.771   13.343  -2.841  1.00 17.89  ? 156 THR A OG1   1 
ATOM   971  C  CG2   . THR C 3 56 ? 0.997   11.919  -3.655  1.00 16.99  ? 156 THR A CG2   1 
ATOM   972  N  N     . HIS C 3 57 ? 4.518   14.470  -5.327  1.00 18.35  ? 157 HIS A N     1 
ATOM   973  C  CA    . HIS C 3 57 ? 5.464   15.578  -5.453  1.00 18.03  ? 157 HIS A CA    1 
ATOM   974  C  C     . HIS C 3 57 ? 5.876   15.770  -6.906  1.00 17.87  ? 157 HIS A C     1 
ATOM   975  O  O     . HIS C 3 57 ? 5.937   16.891  -7.399  1.00 18.54  ? 157 HIS A O     1 
ATOM   976  C  CB    . HIS C 3 57 ? 6.750   15.300  -4.667  1.00 17.57  ? 157 HIS A CB    1 
ATOM   977  C  CG    . HIS C 3 57 ? 6.541   15.024  -3.219  1.00 16.40  ? 157 HIS A CG    1 
ATOM   978  N  ND1   . HIS C 3 57 ? 5.838   15.871  -2.395  1.00 17.02  ? 157 HIS A ND1   1 
ATOM   979  C  CD2   . HIS C 3 57 ? 6.990   14.019  -2.437  1.00 15.97  ? 157 HIS A CD2   1 
ATOM   980  C  CE1   . HIS C 3 57 ? 5.865   15.401  -1.161  1.00 17.50  ? 157 HIS A CE1   1 
ATOM   981  N  NE2   . HIS C 3 57 ? 6.560   14.277  -1.161  1.00 17.33  ? 157 HIS A NE2   1 
ATOM   982  N  N     . THR C 3 58 ? 6.228   14.665  -7.560  1.00 18.36  ? 158 THR A N     1 
ATOM   983  C  CA    . THR C 3 58 ? 6.680   14.687  -8.948  1.00 19.40  ? 158 THR A CA    1 
ATOM   984  C  C     . THR C 3 58 ? 5.600   14.925  -10.000 1.00 19.70  ? 158 THR A C     1 
ATOM   985  O  O     . THR C 3 58 ? 5.888   15.445  -11.073 1.00 20.39  ? 158 THR A O     1 
ATOM   986  C  CB    . THR C 3 58 ? 7.413   13.388  -9.312  1.00 19.34  ? 158 THR A CB    1 
ATOM   987  O  OG1   . THR C 3 58 ? 6.484   12.292  -9.295  1.00 18.73  ? 158 THR A OG1   1 
ATOM   988  C  CG2   . THR C 3 58 ? 8.551   13.123  -8.310  1.00 20.42  ? 158 THR A CG2   1 
ATOM   989  N  N     . GLY C 3 59 ? 4.366   14.538  -9.683  1.00 19.86  ? 159 GLY A N     1 
ATOM   990  C  CA    . GLY C 3 59 ? 3.263   14.695  -10.607 1.00 18.81  ? 159 GLY A CA    1 
ATOM   991  C  C     . GLY C 3 59 ? 3.247   13.590  -11.640 1.00 19.68  ? 159 GLY A C     1 
ATOM   992  O  O     . GLY C 3 59 ? 2.576   13.710  -12.660 1.00 20.90  ? 159 GLY A O     1 
ATOM   993  N  N     . GLU C 3 60 ? 4.034   12.539  -11.415 1.00 19.58  ? 160 GLU A N     1 
ATOM   994  C  CA    . GLU C 3 60 ? 4.085   11.410  -12.336 1.00 19.76  ? 160 GLU A CA    1 
ATOM   995  C  C     . GLU C 3 60 ? 2.745   10.675  -12.279 1.00 20.04  ? 160 GLU A C     1 
ATOM   996  O  O     . GLU C 3 60 ? 2.260   10.342  -11.186 1.00 19.84  ? 160 GLU A O     1 
ATOM   997  C  CB    . GLU C 3 60 ? 5.215   10.451  -11.949 1.00 19.85  ? 160 GLU A CB    1 
ATOM   998  C  CG    . GLU C 3 60 ? 5.420   9.331   -12.960 1.00 20.84  ? 160 GLU A CG    1 
ATOM   999  C  CD    . GLU C 3 60 ? 6.317   8.227   -12.453 1.00 21.33  ? 160 GLU A CD    1 
ATOM   1000 O  OE1   . GLU C 3 60 ? 6.724   8.263   -11.276 1.00 22.75  ? 160 GLU A OE1   1 
ATOM   1001 O  OE2   . GLU C 3 60 ? 6.601   7.295   -13.221 1.00 22.85  ? 160 GLU A OE2   1 
ATOM   1002 N  N     . LYS C 3 61 ? 2.163   10.419  -13.454 1.00 19.44  ? 161 LYS A N     1 
ATOM   1003 C  CA    . LYS C 3 61 ? 0.870   9.735   -13.570 1.00 19.53  ? 161 LYS A CA    1 
ATOM   1004 C  C     . LYS C 3 61 ? 0.938   8.693   -14.681 1.00 18.40  ? 161 LYS A C     1 
ATOM   1005 O  O     . LYS C 3 61 ? 0.520   8.947   -15.804 1.00 19.01  ? 161 LYS A O     1 
ATOM   1006 C  CB    . LYS C 3 61 ? -0.241  10.754  -13.837 1.00 19.48  ? 161 LYS A CB    1 
ATOM   1007 C  CG    . LYS C 3 61 ? -0.465  11.707  -12.667 1.00 20.98  ? 161 LYS A CG    1 
ATOM   1008 C  CD    . LYS C 3 61 ? -1.558  12.718  -12.960 1.00 22.93  ? 161 LYS A CD    1 
ATOM   1009 C  CE    . LYS C 3 61 ? -1.719  13.698  -11.805 1.00 24.41  ? 161 LYS A CE    1 
ATOM   1010 N  NZ    . LYS C 3 61 ? -2.893  14.610  -11.980 1.00 24.35  ? 161 LYS A NZ    1 
ATOM   1011 N  N     . PRO C 3 62 ? 1.415   7.477   -14.349 1.00 17.88  ? 162 PRO A N     1 
ATOM   1012 C  CA    . PRO C 3 62 ? 1.583   6.339   -15.267 1.00 17.33  ? 162 PRO A CA    1 
ATOM   1013 C  C     . PRO C 3 62 ? 0.346   5.644   -15.825 1.00 16.94  ? 162 PRO A C     1 
ATOM   1014 O  O     . PRO C 3 62 ? 0.444   4.947   -16.827 1.00 17.69  ? 162 PRO A O     1 
ATOM   1015 C  CB    . PRO C 3 62 ? 2.394   5.330   -14.433 1.00 16.90  ? 162 PRO A CB    1 
ATOM   1016 C  CG    . PRO C 3 62 ? 2.897   6.113   -13.243 1.00 17.90  ? 162 PRO A CG    1 
ATOM   1017 C  CD    . PRO C 3 62 ? 1.804   7.098   -12.977 1.00 17.05  ? 162 PRO A CD    1 
ATOM   1018 N  N     . PHE C 3 63 ? -0.810  5.842   -15.210 1.00 16.44  ? 163 PHE A N     1 
ATOM   1019 C  CA    . PHE C 3 63 ? -2.014  5.132   -15.640 1.00 16.80  ? 163 PHE A CA    1 
ATOM   1020 C  C     . PHE C 3 63 ? -3.089  6.002   -16.294 1.00 16.51  ? 163 PHE A C     1 
ATOM   1021 O  O     . PHE C 3 63 ? -3.787  6.757   -15.618 1.00 17.85  ? 163 PHE A O     1 
ATOM   1022 C  CB    . PHE C 3 63 ? -2.584  4.364   -14.442 1.00 17.46  ? 163 PHE A CB    1 
ATOM   1023 C  CG    . PHE C 3 63 ? -1.541  3.599   -13.672 1.00 17.97  ? 163 PHE A CG    1 
ATOM   1024 C  CD1   . PHE C 3 63 ? -0.845  4.205   -12.627 1.00 18.27  ? 163 PHE A CD1   1 
ATOM   1025 C  CD2   . PHE C 3 63 ? -1.194  2.304   -14.043 1.00 18.82  ? 163 PHE A CD2   1 
ATOM   1026 C  CE1   . PHE C 3 63 ? 0.188   3.538   -11.966 1.00 18.71  ? 163 PHE A CE1   1 
ATOM   1027 C  CE2   . PHE C 3 63 ? -0.155  1.625   -13.383 1.00 19.09  ? 163 PHE A CE2   1 
ATOM   1028 C  CZ    . PHE C 3 63 ? 0.535   2.250   -12.346 1.00 18.61  ? 163 PHE A CZ    1 
ATOM   1029 N  N     . ALA C 3 64 ? -3.240  5.849   -17.609 1.00 15.81  ? 164 ALA A N     1 
ATOM   1030 C  CA    . ALA C 3 64 ? -4.206  6.622   -18.387 1.00 15.12  ? 164 ALA A CA    1 
ATOM   1031 C  C     . ALA C 3 64 ? -5.491  5.852   -18.671 1.00 14.79  ? 164 ALA A C     1 
ATOM   1032 O  O     . ALA C 3 64 ? -5.450  4.673   -19.021 1.00 15.85  ? 164 ALA A O     1 
ATOM   1033 C  CB    . ALA C 3 64 ? -3.573  7.079   -19.692 1.00 14.44  ? 164 ALA A CB    1 
ATOM   1034 N  N     . CYS C 3 65 ? -6.630  6.528   -18.527 1.00 14.68  ? 165 CYS A N     1 
ATOM   1035 C  CA    . CYS C 3 65 ? -7.920  5.913   -18.790 1.00 15.09  ? 165 CYS A CA    1 
ATOM   1036 C  C     . CYS C 3 65 ? -8.026  5.543   -20.276 1.00 14.96  ? 165 CYS A C     1 
ATOM   1037 O  O     . CYS C 3 65 ? -7.695  6.346   -21.155 1.00 15.32  ? 165 CYS A O     1 
ATOM   1038 C  CB    . CYS C 3 65 ? -9.052  6.865   -18.399 1.00 14.87  ? 165 CYS A CB    1 
ATOM   1039 S  SG    . CYS C 3 65 ? -10.720 6.287   -18.842 1.00 16.58  ? 165 CYS A SG    1 
ATOM   1040 N  N     . ASP C 3 66 ? -8.469  4.314   -20.541 1.00 16.08  ? 166 ASP A N     1 
ATOM   1041 C  CA    . ASP C 3 66 ? -8.640  3.804   -21.910 1.00 17.29  ? 166 ASP A CA    1 
ATOM   1042 C  C     . ASP C 3 66 ? -9.688  4.582   -22.711 1.00 17.15  ? 166 ASP A C     1 
ATOM   1043 O  O     . ASP C 3 66 ? -9.576  4.714   -23.936 1.00 17.71  ? 166 ASP A O     1 
ATOM   1044 C  CB    . ASP C 3 66 ? -9.044  2.326   -21.882 1.00 17.58  ? 166 ASP A CB    1 
ATOM   1045 C  CG    . ASP C 3 66 ? -7.880  1.400   -21.610 1.00 18.45  ? 166 ASP A CG    1 
ATOM   1046 O  OD1   . ASP C 3 66 ? -8.122  0.242   -21.219 1.00 18.86  ? 166 ASP A OD1   1 
ATOM   1047 O  OD2   . ASP C 3 66 ? -6.725  1.810   -21.810 1.00 19.68  ? 166 ASP A OD2   1 
ATOM   1048 N  N     . ILE C 3 67 ? -10.671 5.134   -22.002 1.00 17.49  ? 167 ILE A N     1 
ATOM   1049 C  CA    . ILE C 3 67 ? -11.751 5.881   -22.639 1.00 17.98  ? 167 ILE A CA    1 
ATOM   1050 C  C     . ILE C 3 67 ? -11.519 7.381   -22.869 1.00 17.64  ? 167 ILE A C     1 
ATOM   1051 O  O     . ILE C 3 67 ? -11.783 7.876   -23.961 1.00 17.86  ? 167 ILE A O     1 
ATOM   1052 C  CB    . ILE C 3 67 ? -13.099 5.588   -21.925 1.00 18.74  ? 167 ILE A CB    1 
ATOM   1053 C  CG1   . ILE C 3 67 ? -13.390 4.081   -22.060 1.00 19.29  ? 167 ILE A CG1   1 
ATOM   1054 C  CG2   . ILE C 3 67 ? -14.244 6.469   -22.505 1.00 18.96  ? 167 ILE A CG2   1 
ATOM   1055 C  CD1   . ILE C 3 67 ? -14.706 3.627   -21.518 1.00 21.58  ? 167 ILE A CD1   1 
ATOM   1056 N  N     . CYS C 3 68 ? -10.977 8.095   -21.886 1.00 17.12  ? 168 CYS A N     1 
ATOM   1057 C  CA    . CYS C 3 68 ? -10.746 9.533   -22.062 1.00 17.19  ? 168 CYS A CA    1 
ATOM   1058 C  C     . CYS C 3 68 ? -9.283  9.959   -21.980 1.00 16.74  ? 168 CYS A C     1 
ATOM   1059 O  O     . CYS C 3 68 ? -8.957  11.114  -22.240 1.00 17.47  ? 168 CYS A O     1 
ATOM   1060 C  CB    . CYS C 3 68 ? -11.561 10.339  -21.050 1.00 15.90  ? 168 CYS A CB    1 
ATOM   1061 S  SG    . CYS C 3 68 ? -10.954 10.210  -19.367 1.00 17.21  ? 168 CYS A SG    1 
ATOM   1062 N  N     . GLY C 3 69 ? -8.408  9.036   -21.603 1.00 17.30  ? 169 GLY A N     1 
ATOM   1063 C  CA    . GLY C 3 69 ? -6.999  9.362   -21.498 1.00 17.92  ? 169 GLY A CA    1 
ATOM   1064 C  C     . GLY C 3 69 ? -6.568  10.096  -20.233 1.00 18.20  ? 169 GLY A C     1 
ATOM   1065 O  O     . GLY C 3 69 ? -5.396  10.398  -20.092 1.00 19.71  ? 169 GLY A O     1 
ATOM   1066 N  N     . ARG C 3 70 ? -7.489  10.406  -19.323 1.00 18.17  ? 170 ARG A N     1 
ATOM   1067 C  CA    . ARG C 3 70 ? -7.133  11.085  -18.071 1.00 17.76  ? 170 ARG A CA    1 
ATOM   1068 C  C     . ARG C 3 70 ? -6.129  10.223  -17.292 1.00 17.52  ? 170 ARG A C     1 
ATOM   1069 O  O     . ARG C 3 70 ? -6.337  9.019   -17.115 1.00 17.13  ? 170 ARG A O     1 
ATOM   1070 C  CB    . ARG C 3 70 ? -8.382  11.347  -17.217 1.00 18.77  ? 170 ARG A CB    1 
ATOM   1071 C  CG    . ARG C 3 70 ? -8.096  12.094  -15.941 1.00 19.79  ? 170 ARG A CG    1 
ATOM   1072 C  CD    . ARG C 3 70 ? -9.366  12.602  -15.306 1.00 21.96  ? 170 ARG A CD    1 
ATOM   1073 N  NE    . ARG C 3 70 ? -9.095  13.219  -14.009 1.00 24.43  ? 170 ARG A NE    1 
ATOM   1074 C  CZ    . ARG C 3 70 ? -10.014 13.794  -13.232 1.00 25.02  ? 170 ARG A CZ    1 
ATOM   1075 N  NH1   . ARG C 3 70 ? -11.279 13.843  -13.618 1.00 25.38  ? 170 ARG A NH1   1 
ATOM   1076 N  NH2   . ARG C 3 70 ? -9.666  14.304  -12.056 1.00 25.49  ? 170 ARG A NH2   1 
ATOM   1077 N  N     . LYS C 3 71 ? -5.054  10.846  -16.819 1.00 17.42  ? 171 LYS A N     1 
ATOM   1078 C  CA    . LYS C 3 71 ? -3.988  10.129  -16.106 1.00 17.47  ? 171 LYS A CA    1 
ATOM   1079 C  C     . LYS C 3 71 ? -4.070  10.122  -14.580 1.00 16.63  ? 171 LYS A C     1 
ATOM   1080 O  O     . LYS C 3 71 ? -4.566  11.063  -13.964 1.00 16.88  ? 171 LYS A O     1 
ATOM   1081 C  CB    . LYS C 3 71 ? -2.625  10.679  -16.545 1.00 18.85  ? 171 LYS A CB    1 
ATOM   1082 C  CG    . LYS C 3 71 ? -2.299  10.518  -18.029 1.00 20.58  ? 171 LYS A CG    1 
ATOM   1083 C  CD    . LYS C 3 71 ? -1.046  11.311  -18.366 1.00 23.60  ? 171 LYS A CD    1 
ATOM   1084 C  CE    . LYS C 3 71 ? -0.416  10.876  -19.671 1.00 25.41  ? 171 LYS A CE    1 
ATOM   1085 N  NZ    . LYS C 3 71 ? 0.831   11.670  -19.947 1.00 27.58  ? 171 LYS A NZ    1 
ATOM   1086 N  N     . PHE C 3 72 ? -3.570  9.044   -13.977 1.00 15.02  ? 172 PHE A N     1 
ATOM   1087 C  CA    . PHE C 3 72 ? -3.581  8.879   -12.528 1.00 14.53  ? 172 PHE A CA    1 
ATOM   1088 C  C     . PHE C 3 72 ? -2.255  8.302   -11.987 1.00 13.95  ? 172 PHE A C     1 
ATOM   1089 O  O     . PHE C 3 72 ? -1.584  7.521   -12.657 1.00 13.14  ? 172 PHE A O     1 
ATOM   1090 C  CB    . PHE C 3 72 ? -4.741  7.962   -12.125 1.00 15.04  ? 172 PHE A CB    1 
ATOM   1091 C  CG    . PHE C 3 72 ? -6.098  8.479   -12.533 1.00 14.93  ? 172 PHE A CG    1 
ATOM   1092 C  CD1   . PHE C 3 72 ? -6.603  8.219   -13.804 1.00 14.53  ? 172 PHE A CD1   1 
ATOM   1093 C  CD2   . PHE C 3 72 ? -6.853  9.256   -11.659 1.00 15.48  ? 172 PHE A CD2   1 
ATOM   1094 C  CE1   . PHE C 3 72 ? -7.844  8.731   -14.199 1.00 14.47  ? 172 PHE A CE1   1 
ATOM   1095 C  CE2   . PHE C 3 72 ? -8.101  9.773   -12.046 1.00 15.00  ? 172 PHE A CE2   1 
ATOM   1096 C  CZ    . PHE C 3 72 ? -8.590  9.508   -13.319 1.00 14.25  ? 172 PHE A CZ    1 
ATOM   1097 N  N     . ALA C 3 73 ? -1.905  8.690   -10.763 1.00 14.59  ? 173 ALA A N     1 
ATOM   1098 C  CA    . ALA C 3 73 ? -0.685  8.229   -10.099 1.00 15.87  ? 173 ALA A CA    1 
ATOM   1099 C  C     . ALA C 3 73 ? -0.698  6.722   -9.814  1.00 16.21  ? 173 ALA A C     1 
ATOM   1100 O  O     . ALA C 3 73 ? 0.347   6.061   -9.913  1.00 17.62  ? 173 ALA A O     1 
ATOM   1101 C  CB    . ALA C 3 73 ? -0.455  9.016   -8.783  1.00 14.93  ? 173 ALA A CB    1 
ATOM   1102 N  N     . ARG C 3 74 ? -1.874  6.185   -9.473  1.00 15.86  ? 174 ARG A N     1 
ATOM   1103 C  CA    . ARG C 3 74 ? -2.022  4.766   -9.149  1.00 15.31  ? 174 ARG A CA    1 
ATOM   1104 C  C     . ARG C 3 74 ? -3.041  4.057   -10.034 1.00 16.64  ? 174 ARG A C     1 
ATOM   1105 O  O     . ARG C 3 74 ? -3.991  4.677   -10.528 1.00 16.99  ? 174 ARG A O     1 
ATOM   1106 C  CB    . ARG C 3 74 ? -2.412  4.585   -7.677  1.00 15.21  ? 174 ARG A CB    1 
ATOM   1107 C  CG    . ARG C 3 74 ? -1.712  5.529   -6.699  1.00 15.78  ? 174 ARG A CG    1 
ATOM   1108 C  CD    . ARG C 3 74 ? -1.850  5.091   -5.243  1.00 15.95  ? 174 ARG A CD    1 
ATOM   1109 N  NE    . ARG C 3 74 ? -3.224  4.763   -4.854  1.00 15.46  ? 174 ARG A NE    1 
ATOM   1110 C  CZ    . ARG C 3 74 ? -3.799  5.123   -3.708  1.00 14.92  ? 174 ARG A CZ    1 
ATOM   1111 N  NH1   . ARG C 3 74 ? -3.137  5.839   -2.811  1.00 15.63  ? 174 ARG A NH1   1 
ATOM   1112 N  NH2   . ARG C 3 74 ? -5.042  4.738   -3.445  1.00 13.83  ? 174 ARG A NH2   1 
ATOM   1113 N  N     . SER C 3 75 ? -2.851  2.749   -10.207 1.00 16.28  ? 175 SER A N     1 
ATOM   1114 C  CA    . SER C 3 75 ? -3.732  1.928   -11.032 1.00 16.27  ? 175 SER A CA    1 
ATOM   1115 C  C     . SER C 3 75 ? -5.151  1.868   -10.456 1.00 16.52  ? 175 SER A C     1 
ATOM   1116 O  O     . SER C 3 75 ? -6.119  1.873   -11.212 1.00 17.12  ? 175 SER A O     1 
ATOM   1117 C  CB    . SER C 3 75 ? -3.177  0.502   -11.177 1.00 15.49  ? 175 SER A CB    1 
ATOM   1118 O  OG    . SER C 3 75 ? -3.276  -0.209  -9.952  1.00 16.30  ? 175 SER A OG    1 
ATOM   1119 N  N     . ASP C 3 76 ? -5.272  1.816   -9.132  1.00 16.30  ? 176 ASP A N     1 
ATOM   1120 C  CA    . ASP C 3 76 ? -6.592  1.750   -8.500  1.00 15.81  ? 176 ASP A CA    1 
ATOM   1121 C  C     . ASP C 3 76 ? -7.355  3.062   -8.648  1.00 15.52  ? 176 ASP A C     1 
ATOM   1122 O  O     . ASP C 3 76 ? -8.589  3.072   -8.613  1.00 15.25  ? 176 ASP A O     1 
ATOM   1123 C  CB    . ASP C 3 76 ? -6.496  1.328   -7.025  1.00 16.14  ? 176 ASP A CB    1 
ATOM   1124 C  CG    . ASP C 3 76 ? -5.757  2.331   -6.179  1.00 16.55  ? 176 ASP A CG    1 
ATOM   1125 O  OD1   . ASP C 3 76 ? -6.358  2.865   -5.227  1.00 17.38  ? 176 ASP A OD1   1 
ATOM   1126 O  OD2   . ASP C 3 76 ? -4.570  2.597   -6.459  1.00 17.21  ? 176 ASP A OD2   1 
ATOM   1127 N  N     . GLU C 3 77 ? -6.636  4.177   -8.778  1.00 14.40  ? 177 GLU A N     1 
ATOM   1128 C  CA    . GLU C 3 77 ? -7.298  5.470   -8.978  1.00 16.69  ? 177 GLU A CA    1 
ATOM   1129 C  C     . GLU C 3 77 ? -7.925  5.430   -10.367 1.00 16.21  ? 177 GLU A C     1 
ATOM   1130 O  O     . GLU C 3 77 ? -9.075  5.835   -10.547 1.00 17.22  ? 177 GLU A O     1 
ATOM   1131 C  CB    . GLU C 3 77 ? -6.318  6.634   -8.887  1.00 17.44  ? 177 GLU A CB    1 
ATOM   1132 C  CG    . GLU C 3 77 ? -5.916  6.983   -7.479  1.00 18.27  ? 177 GLU A CG    1 
ATOM   1133 C  CD    . GLU C 3 77 ? -4.848  8.056   -7.423  1.00 20.22  ? 177 GLU A CD    1 
ATOM   1134 O  OE1   . GLU C 3 77 ? -3.984  8.112   -8.326  1.00 21.00  ? 177 GLU A OE1   1 
ATOM   1135 O  OE2   . GLU C 3 77 ? -4.853  8.840   -6.454  1.00 21.94  ? 177 GLU A OE2   1 
ATOM   1136 N  N     . ARG C 3 78 ? -7.173  4.920   -11.339 1.00 15.70  ? 178 ARG A N     1 
ATOM   1137 C  CA    . ARG C 3 78 ? -7.702  4.805   -12.690 1.00 16.46  ? 178 ARG A CA    1 
ATOM   1138 C  C     . ARG C 3 78 ? -8.890  3.836   -12.728 1.00 15.81  ? 178 ARG A C     1 
ATOM   1139 O  O     . ARG C 3 78 ? -9.891  4.110   -13.390 1.00 13.98  ? 178 ARG A O     1 
ATOM   1140 C  CB    . ARG C 3 78 ? -6.630  4.343   -13.689 1.00 16.82  ? 178 ARG A CB    1 
ATOM   1141 C  CG    . ARG C 3 78 ? -7.223  4.180   -15.093 1.00 18.54  ? 178 ARG A CG    1 
ATOM   1142 C  CD    . ARG C 3 78 ? -6.288  3.561   -16.095 1.00 19.75  ? 178 ARG A CD    1 
ATOM   1143 N  NE    . ARG C 3 78 ? -5.689  2.332   -15.605 1.00 22.09  ? 178 ARG A NE    1 
ATOM   1144 C  CZ    . ARG C 3 78 ? -4.608  1.773   -16.137 1.00 23.62  ? 178 ARG A CZ    1 
ATOM   1145 N  NH1   . ARG C 3 78 ? -4.011  2.325   -17.189 1.00 24.67  ? 178 ARG A NH1   1 
ATOM   1146 N  NH2   . ARG C 3 78 ? -4.075  0.702   -15.573 1.00 24.61  ? 178 ARG A NH2   1 
ATOM   1147 N  N     . LYS C 3 79 ? -8.792  2.732   -11.981 1.00 16.24  ? 179 LYS A N     1 
ATOM   1148 C  CA    . LYS C 3 79 ? -9.852  1.720   -11.946 1.00 16.85  ? 179 LYS A CA    1 
ATOM   1149 C  C     . LYS C 3 79 ? -11.138 2.312   -11.413 1.00 17.21  ? 179 LYS A C     1 
ATOM   1150 O  O     . LYS C 3 79 ? -12.210 2.048   -11.945 1.00 18.60  ? 179 LYS A O     1 
ATOM   1151 C  CB    . LYS C 3 79 ? -9.468  0.498   -11.103 1.00 17.28  ? 179 LYS A CB    1 
ATOM   1152 C  CG    . LYS C 3 79 ? -10.581 -0.554  -11.092 1.00 18.64  ? 179 LYS A CG    1 
ATOM   1153 C  CD    . LYS C 3 79 ? -10.368 -1.658  -10.084 1.00 19.03  ? 179 LYS A CD    1 
ATOM   1154 C  CE    . LYS C 3 79 ? -9.331  -2.646  -10.556 1.00 19.97  ? 179 LYS A CE    1 
ATOM   1155 N  NZ    . LYS C 3 79 ? -9.107  -3.674  -9.490  1.00 20.44  ? 179 LYS A NZ    1 
ATOM   1156 N  N     . ARG C 3 80 ? -11.023 3.117   -10.366 1.00 16.92  ? 180 ARG A N     1 
ATOM   1157 C  CA    . ARG C 3 80 ? -12.179 3.767   -9.779  1.00 16.99  ? 180 ARG A CA    1 
ATOM   1158 C  C     . ARG C 3 80 ? -12.793 4.751   -10.786 1.00 17.45  ? 180 ARG A C     1 
ATOM   1159 O  O     . ARG C 3 80 ? -14.007 4.862   -10.905 1.00 17.74  ? 180 ARG A O     1 
ATOM   1160 C  CB    . ARG C 3 80 ? -11.759 4.502   -8.513  1.00 16.38  ? 180 ARG A CB    1 
ATOM   1161 C  CG    . ARG C 3 80 ? -12.913 5.132   -7.771  1.00 15.50  ? 180 ARG A CG    1 
ATOM   1162 C  CD    . ARG C 3 80 ? -12.457 5.785   -6.483  1.00 14.55  ? 180 ARG A CD    1 
ATOM   1163 N  NE    . ARG C 3 80 ? -11.514 6.867   -6.731  1.00 13.37  ? 180 ARG A NE    1 
ATOM   1164 C  CZ    . ARG C 3 80 ? -10.975 7.620   -5.783  1.00 12.55  ? 180 ARG A CZ    1 
ATOM   1165 N  NH1   . ARG C 3 80 ? -11.278 7.415   -4.511  1.00 12.95  ? 180 ARG A NH1   1 
ATOM   1166 N  NH2   . ARG C 3 80 ? -10.150 8.597   -6.114  1.00 13.66  ? 180 ARG A NH2   1 
ATOM   1167 N  N     . HIS C 3 81 ? -11.935 5.434   -11.534 1.00 17.62  ? 181 HIS A N     1 
ATOM   1168 C  CA    . HIS C 3 81 ? -12.374 6.405   -12.521 1.00 16.51  ? 181 HIS A CA    1 
ATOM   1169 C  C     . HIS C 3 81 ? -13.039 5.841   -13.770 1.00 17.37  ? 181 HIS A C     1 
ATOM   1170 O  O     . HIS C 3 81 ? -14.045 6.383   -14.228 1.00 18.25  ? 181 HIS A O     1 
ATOM   1171 C  CB    . HIS C 3 81 ? -11.194 7.274   -12.954 1.00 15.40  ? 181 HIS A CB    1 
ATOM   1172 C  CG    . HIS C 3 81 ? -11.414 7.978   -14.257 1.00 15.21  ? 181 HIS A CG    1 
ATOM   1173 N  ND1   . HIS C 3 81 ? -11.974 9.232   -14.340 1.00 14.65  ? 181 HIS A ND1   1 
ATOM   1174 C  CD2   . HIS C 3 81 ? -11.193 7.581   -15.533 1.00 14.87  ? 181 HIS A CD2   1 
ATOM   1175 C  CE1   . HIS C 3 81 ? -12.092 9.581   -15.607 1.00 14.67  ? 181 HIS A CE1   1 
ATOM   1176 N  NE2   . HIS C 3 81 ? -11.627 8.595   -16.354 1.00 15.28  ? 181 HIS A NE2   1 
ATOM   1177 N  N     . THR C 3 82 ? -12.448 4.803   -14.360 1.00 16.90  ? 182 THR A N     1 
ATOM   1178 C  CA    . THR C 3 82 ? -12.961 4.232   -15.606 1.00 16.88  ? 182 THR A CA    1 
ATOM   1179 C  C     . THR C 3 82 ? -14.442 3.896   -15.555 1.00 17.91  ? 182 THR A C     1 
ATOM   1180 O  O     . THR C 3 82 ? -15.159 4.086   -16.539 1.00 17.25  ? 182 THR A O     1 
ATOM   1181 C  CB    . THR C 3 82 ? -12.154 2.995   -16.056 1.00 16.62  ? 182 THR A CB    1 
ATOM   1182 O  OG1   . THR C 3 82 ? -10.772 3.346   -16.158 1.00 16.08  ? 182 THR A OG1   1 
ATOM   1183 C  CG2   . THR C 3 82 ? -12.629 2.508   -17.424 1.00 16.25  ? 182 THR A CG2   1 
ATOM   1184 N  N     . LYS C 3 83 ? -14.888 3.433   -14.393 1.00 19.43  ? 183 LYS A N     1 
ATOM   1185 C  CA    . LYS C 3 83 ? -16.277 3.070   -14.171 1.00 20.91  ? 183 LYS A CA    1 
ATOM   1186 C  C     . LYS C 3 83 ? -17.250 4.226   -14.423 1.00 20.80  ? 183 LYS A C     1 
ATOM   1187 O  O     . LYS C 3 83 ? -18.392 3.973   -14.808 1.00 21.03  ? 183 LYS A O     1 
ATOM   1188 C  CB    . LYS C 3 83 ? -16.460 2.538   -12.742 1.00 24.07  ? 183 LYS A CB    1 
ATOM   1189 C  CG    . LYS C 3 83 ? -15.438 1.458   -12.341 1.00 28.24  ? 183 LYS A CG    1 
ATOM   1190 C  CD    . LYS C 3 83 ? -15.699 0.892   -10.922 1.00 31.17  ? 183 LYS A CD    1 
ATOM   1191 C  CE    . LYS C 3 83 ? -14.512 0.063   -10.399 1.00 31.58  ? 183 LYS A CE    1 
ATOM   1192 N  NZ    . LYS C 3 83 ? -13.908 -0.766  -11.492 1.00 33.54  ? 183 LYS A NZ    1 
ATOM   1193 N  N     . ILE C 3 84 ? -16.808 5.481   -14.268 1.00 19.67  ? 184 ILE A N     1 
ATOM   1194 C  CA    . ILE C 3 84 ? -17.717 6.614   -14.482 1.00 20.24  ? 184 ILE A CA    1 
ATOM   1195 C  C     . ILE C 3 84 ? -18.172 6.786   -15.933 1.00 21.05  ? 184 ILE A C     1 
ATOM   1196 O  O     . ILE C 3 84 ? -19.107 7.533   -16.215 1.00 21.91  ? 184 ILE A O     1 
ATOM   1197 C  CB    . ILE C 3 84 ? -17.176 7.961   -13.909 1.00 19.76  ? 184 ILE A CB    1 
ATOM   1198 C  CG1   . ILE C 3 84 ? -16.237 8.651   -14.896 1.00 19.85  ? 184 ILE A CG1   1 
ATOM   1199 C  CG2   . ILE C 3 84 ? -16.514 7.732   -12.562 1.00 20.00  ? 184 ILE A CG2   1 
ATOM   1200 C  CD1   . ILE C 3 84 ? -15.792 10.039  -14.459 1.00 18.87  ? 184 ILE A CD1   1 
ATOM   1201 N  N     . HIS C 3 85 ? -17.550 6.046   -16.844 1.00 21.72  ? 185 HIS A N     1 
ATOM   1202 C  CA    . HIS C 3 85 ? -17.908 6.114   -18.250 1.00 23.11  ? 185 HIS A CA    1 
ATOM   1203 C  C     . HIS C 3 85 ? -19.100 5.221   -18.586 1.00 25.36  ? 185 HIS A C     1 
ATOM   1204 O  O     . HIS C 3 85 ? -19.532 5.157   -19.735 1.00 25.62  ? 185 HIS A O     1 
ATOM   1205 C  CB    . HIS C 3 85 ? -16.697 5.805   -19.126 1.00 20.82  ? 185 HIS A CB    1 
ATOM   1206 C  CG    . HIS C 3 85 ? -15.606 6.822   -19.003 1.00 19.39  ? 185 HIS A CG    1 
ATOM   1207 N  ND1   . HIS C 3 85 ? -15.819 8.166   -19.224 1.00 17.90  ? 185 HIS A ND1   1 
ATOM   1208 C  CD2   . HIS C 3 85 ? -14.304 6.698   -18.655 1.00 17.38  ? 185 HIS A CD2   1 
ATOM   1209 C  CE1   . HIS C 3 85 ? -14.694 8.827   -19.018 1.00 18.85  ? 185 HIS A CE1   1 
ATOM   1210 N  NE2   . HIS C 3 85 ? -13.760 7.958   -18.673 1.00 18.13  ? 185 HIS A NE2   1 
ATOM   1211 N  N     . LEU C 3 86 ? -19.588 4.505   -17.580 1.00 28.37  ? 186 LEU A N     1 
ATOM   1212 C  CA    . LEU C 3 86 ? -20.772 3.660   -17.720 1.00 32.30  ? 186 LEU A CA    1 
ATOM   1213 C  C     . LEU C 3 86 ? -21.911 4.617   -17.358 1.00 35.80  ? 186 LEU A C     1 
ATOM   1214 O  O     . LEU C 3 86 ? -22.872 4.779   -18.110 1.00 36.69  ? 186 LEU A O     1 
ATOM   1215 C  CB    . LEU C 3 86 ? -20.747 2.518   -16.701 1.00 30.65  ? 186 LEU A CB    1 
ATOM   1216 C  CG    . LEU C 3 86 ? -19.627 1.484   -16.733 1.00 29.49  ? 186 LEU A CG    1 
ATOM   1217 C  CD1   . LEU C 3 86 ? -19.844 0.520   -15.598 1.00 28.91  ? 186 LEU A CD1   1 
ATOM   1218 C  CD2   . LEU C 3 86 ? -19.625 0.741   -18.046 1.00 28.55  ? 186 LEU A CD2   1 
ATOM   1219 N  N     . ARG C 3 87 ? -21.751 5.245   -16.188 1.00 39.80  ? 187 ARG A N     1 
ATOM   1220 C  CA    . ARG C 3 87 ? -22.673 6.230   -15.613 1.00 42.86  ? 187 ARG A CA    1 
ATOM   1221 C  C     . ARG C 3 87 ? -21.929 6.961   -14.487 1.00 42.69  ? 187 ARG A C     1 
ATOM   1222 O  O     . ARG C 3 87 ? -21.383 8.053   -14.675 1.00 42.45  ? 187 ARG A O     1 
ATOM   1223 C  CB    . ARG C 3 87 ? -23.943 5.562   -15.045 1.00 45.09  ? 187 ARG A CB    1 
ATOM   1224 C  CG    . ARG C 3 87 ? -24.994 6.562   -14.519 1.00 47.87  ? 187 ARG A CG    1 
ATOM   1225 C  CD    . ARG C 3 87 ? -25.114 6.594   -12.977 1.00 50.30  ? 187 ARG A CD    1 
ATOM   1226 N  NE    . ARG C 3 87 ? -23.875 6.969   -12.280 1.00 52.54  ? 187 ARG A NE    1 
ATOM   1227 C  CZ    . ARG C 3 87 ? -23.637 8.152   -11.701 1.00 53.37  ? 187 ARG A CZ    1 
ATOM   1228 N  NH1   . ARG C 3 87 ? -24.544 9.125   -11.715 1.00 53.45  ? 187 ARG A NH1   1 
ATOM   1229 N  NH2   . ARG C 3 87 ? -22.477 8.361   -11.087 1.00 53.72  ? 187 ARG A NH2   1 
HETATM 1230 ZN ZN    . ZN  D 4 .  ? -1.727  -7.855  15.443  1.00 40.79  ? 201 ZN  A ZN    1 
HETATM 1231 ZN ZN    . ZN  E 4 .  ? 6.992   13.055  0.496   1.00 22.91  ? 202 ZN  A ZN    1 
HETATM 1232 ZN ZN    . ZN  F 4 .  ? -11.807 8.363   -18.395 1.00 18.46  ? 203 ZN  A ZN    1 
HETATM 1233 O  O     . HOH G 5 .  ? -8.365  5.184   -5.634  1.00 15.92  ? 303 HOH B O     1 
HETATM 1234 O  O     . HOH G 5 .  ? 1.256   4.922   3.520   1.00 15.74  ? 308 HOH B O     1 
HETATM 1235 O  O     . HOH G 5 .  ? 11.803  -15.505 -10.714 1.00 14.56  ? 312 HOH B O     1 
HETATM 1236 O  O     . HOH G 5 .  ? 3.062   8.005   6.980   1.00 17.57  ? 317 HOH B O     1 
HETATM 1237 O  O     . HOH G 5 .  ? 2.732   4.300   7.016   1.00 15.76  ? 324 HOH B O     1 
HETATM 1238 O  O     . HOH G 5 .  ? 9.288   -12.241 -12.961 1.00 26.41  ? 330 HOH B O     1 
HETATM 1239 O  O     . HOH G 5 .  ? 6.155   -10.310 -8.464  1.00 44.86  ? 332 HOH B O     1 
HETATM 1240 O  O     . HOH G 5 .  ? -1.724  12.972  -8.445  1.00 36.38  ? 342 HOH B O     1 
HETATM 1241 O  O     . HOH G 5 .  ? -0.243  6.784   -2.665  1.00 17.08  ? 343 HOH B O     1 
HETATM 1242 O  O     . HOH G 5 .  ? -1.895  2.351   -3.256  1.00 24.85  ? 344 HOH B O     1 
HETATM 1243 O  O     . HOH G 5 .  ? 1.472   6.192   1.008   1.00 20.42  ? 346 HOH B O     1 
HETATM 1244 O  O     . HOH G 5 .  ? 1.548   2.973   8.898   1.00 25.88  ? 350 HOH B O     1 
HETATM 1245 O  O     . HOH G 5 .  ? 0.302   13.351  0.959   1.00 26.52  ? 352 HOH B O     1 
HETATM 1246 O  O     . HOH G 5 .  ? 5.986   -17.654 -7.646  1.00 41.28  ? 356 HOH B O     1 
HETATM 1247 O  O     . HOH G 5 .  ? 9.438   -10.231 -7.759  1.00 34.04  ? 359 HOH B O     1 
HETATM 1248 O  O     . HOH G 5 .  ? 1.052   -3.452  5.845   1.00 23.84  ? 360 HOH B O     1 
HETATM 1249 O  O     . HOH G 5 .  ? -5.053  5.848   5.836   1.00 36.45  ? 365 HOH B O     1 
HETATM 1250 O  O     . HOH G 5 .  ? 0.250   5.166   10.151  1.00 25.67  ? 367 HOH B O     1 
HETATM 1251 O  O     . HOH G 5 .  ? -6.689  -4.127  4.152   1.00 26.87  ? 370 HOH B O     1 
HETATM 1252 O  O     . HOH G 5 .  ? -6.064  13.928  0.226   1.00 25.29  ? 372 HOH B O     1 
HETATM 1253 O  O     . HOH G 5 .  ? 6.333   -16.939 -3.230  1.00 53.40  ? 388 HOH B O     1 
HETATM 1254 O  O     . HOH G 5 .  ? 2.565   -0.978  9.659   1.00 24.24  ? 390 HOH B O     1 
HETATM 1255 O  O     . HOH G 5 .  ? 2.837   2.590   11.458  1.00 26.71  ? 391 HOH B O     1 
HETATM 1256 O  O     . HOH G 5 .  ? -15.336 7.953   -6.012  1.00 24.95  ? 395 HOH B O     1 
HETATM 1257 O  O     . HOH G 5 .  ? -3.967  -10.947 -4.063  1.00 33.90  ? 404 HOH B O     1 
HETATM 1258 O  O     . HOH G 5 .  ? 0.421   -10.990 -6.929  1.00 52.68  ? 409 HOH B O     1 
HETATM 1259 O  O     . HOH G 5 .  ? -4.782  10.814  2.067   1.00 40.17  ? 411 HOH B O     1 
HETATM 1260 O  O     . HOH G 5 .  ? -8.216  -7.987  3.135   1.00 49.18  ? 414 HOH B O     1 
HETATM 1261 O  O     . HOH G 5 .  ? -4.534  -17.895 -3.874  1.00 55.32  ? 415 HOH B O     1 
HETATM 1262 O  O     . HOH G 5 .  ? -5.443  -5.674  10.684  1.00 39.43  ? 418 HOH B O     1 
HETATM 1263 O  O     . HOH G 5 .  ? -6.648  -8.833  0.274   1.00 43.37  ? 423 HOH B O     1 
HETATM 1264 O  O     . HOH G 5 .  ? 6.822   -12.556 -14.318 1.00 42.36  ? 429 HOH B O     1 
HETATM 1265 O  O     . HOH G 5 .  ? -2.328  13.926  2.072   1.00 30.27  ? 438 HOH B O     1 
HETATM 1266 O  O     . HOH H 5 .  ? 6.937   -7.578  1.658   1.00 33.46  ? 319 HOH C O     1 
HETATM 1267 O  O     . HOH H 5 .  ? -7.869  -6.761  -0.886  1.00 30.98  ? 321 HOH C O     1 
HETATM 1268 O  O     . HOH H 5 .  ? -6.001  -3.379  -11.945 1.00 29.50  ? 326 HOH C O     1 
HETATM 1269 O  O     . HOH H 5 .  ? 8.537   -10.616 6.023   1.00 52.71  ? 333 HOH C O     1 
HETATM 1270 O  O     . HOH H 5 .  ? 13.157  -0.363  -0.266  1.00 36.05  ? 338 HOH C O     1 
HETATM 1271 O  O     . HOH H 5 .  ? 4.616   -5.743  1.033   1.00 28.88  ? 339 HOH C O     1 
HETATM 1272 O  O     . HOH H 5 .  ? -10.275 3.275   -4.610  1.00 22.51  ? 340 HOH C O     1 
HETATM 1273 O  O     . HOH H 5 .  ? 9.482   -7.591  -6.784  1.00 22.09  ? 345 HOH C O     1 
HETATM 1274 O  O     . HOH H 5 .  ? -9.778  6.347   9.804   1.00 42.22  ? 347 HOH C O     1 
HETATM 1275 O  O     . HOH H 5 .  ? -8.857  -2.567  2.513   1.00 24.96  ? 348 HOH C O     1 
HETATM 1276 O  O     . HOH H 5 .  ? -5.209  -9.301  -5.550  1.00 34.83  ? 351 HOH C O     1 
HETATM 1277 O  O     . HOH H 5 .  ? -11.335 -2.193  -5.480  1.00 23.41  ? 361 HOH C O     1 
HETATM 1278 O  O     . HOH H 5 .  ? -5.799  8.921   4.643   1.00 32.32  ? 366 HOH C O     1 
HETATM 1279 O  O     . HOH H 5 .  ? 5.143   0.471   -6.542  1.00 28.72  ? 371 HOH C O     1 
HETATM 1280 O  O     . HOH H 5 .  ? -11.533 -5.408  -8.836  1.00 27.46  ? 373 HOH C O     1 
HETATM 1281 O  O     . HOH H 5 .  ? -8.429  7.392   5.550   1.00 34.48  ? 375 HOH C O     1 
HETATM 1282 O  O     . HOH H 5 .  ? 6.039   -3.656  0.086   1.00 28.67  ? 376 HOH C O     1 
HETATM 1283 O  O     . HOH H 5 .  ? 10.304  -3.691  -0.029  1.00 26.05  ? 378 HOH C O     1 
HETATM 1284 O  O     . HOH H 5 .  ? -0.818  -0.388  -7.095  1.00 33.48  ? 381 HOH C O     1 
HETATM 1285 O  O     . HOH H 5 .  ? -8.976  -0.799  -6.038  1.00 23.24  ? 384 HOH C O     1 
HETATM 1286 O  O     . HOH H 5 .  ? -8.652  0.811   4.947   1.00 34.91  ? 385 HOH C O     1 
HETATM 1287 O  O     . HOH H 5 .  ? 5.533   -7.910  -7.539  1.00 35.88  ? 389 HOH C O     1 
HETATM 1288 O  O     . HOH H 5 .  ? -12.175 5.004   -2.966  1.00 27.16  ? 398 HOH C O     1 
HETATM 1289 O  O     . HOH H 5 .  ? -13.770 4.134   -0.739  1.00 29.35  ? 399 HOH C O     1 
HETATM 1290 O  O     . HOH H 5 .  ? -7.956  -10.492 -6.099  1.00 44.98  ? 403 HOH C O     1 
HETATM 1291 O  O     . HOH H 5 .  ? 0.037   -8.928  -8.033  1.00 37.61  ? 405 HOH C O     1 
HETATM 1292 O  O     . HOH H 5 .  ? 13.603  -4.753  7.171   1.00 67.79  ? 420 HOH C O     1 
HETATM 1293 O  O     . HOH H 5 .  ? 1.192   -1.948  -13.331 1.00 38.60  ? 424 HOH C O     1 
HETATM 1294 O  O     . HOH H 5 .  ? 2.629   -9.356  -8.525  1.00 55.49  ? 426 HOH C O     1 
HETATM 1295 O  O     . HOH H 5 .  ? 9.908   -0.859  -10.216 1.00 45.81  ? 432 HOH C O     1 
HETATM 1296 O  O     . HOH H 5 .  ? 3.458   0.505   -12.520 1.00 88.95  ? 433 HOH C O     1 
HETATM 1297 O  O     . HOH H 5 .  ? -7.183  -10.574 -8.958  1.00 55.05  ? 434 HOH C O     1 
HETATM 1298 O  O     . HOH H 5 .  ? -13.927 -7.577  -0.203  1.00 38.27  ? 439 HOH C O     1 
HETATM 1299 O  O     . HOH H 5 .  ? -15.756 8.779   -0.369  1.00 58.61  ? 443 HOH C O     1 
HETATM 1300 O  O     . HOH I 5 .  ? 7.413   5.860   -9.877  1.00 19.06  ? 301 HOH A O     1 
HETATM 1301 O  O     . HOH I 5 .  ? -9.180  2.569   -18.263 1.00 14.75  ? 302 HOH A O     1 
HETATM 1302 O  O     . HOH I 5 .  ? 7.616   7.402   -7.385  1.00 16.82  ? 304 HOH A O     1 
HETATM 1303 O  O     . HOH I 5 .  ? -4.532  13.866  -17.544 1.00 23.83  ? 305 HOH A O     1 
HETATM 1304 O  O     . HOH I 5 .  ? -3.517  10.847  -9.400  1.00 13.22  ? 306 HOH A O     1 
HETATM 1305 O  O     . HOH I 5 .  ? -18.239 9.601   -19.774 1.00 20.66  ? 307 HOH A O     1 
HETATM 1306 O  O     . HOH I 5 .  ? -12.611 9.788   -25.795 1.00 29.16  ? 309 HOH A O     1 
HETATM 1307 O  O     . HOH I 5 .  ? -2.385  10.011  -5.753  1.00 17.37  ? 310 HOH A O     1 
HETATM 1308 O  O     . HOH I 5 .  ? -7.362  -2.235  -7.726  1.00 18.00  ? 311 HOH A O     1 
HETATM 1309 O  O     . HOH I 5 .  ? -0.211  8.554   -4.937  1.00 19.68  ? 313 HOH A O     1 
HETATM 1310 O  O     . HOH I 5 .  ? -0.402  1.866   -8.872  1.00 15.85  ? 314 HOH A O     1 
HETATM 1311 O  O     . HOH I 5 .  ? 10.129  2.464   -2.344  1.00 28.01  ? 315 HOH A O     1 
HETATM 1312 O  O     . HOH I 5 .  ? 0.810   2.275   -2.913  1.00 15.18  ? 316 HOH A O     1 
HETATM 1313 O  O     . HOH I 5 .  ? 7.541   0.324   -5.242  1.00 23.33  ? 318 HOH A O     1 
HETATM 1314 O  O     . HOH I 5 .  ? -5.089  3.990   -21.615 1.00 16.25  ? 320 HOH A O     1 
HETATM 1315 O  O     . HOH I 5 .  ? -2.713  0.574   -5.322  1.00 19.92  ? 322 HOH A O     1 
HETATM 1316 O  O     . HOH I 5 .  ? 7.855   9.943   -9.126  1.00 18.48  ? 323 HOH A O     1 
HETATM 1317 O  O     . HOH I 5 .  ? 5.017   -13.120 0.804   1.00 43.38  ? 325 HOH A O     1 
HETATM 1318 O  O     . HOH I 5 .  ? -10.429 7.880   -9.339  1.00 14.87  ? 327 HOH A O     1 
HETATM 1319 O  O     . HOH I 5 .  ? 3.105   2.792   3.941   1.00 15.90  ? 328 HOH A O     1 
HETATM 1320 O  O     . HOH I 5 .  ? -1.265  4.074   -19.105 1.00 23.59  ? 329 HOH A O     1 
HETATM 1321 O  O     . HOH I 5 .  ? -12.922 8.674   -10.064 1.00 20.08  ? 331 HOH A O     1 
HETATM 1322 O  O     . HOH I 5 .  ? 0.905   12.293  -9.365  1.00 21.80  ? 334 HOH A O     1 
HETATM 1323 O  O     . HOH I 5 .  ? 11.122  12.936  9.613   1.00 34.16  ? 335 HOH A O     1 
HETATM 1324 O  O     . HOH I 5 .  ? 10.664  1.826   -4.948  1.00 50.10  ? 336 HOH A O     1 
HETATM 1325 O  O     . HOH I 5 .  ? 10.525  5.027   -4.149  1.00 39.74  ? 337 HOH A O     1 
HETATM 1326 O  O     . HOH I 5 .  ? -20.543 4.565   -13.033 1.00 26.36  ? 341 HOH A O     1 
HETATM 1327 O  O     . HOH I 5 .  ? 3.140   11.977  -15.880 1.00 30.75  ? 349 HOH A O     1 
HETATM 1328 O  O     . HOH I 5 .  ? 7.494   -2.784  2.254   1.00 25.34  ? 353 HOH A O     1 
HETATM 1329 O  O     . HOH I 5 .  ? 3.250   -2.945  7.702   1.00 35.23  ? 354 HOH A O     1 
HETATM 1330 O  O     . HOH I 5 .  ? -5.792  -1.517  -9.704  1.00 28.46  ? 355 HOH A O     1 
HETATM 1331 O  O     . HOH I 5 .  ? -21.735 4.573   -21.716 1.00 25.90  ? 357 HOH A O     1 
HETATM 1332 O  O     . HOH I 5 .  ? 8.122   -1.598  -3.463  1.00 19.69  ? 358 HOH A O     1 
HETATM 1333 O  O     . HOH I 5 .  ? -6.745  10.792  -7.837  1.00 29.95  ? 362 HOH A O     1 
HETATM 1334 O  O     . HOH I 5 .  ? -10.186 1.367   -7.126  1.00 18.15  ? 363 HOH A O     1 
HETATM 1335 O  O     . HOH I 5 .  ? 6.288   10.720  9.342   1.00 23.35  ? 364 HOH A O     1 
HETATM 1336 O  O     . HOH I 5 .  ? 10.518  4.034   12.222  1.00 27.50  ? 368 HOH A O     1 
HETATM 1337 O  O     . HOH I 5 .  ? 0.379   -8.618  6.004   1.00 22.34  ? 369 HOH A O     1 
HETATM 1338 O  O     . HOH I 5 .  ? 1.683   14.022  3.311   1.00 28.43  ? 374 HOH A O     1 
HETATM 1339 O  O     . HOH I 5 .  ? 2.289   1.878   -9.162  1.00 30.46  ? 377 HOH A O     1 
HETATM 1340 O  O     . HOH I 5 .  ? 2.209   -0.442  -6.222  1.00 15.84  ? 379 HOH A O     1 
HETATM 1341 O  O     . HOH I 5 .  ? 0.876   -0.752  -3.488  1.00 29.89  ? 380 HOH A O     1 
HETATM 1342 O  O     . HOH I 5 .  ? 11.751  8.848   -6.432  1.00 29.50  ? 382 HOH A O     1 
HETATM 1343 O  O     . HOH I 5 .  ? 0.030   6.661   -20.510 1.00 32.40  ? 383 HOH A O     1 
HETATM 1344 O  O     . HOH I 5 .  ? 19.789  7.785   -0.624  1.00 50.61  ? 386 HOH A O     1 
HETATM 1345 O  O     . HOH I 5 .  ? 6.343   -15.378 -0.358  1.00 41.41  ? 387 HOH A O     1 
HETATM 1346 O  O     . HOH I 5 .  ? -3.460  10.308  -21.744 1.00 24.96  ? 392 HOH A O     1 
HETATM 1347 O  O     . HOH I 5 .  ? 10.064  6.454   -6.395  1.00 32.61  ? 393 HOH A O     1 
HETATM 1348 O  O     . HOH I 5 .  ? -12.883 0.949   -7.995  1.00 23.91  ? 394 HOH A O     1 
HETATM 1349 O  O     . HOH I 5 .  ? -15.351 7.937   -8.915  1.00 23.21  ? 396 HOH A O     1 
HETATM 1350 O  O     . HOH I 5 .  ? -16.716 3.413   -9.585  1.00 35.94  ? 397 HOH A O     1 
HETATM 1351 O  O     . HOH I 5 .  ? 7.229   15.265  7.310   1.00 47.32  ? 400 HOH A O     1 
HETATM 1352 O  O     . HOH I 5 .  ? -0.287  15.890  5.206   1.00 42.23  ? 401 HOH A O     1 
HETATM 1353 O  O     . HOH I 5 .  ? 14.970  9.315   2.007   1.00 31.49  ? 402 HOH A O     1 
HETATM 1354 O  O     . HOH I 5 .  ? 12.503  9.246   -1.433  1.00 25.41  ? 406 HOH A O     1 
HETATM 1355 O  O     . HOH I 5 .  ? -4.557  -17.007 2.895   1.00 70.06  ? 407 HOH A O     1 
HETATM 1356 O  O     . HOH I 5 .  ? -4.750  -18.942 1.132   1.00 100.00 ? 408 HOH A O     1 
HETATM 1357 O  O     . HOH I 5 .  ? 8.385   -6.762  11.746  1.00 40.29  ? 410 HOH A O     1 
HETATM 1358 O  O     . HOH I 5 .  ? -4.912  12.574  -11.378 1.00 27.20  ? 412 HOH A O     1 
HETATM 1359 O  O     . HOH I 5 .  ? 4.004   15.448  2.969   1.00 27.45  ? 413 HOH A O     1 
HETATM 1360 O  O     . HOH I 5 .  ? -5.267  -11.806 7.520   1.00 40.78  ? 416 HOH A O     1 
HETATM 1361 O  O     . HOH I 5 .  ? -8.160  -5.377  7.114   1.00 47.21  ? 417 HOH A O     1 
HETATM 1362 O  O     . HOH I 5 .  ? 10.944  -6.959  10.509  1.00 53.93  ? 419 HOH A O     1 
HETATM 1363 O  O     . HOH I 5 .  ? -5.071  6.390   -23.116 1.00 29.98  ? 421 HOH A O     1 
HETATM 1364 O  O     . HOH I 5 .  ? 6.180   7.679   -15.723 1.00 49.12  ? 422 HOH A O     1 
HETATM 1365 O  O     . HOH I 5 .  ? 1.291   2.164   -16.357 1.00 44.14  ? 425 HOH A O     1 
HETATM 1366 O  O     . HOH I 5 .  ? 9.672   -4.526  2.924   1.00 55.83  ? 427 HOH A O     1 
HETATM 1367 O  O     . HOH I 5 .  ? -6.105  0.073   -13.847 1.00 22.88  ? 428 HOH A O     1 
HETATM 1368 O  O     . HOH I 5 .  ? 13.025  6.552   -2.421  1.00 43.22  ? 430 HOH A O     1 
HETATM 1369 O  O     . HOH I 5 .  ? 13.667  4.067   0.058   1.00 52.14  ? 431 HOH A O     1 
HETATM 1370 O  O     . HOH I 5 .  ? 15.577  11.844  3.132   1.00 62.19  ? 435 HOH A O     1 
HETATM 1371 O  O     . HOH I 5 .  ? 2.015   17.410  -8.636  1.00 53.50  ? 436 HOH A O     1 
HETATM 1372 O  O     . HOH I 5 .  ? 4.922   19.672  -8.912  1.00 39.93  ? 437 HOH A O     1 
HETATM 1373 O  O     . HOH I 5 .  ? 0.774   14.019  -16.767 1.00 46.96  ? 440 HOH A O     1 
HETATM 1374 O  O     . HOH I 5 .  ? -7.376  16.366  -14.745 1.00 46.07  ? 441 HOH A O     1 
HETATM 1375 O  O     . HOH I 5 .  ? -5.681  13.962  -13.421 1.00 50.50  ? 442 HOH A O     1 
HETATM 1376 O  O     . HOH I 5 .  ? -12.849 12.581  -15.638 1.00 25.59  ? 444 HOH A O     1 
HETATM 1377 O  O     . HOH I 5 .  ? -11.166 17.312  -11.401 1.00 47.08  ? 445 HOH A O     1 
# 
